data_5TLZ
#
_entry.id   5TLZ
#
_cell.length_a   83.254
_cell.length_b   103.638
_cell.length_c   84.518
_cell.angle_alpha   90.000
_cell.angle_beta   98.670
_cell.angle_gamma   90.000
#
_symmetry.space_group_name_H-M   'P 1 21 1'
#
loop_
_entity.id
_entity.type
_entity.pdbx_description
1 polymer 'Fructose-bisphosphate aldolase A'
2 non-polymer 'naphthalene-2,6-diyl bis[dihydrogen (phosphate)]'
3 non-polymer GLYCEROL
4 water water
#
_entity_poly.entity_id   1
_entity_poly.type   'polypeptide(L)'
_entity_poly.pdbx_seq_one_letter_code
;PHSHPALTPEQKKELSDIAHRIVAPGKGILAADESTGSIAKRLQSIGTENTEENRRFYRQLLLTADDRVNPCIGGVILFH
ETLYQKADDGRPFPQVIKSKGGVVGIKVDKGVVPLAGTNGETTTQGLDGLSERCAQYKKDGADFAKWRCVLKIGEHTPSA
LAIMENANVLARYASICQQNGIVPIVEPEILPDGDHDLKRCQYVTEKVLAAVYKALSDHHIYLEGTLLKPNMVTPGHACT
QKYSHEEIAMATVTALRRTVPPAVTGVTFLSGGQSEEEASINLNAINKCPLLKPWALTFSYGRALQASALKAWGGKKENL
KAAQEEYVKRALANSLACQGKYTPSGQAGAAASESLFISNHAY
;
_entity_poly.pdbx_strand_id   A,B,C,D
#
loop_
_chem_comp.id
_chem_comp.type
_chem_comp.name
_chem_comp.formula
GOL non-polymer GLYCEROL 'C3 H8 O3'
N26 non-polymer 'naphthalene-2,6-diyl bis[dihydrogen (phosphate)]' 'C10 H10 O8 P2'
#
# COMPACT_ATOMS: atom_id res chain seq x y z
N HIS A 4 -1.41 2.09 24.12
CA HIS A 4 -1.13 3.12 23.12
C HIS A 4 -2.32 3.74 22.37
N PRO A 5 -3.51 3.84 22.96
CA PRO A 5 -4.62 4.48 22.26
C PRO A 5 -4.38 5.97 22.09
N ALA A 6 -4.79 6.50 20.95
CA ALA A 6 -4.48 7.89 20.62
C ALA A 6 -5.18 8.85 21.56
N LEU A 7 -6.41 8.55 21.98
CA LEU A 7 -7.26 9.47 22.71
C LEU A 7 -7.88 8.78 23.92
N THR A 8 -8.15 9.57 24.96
CA THR A 8 -8.94 9.09 26.10
C THR A 8 -10.42 9.26 25.81
N PRO A 9 -11.29 8.61 26.59
CA PRO A 9 -12.73 8.83 26.41
C PRO A 9 -13.11 10.29 26.55
N GLU A 10 -12.50 11.00 27.49
CA GLU A 10 -12.79 12.42 27.68
C GLU A 10 -12.36 13.23 26.46
N GLN A 11 -11.18 12.93 25.91
CA GLN A 11 -10.75 13.62 24.69
C GLN A 11 -11.70 13.31 23.54
N LYS A 12 -12.16 12.06 23.46
CA LYS A 12 -13.10 11.67 22.41
C LYS A 12 -14.41 12.41 22.58
N LYS A 13 -14.95 12.43 23.80
CA LYS A 13 -16.21 13.13 24.04
C LYS A 13 -16.12 14.59 23.61
N GLU A 14 -15.03 15.28 23.96
CA GLU A 14 -14.88 16.68 23.57
C GLU A 14 -14.94 16.83 22.04
N LEU A 15 -14.15 16.03 21.32
CA LEU A 15 -14.13 16.14 19.86
C LEU A 15 -15.49 15.83 19.26
N SER A 16 -16.13 14.73 19.72
CA SER A 16 -17.45 14.39 19.20
C SER A 16 -18.47 15.49 19.49
N ASP A 17 -18.44 16.06 20.70
CA ASP A 17 -19.37 17.13 21.03
C ASP A 17 -19.16 18.35 20.14
N ILE A 18 -17.91 18.74 19.92
CA ILE A 18 -17.63 19.85 19.01
C ILE A 18 -18.16 19.53 17.61
N ALA A 19 -17.79 18.36 17.08
CA ALA A 19 -18.20 18.02 15.71
C ALA A 19 -19.71 18.10 15.55
N HIS A 20 -20.46 17.57 16.53
CA HIS A 20 -21.91 17.57 16.41
C HIS A 20 -22.52 18.96 16.50
N ARG A 21 -21.93 19.85 17.32
CA ARG A 21 -22.44 21.21 17.40
C ARG A 21 -22.34 21.94 16.06
N ILE A 22 -21.25 21.68 15.31
CA ILE A 22 -21.03 22.41 14.07
C ILE A 22 -22.08 22.06 13.03
N VAL A 23 -22.51 20.80 12.98
CA VAL A 23 -23.42 20.36 11.93
C VAL A 23 -24.78 19.99 12.49
N ALA A 24 -25.14 20.59 13.62
CA ALA A 24 -26.48 20.37 14.18
C ALA A 24 -27.54 20.69 13.13
N PRO A 25 -28.73 20.11 13.26
CA PRO A 25 -29.76 20.28 12.22
C PRO A 25 -30.01 21.75 11.86
N GLY A 26 -30.01 22.02 10.56
CA GLY A 26 -30.21 23.36 10.05
C GLY A 26 -28.96 24.21 9.95
N LYS A 27 -27.82 23.74 10.42
CA LYS A 27 -26.62 24.55 10.51
C LYS A 27 -25.56 24.12 9.50
N GLY A 28 -24.76 25.08 9.07
CA GLY A 28 -23.61 24.83 8.24
C GLY A 28 -22.48 25.77 8.60
N ILE A 29 -21.48 25.89 7.72
CA ILE A 29 -20.25 26.59 8.01
C ILE A 29 -20.07 27.72 6.98
N LEU A 30 -19.79 28.91 7.48
CA LEU A 30 -19.24 30.00 6.66
C LEU A 30 -17.74 29.79 6.52
N ALA A 31 -17.28 29.60 5.29
CA ALA A 31 -15.86 29.43 5.01
C ALA A 31 -15.30 30.79 4.61
N ALA A 32 -14.72 31.49 5.58
CA ALA A 32 -14.17 32.82 5.40
C ALA A 32 -12.65 32.84 5.52
N ASP A 33 -12.00 31.71 5.22
CA ASP A 33 -10.60 31.52 5.54
C ASP A 33 -9.66 31.81 4.36
N GLU A 34 -10.11 32.64 3.41
CA GLU A 34 -9.24 33.05 2.31
C GLU A 34 -7.99 33.73 2.85
N SER A 35 -6.83 33.26 2.40
CA SER A 35 -5.57 33.88 2.77
C SER A 35 -5.43 35.23 2.09
N THR A 36 -4.36 35.95 2.46
CA THR A 36 -4.16 37.30 1.95
C THR A 36 -4.18 37.34 0.42
N GLY A 37 -3.43 36.42 -0.20
CA GLY A 37 -3.37 36.39 -1.65
C GLY A 37 -4.71 36.06 -2.29
N SER A 38 -5.49 35.20 -1.66
CA SER A 38 -6.77 34.80 -2.26
C SER A 38 -7.86 35.84 -2.04
N ILE A 39 -7.88 36.48 -0.87
CA ILE A 39 -8.86 37.53 -0.65
C ILE A 39 -8.54 38.74 -1.51
N ALA A 40 -7.26 38.91 -1.87
CA ALA A 40 -6.89 39.99 -2.78
C ALA A 40 -7.68 39.90 -4.09
N LYS A 41 -7.79 38.69 -4.64
CA LYS A 41 -8.54 38.51 -5.88
C LYS A 41 -10.00 38.90 -5.70
N ARG A 42 -10.57 38.60 -4.52
CA ARG A 42 -11.95 38.98 -4.25
C ARG A 42 -12.09 40.50 -4.21
N LEU A 43 -11.25 41.17 -3.43
CA LEU A 43 -11.35 42.62 -3.31
C LEU A 43 -11.05 43.29 -4.65
N GLN A 44 -10.09 42.77 -5.40
CA GLN A 44 -9.74 43.35 -6.68
C GLN A 44 -10.95 43.33 -7.62
N SER A 45 -11.77 42.28 -7.55
CA SER A 45 -12.95 42.19 -8.41
C SER A 45 -14.02 43.22 -8.05
N ILE A 46 -13.86 43.94 -6.94
CA ILE A 46 -14.75 45.05 -6.62
C ILE A 46 -13.97 46.35 -6.45
N GLY A 47 -12.79 46.44 -7.06
CA GLY A 47 -12.03 47.68 -7.09
C GLY A 47 -11.65 48.19 -5.72
N THR A 48 -11.26 47.29 -4.82
CA THR A 48 -10.92 47.66 -3.45
C THR A 48 -9.49 47.23 -3.13
N GLU A 49 -8.78 48.10 -2.43
CA GLU A 49 -7.38 47.84 -2.11
C GLU A 49 -7.26 46.76 -1.05
N ASN A 50 -6.26 45.90 -1.21
CA ASN A 50 -6.07 44.78 -0.29
C ASN A 50 -5.24 45.23 0.90
N THR A 51 -5.88 45.97 1.80
CA THR A 51 -5.28 46.40 3.05
C THR A 51 -5.82 45.55 4.20
N GLU A 52 -5.07 45.50 5.30
CA GLU A 52 -5.56 44.77 6.47
C GLU A 52 -6.88 45.37 6.96
N GLU A 53 -7.03 46.68 6.88
CA GLU A 53 -8.24 47.31 7.37
C GLU A 53 -9.44 46.89 6.53
N ASN A 54 -9.30 46.84 5.21
CA ASN A 54 -10.42 46.44 4.37
C ASN A 54 -10.75 44.96 4.56
N ARG A 55 -9.73 44.11 4.75
CA ARG A 55 -9.99 42.71 5.07
C ARG A 55 -10.73 42.60 6.38
N ARG A 56 -10.29 43.34 7.40
CA ARG A 56 -10.96 43.34 8.70
C ARG A 56 -12.40 43.79 8.57
N PHE A 57 -12.63 44.93 7.88
CA PHE A 57 -13.99 45.42 7.75
C PHE A 57 -14.88 44.42 7.02
N TYR A 58 -14.37 43.77 5.97
CA TYR A 58 -15.18 42.81 5.24
C TYR A 58 -15.51 41.61 6.11
N ARG A 59 -14.52 41.07 6.83
CA ARG A 59 -14.80 39.97 7.73
C ARG A 59 -15.74 40.39 8.85
N GLN A 60 -15.56 41.60 9.38
CA GLN A 60 -16.51 42.10 10.39
C GLN A 60 -17.93 42.16 9.83
N LEU A 61 -18.07 42.65 8.60
CA LEU A 61 -19.38 42.71 7.96
C LEU A 61 -20.08 41.35 7.99
N LEU A 62 -19.34 40.29 7.67
CA LEU A 62 -19.93 38.94 7.68
C LEU A 62 -20.21 38.47 9.10
N LEU A 63 -19.23 38.62 10.00
CA LEU A 63 -19.36 38.04 11.34
C LEU A 63 -20.42 38.76 12.19
N THR A 64 -20.65 40.05 11.95
CA THR A 64 -21.61 40.82 12.75
C THR A 64 -22.96 41.00 12.06
N ALA A 65 -23.25 40.20 11.02
CA ALA A 65 -24.58 40.20 10.45
C ALA A 65 -25.60 39.84 11.53
N ASP A 66 -26.84 40.30 11.34
CA ASP A 66 -27.81 40.25 12.43
C ASP A 66 -28.13 38.81 12.83
N ASP A 67 -28.93 38.68 13.88
CA ASP A 67 -29.11 37.42 14.59
C ASP A 67 -29.93 36.40 13.81
N ARG A 68 -30.49 36.75 12.65
CA ARG A 68 -31.13 35.75 11.82
C ARG A 68 -30.17 34.65 11.36
N VAL A 69 -28.86 34.93 11.31
CA VAL A 69 -27.92 33.91 10.88
C VAL A 69 -27.53 32.95 11.99
N ASN A 70 -27.83 33.30 13.25
CA ASN A 70 -27.40 32.45 14.37
C ASN A 70 -27.82 31.00 14.22
N PRO A 71 -29.08 30.69 13.90
CA PRO A 71 -29.46 29.28 13.76
C PRO A 71 -28.99 28.65 12.45
N CYS A 72 -28.43 29.44 11.53
CA CYS A 72 -27.94 28.93 10.25
C CYS A 72 -26.47 28.56 10.30
N ILE A 73 -25.69 29.21 11.15
CA ILE A 73 -24.24 29.12 11.12
C ILE A 73 -23.78 28.38 12.37
N GLY A 74 -23.32 27.15 12.16
CA GLY A 74 -22.82 26.35 13.25
C GLY A 74 -21.33 26.54 13.48
N GLY A 75 -20.61 26.95 12.43
CA GLY A 75 -19.19 27.23 12.54
C GLY A 75 -18.74 28.26 11.51
N VAL A 76 -17.60 28.87 11.82
CA VAL A 76 -16.98 29.84 10.92
C VAL A 76 -15.48 29.51 10.84
N ILE A 77 -14.98 29.32 9.61
CA ILE A 77 -13.56 29.10 9.39
C ILE A 77 -12.89 30.45 9.13
N LEU A 78 -11.85 30.75 9.90
CA LEU A 78 -11.07 31.97 9.74
C LEU A 78 -9.65 31.66 9.25
N PHE A 79 -9.10 32.64 8.54
CA PHE A 79 -7.66 32.71 8.29
C PHE A 79 -6.97 33.23 9.55
N HIS A 80 -5.71 32.84 9.74
CA HIS A 80 -4.94 33.25 10.92
C HIS A 80 -5.14 34.71 11.30
N GLU A 81 -4.92 35.62 10.34
CA GLU A 81 -4.99 37.05 10.62
C GLU A 81 -6.31 37.41 11.29
N THR A 82 -7.41 36.84 10.79
CA THR A 82 -8.73 37.25 11.26
C THR A 82 -9.01 36.76 12.67
N LEU A 83 -8.47 35.59 13.03
CA LEU A 83 -8.65 35.06 14.37
C LEU A 83 -8.17 36.04 15.44
N TYR A 84 -7.24 36.94 15.11
CA TYR A 84 -6.67 37.86 16.07
C TYR A 84 -7.04 39.31 15.77
N GLN A 85 -8.05 39.52 14.94
CA GLN A 85 -8.60 40.86 14.73
C GLN A 85 -9.79 41.09 15.63
N LYS A 86 -10.18 42.36 15.76
CA LYS A 86 -11.28 42.77 16.62
C LYS A 86 -12.30 43.57 15.84
N ALA A 87 -13.54 43.53 16.31
CA ALA A 87 -14.58 44.36 15.74
C ALA A 87 -14.40 45.80 16.21
N ASP A 88 -15.19 46.70 15.62
CA ASP A 88 -15.11 48.11 15.97
C ASP A 88 -15.32 48.33 17.46
N ASP A 89 -16.20 47.56 18.09
CA ASP A 89 -16.46 47.70 19.51
C ASP A 89 -15.37 47.10 20.39
N GLY A 90 -14.28 46.60 19.82
CA GLY A 90 -13.19 46.02 20.58
C GLY A 90 -13.30 44.52 20.84
N ARG A 91 -14.39 43.89 20.45
CA ARG A 91 -14.56 42.47 20.73
C ARG A 91 -13.72 41.65 19.76
N PRO A 92 -12.91 40.69 20.25
CA PRO A 92 -12.23 39.77 19.33
C PRO A 92 -13.24 39.05 18.46
N PHE A 93 -12.90 38.85 17.19
CA PHE A 93 -13.80 38.13 16.30
C PHE A 93 -14.20 36.76 16.81
N PRO A 94 -13.32 35.96 17.43
CA PRO A 94 -13.80 34.68 17.99
C PRO A 94 -14.91 34.86 19.02
N GLN A 95 -14.86 35.92 19.83
CA GLN A 95 -15.94 36.18 20.77
C GLN A 95 -17.21 36.57 20.04
N VAL A 96 -17.10 37.36 18.97
CA VAL A 96 -18.28 37.71 18.17
C VAL A 96 -18.97 36.44 17.68
N ILE A 97 -18.18 35.51 17.13
CA ILE A 97 -18.73 34.29 16.55
C ILE A 97 -19.43 33.46 17.62
N LYS A 98 -18.74 33.25 18.75
CA LYS A 98 -19.30 32.44 19.83
C LYS A 98 -20.55 33.11 20.42
N SER A 99 -20.55 34.44 20.53
CA SER A 99 -21.72 35.12 21.10
C SER A 99 -22.96 34.93 20.23
N LYS A 100 -22.80 34.54 18.98
CA LYS A 100 -23.91 34.26 18.07
C LYS A 100 -24.19 32.76 17.93
N GLY A 101 -23.58 31.93 18.78
CA GLY A 101 -23.81 30.50 18.77
C GLY A 101 -22.90 29.70 17.86
N GLY A 102 -21.85 30.31 17.32
CA GLY A 102 -20.99 29.66 16.35
C GLY A 102 -19.74 29.08 16.99
N VAL A 103 -19.27 27.99 16.42
CA VAL A 103 -17.96 27.45 16.76
C VAL A 103 -16.92 28.12 15.87
N VAL A 104 -15.78 28.45 16.45
CA VAL A 104 -14.69 29.10 15.72
C VAL A 104 -13.77 28.06 15.12
N GLY A 105 -13.50 28.19 13.81
CA GLY A 105 -12.52 27.34 13.15
C GLY A 105 -11.33 28.10 12.61
N ILE A 106 -10.21 27.40 12.40
CA ILE A 106 -8.97 27.98 11.92
C ILE A 106 -8.42 27.12 10.78
N LYS A 107 -8.19 27.74 9.63
CA LYS A 107 -7.47 27.07 8.56
C LYS A 107 -5.98 26.98 8.92
N VAL A 108 -5.41 25.78 8.81
CA VAL A 108 -4.04 25.54 9.28
C VAL A 108 -3.08 25.08 8.20
N ASP A 109 -3.54 24.77 6.99
CA ASP A 109 -2.58 24.40 5.95
C ASP A 109 -1.85 25.64 5.45
N LYS A 110 -0.70 25.41 4.80
CA LYS A 110 0.12 26.46 4.23
C LYS A 110 0.19 26.34 2.71
N GLY A 111 -0.89 25.87 2.10
CA GLY A 111 -1.05 25.91 0.67
C GLY A 111 -0.45 24.70 -0.04
N VAL A 112 -0.73 24.62 -1.34
CA VAL A 112 -0.30 23.50 -2.15
C VAL A 112 1.14 23.69 -2.60
N VAL A 113 1.81 22.57 -2.88
CA VAL A 113 3.13 22.56 -3.50
C VAL A 113 3.16 21.47 -4.56
N PRO A 114 3.98 21.65 -5.59
CA PRO A 114 3.98 20.69 -6.72
C PRO A 114 4.61 19.35 -6.37
N LEU A 115 4.03 18.29 -6.92
CA LEU A 115 4.60 16.95 -6.84
C LEU A 115 5.43 16.69 -8.09
N ALA A 116 6.73 16.55 -7.91
CA ALA A 116 7.62 16.35 -9.04
C ALA A 116 7.32 15.02 -9.71
N GLY A 117 7.48 14.99 -11.03
CA GLY A 117 7.19 13.80 -11.80
C GLY A 117 5.73 13.55 -12.10
N THR A 118 4.84 14.51 -11.81
CA THR A 118 3.42 14.35 -12.08
C THR A 118 2.98 15.37 -13.12
N ASN A 119 1.79 15.15 -13.66
CA ASN A 119 1.23 16.07 -14.65
C ASN A 119 0.52 17.22 -13.93
N GLY A 120 1.33 18.07 -13.31
CA GLY A 120 0.82 19.26 -12.64
C GLY A 120 0.03 19.02 -11.37
N GLU A 121 0.30 17.92 -10.67
CA GLU A 121 -0.43 17.65 -9.44
C GLU A 121 0.30 18.22 -8.24
N THR A 122 -0.43 18.34 -7.14
CA THR A 122 0.09 18.95 -5.93
C THR A 122 -0.17 18.07 -4.73
N THR A 123 0.60 18.33 -3.68
CA THR A 123 0.20 18.01 -2.33
C THR A 123 0.10 19.32 -1.56
N THR A 124 -0.10 19.22 -0.26
CA THR A 124 -0.29 20.39 0.60
C THR A 124 0.70 20.33 1.74
N GLN A 125 1.23 21.50 2.12
CA GLN A 125 2.18 21.61 3.22
C GLN A 125 1.51 22.32 4.40
N GLY A 126 2.16 22.25 5.56
CA GLY A 126 1.64 22.86 6.77
C GLY A 126 1.81 22.09 8.07
N LEU A 127 2.45 20.92 8.01
CA LEU A 127 2.57 20.08 9.21
C LEU A 127 3.62 20.59 10.19
N ASP A 128 4.60 21.38 9.75
CA ASP A 128 5.72 21.72 10.63
C ASP A 128 5.22 22.63 11.76
N GLY A 129 5.51 22.23 13.00
CA GLY A 129 5.07 23.01 14.15
C GLY A 129 3.57 23.01 14.35
N LEU A 130 2.84 22.11 13.69
CA LEU A 130 1.38 22.21 13.70
C LEU A 130 0.80 21.92 15.08
N SER A 131 1.42 21.02 15.84
CA SER A 131 0.91 20.71 17.17
C SER A 131 0.93 21.95 18.05
N GLU A 132 2.04 22.69 18.04
CA GLU A 132 2.15 23.92 18.82
C GLU A 132 1.15 24.96 18.34
N ARG A 133 0.98 25.10 17.02
CA ARG A 133 -0.01 26.02 16.50
C ARG A 133 -1.42 25.66 16.95
N CYS A 134 -1.76 24.37 16.90
CA CYS A 134 -3.10 23.95 17.31
C CYS A 134 -3.34 24.25 18.78
N ALA A 135 -2.36 23.96 19.64
CA ALA A 135 -2.55 24.25 21.06
C ALA A 135 -2.76 25.73 21.30
N GLN A 136 -2.03 26.57 20.56
CA GLN A 136 -2.20 28.01 20.68
C GLN A 136 -3.58 28.43 20.18
N TYR A 137 -3.98 27.91 19.02
CA TYR A 137 -5.29 28.25 18.47
C TYR A 137 -6.41 27.82 19.39
N LYS A 138 -6.31 26.62 19.97
CA LYS A 138 -7.28 26.18 20.97
C LYS A 138 -7.37 27.16 22.13
N LYS A 139 -6.22 27.55 22.68
CA LYS A 139 -6.17 28.59 23.71
C LYS A 139 -6.92 29.85 23.28
N ASP A 140 -6.78 30.22 22.01
CA ASP A 140 -7.27 31.51 21.53
C ASP A 140 -8.67 31.40 20.94
N GLY A 141 -9.37 30.29 21.16
CA GLY A 141 -10.79 30.22 20.93
C GLY A 141 -11.23 29.30 19.79
N ALA A 142 -10.32 28.68 19.06
CA ALA A 142 -10.71 27.80 17.97
C ALA A 142 -10.98 26.40 18.51
N ASP A 143 -12.02 25.75 17.98
CA ASP A 143 -12.32 24.37 18.33
C ASP A 143 -12.29 23.41 17.14
N PHE A 144 -12.19 23.91 15.90
CA PHE A 144 -12.00 23.04 14.75
C PHE A 144 -11.04 23.70 13.78
N ALA A 145 -10.59 22.91 12.81
CA ALA A 145 -9.59 23.34 11.84
C ALA A 145 -9.98 22.87 10.45
N LYS A 146 -9.25 23.39 9.47
CA LYS A 146 -9.46 23.02 8.08
C LYS A 146 -8.11 22.87 7.40
N TRP A 147 -8.03 21.89 6.50
CA TRP A 147 -6.86 21.62 5.69
C TRP A 147 -7.34 21.20 4.32
N ARG A 148 -6.90 21.91 3.28
CA ARG A 148 -7.36 21.70 1.92
C ARG A 148 -6.29 21.02 1.08
N CYS A 149 -6.61 19.85 0.56
CA CYS A 149 -5.86 19.20 -0.51
C CYS A 149 -6.62 19.37 -1.82
N VAL A 150 -5.88 19.43 -2.93
CA VAL A 150 -6.48 19.72 -4.23
C VAL A 150 -6.05 18.66 -5.23
N LEU A 151 -7.03 18.02 -5.86
CA LEU A 151 -6.77 17.02 -6.89
C LEU A 151 -7.52 17.43 -8.16
N LYS A 152 -7.03 16.95 -9.29
CA LYS A 152 -7.53 17.35 -10.60
C LYS A 152 -7.80 16.11 -11.46
N ILE A 153 -8.92 16.15 -12.18
CA ILE A 153 -9.28 15.09 -13.11
C ILE A 153 -8.72 15.45 -14.47
N GLY A 154 -7.85 14.60 -14.99
CA GLY A 154 -7.20 14.84 -16.25
C GLY A 154 -6.79 13.52 -16.85
N GLU A 155 -6.04 13.57 -17.91
CA GLU A 155 -5.74 12.33 -18.56
C GLU A 155 -5.06 11.30 -17.70
N HIS A 156 -4.00 11.70 -17.03
CA HIS A 156 -3.32 10.78 -16.12
C HIS A 156 -3.53 11.16 -14.66
N THR A 157 -4.58 11.91 -14.34
CA THR A 157 -4.77 12.42 -12.99
C THR A 157 -6.21 12.23 -12.52
N PRO A 158 -6.40 12.06 -11.20
CA PRO A 158 -5.34 12.04 -10.18
C PRO A 158 -4.58 10.73 -10.17
N SER A 159 -3.25 10.83 -10.06
CA SER A 159 -2.38 9.66 -10.10
C SER A 159 -2.38 8.95 -8.76
N ALA A 160 -1.89 7.70 -8.78
CA ALA A 160 -1.73 6.93 -7.55
C ALA A 160 -0.90 7.69 -6.51
N LEU A 161 0.22 8.28 -6.95
CA LEU A 161 1.04 9.07 -6.04
C LEU A 161 0.24 10.20 -5.40
N ALA A 162 -0.49 10.97 -6.22
CA ALA A 162 -1.20 12.12 -5.69
C ALA A 162 -2.28 11.71 -4.72
N ILE A 163 -3.01 10.64 -5.03
CA ILE A 163 -4.06 10.19 -4.12
C ILE A 163 -3.45 9.73 -2.80
N MET A 164 -2.42 8.88 -2.87
N MET A 164 -2.43 8.88 -2.88
CA MET A 164 -1.82 8.35 -1.66
CA MET A 164 -1.78 8.33 -1.70
C MET A 164 -1.24 9.48 -0.80
C MET A 164 -1.22 9.45 -0.82
N GLU A 165 -0.51 10.41 -1.43
CA GLU A 165 0.21 11.42 -0.65
C GLU A 165 -0.76 12.43 -0.02
N ASN A 166 -1.79 12.86 -0.76
CA ASN A 166 -2.74 13.80 -0.18
C ASN A 166 -3.56 13.15 0.92
N ALA A 167 -3.93 11.88 0.75
CA ALA A 167 -4.62 11.17 1.82
C ALA A 167 -3.74 11.06 3.06
N ASN A 168 -2.45 10.79 2.86
CA ASN A 168 -1.56 10.61 4.00
C ASN A 168 -1.35 11.92 4.76
N VAL A 169 -1.16 13.04 4.05
CA VAL A 169 -0.92 14.30 4.74
C VAL A 169 -2.18 14.76 5.46
N LEU A 170 -3.36 14.51 4.87
CA LEU A 170 -4.62 14.80 5.55
C LEU A 170 -4.72 14.03 6.86
N ALA A 171 -4.26 12.76 6.87
CA ALA A 171 -4.34 11.96 8.09
C ALA A 171 -3.36 12.46 9.16
N ARG A 172 -2.14 12.85 8.75
CA ARG A 172 -1.21 13.47 9.69
C ARG A 172 -1.82 14.72 10.31
N TYR A 173 -2.39 15.60 9.48
CA TYR A 173 -3.03 16.81 9.98
C TYR A 173 -4.15 16.46 10.97
N ALA A 174 -4.98 15.47 10.63
CA ALA A 174 -6.09 15.11 11.48
C ALA A 174 -5.61 14.59 12.82
N SER A 175 -4.56 13.76 12.80
CA SER A 175 -4.00 13.22 14.03
C SER A 175 -3.50 14.31 14.96
N ILE A 176 -2.71 15.25 14.42
CA ILE A 176 -2.18 16.33 15.23
C ILE A 176 -3.31 17.18 15.81
N CYS A 177 -4.32 17.47 15.00
CA CYS A 177 -5.45 18.26 15.51
C CYS A 177 -6.09 17.56 16.71
N GLN A 178 -6.35 16.26 16.58
CA GLN A 178 -7.11 15.58 17.64
C GLN A 178 -6.29 15.47 18.92
N GLN A 179 -4.96 15.45 18.82
CA GLN A 179 -4.13 15.48 20.01
C GLN A 179 -4.28 16.80 20.78
N ASN A 180 -4.80 17.84 20.13
CA ASN A 180 -4.87 19.17 20.74
C ASN A 180 -6.30 19.65 20.94
N GLY A 181 -7.28 18.76 20.92
CA GLY A 181 -8.66 19.13 21.18
C GLY A 181 -9.34 19.85 20.05
N ILE A 182 -8.82 19.73 18.83
CA ILE A 182 -9.31 20.44 17.65
C ILE A 182 -9.93 19.42 16.71
N VAL A 183 -11.15 19.66 16.31
CA VAL A 183 -11.82 18.83 15.38
C VAL A 183 -11.33 19.17 13.95
N PRO A 184 -10.74 18.11 13.30
CA PRO A 184 -10.30 18.40 11.94
C PRO A 184 -11.34 18.23 10.85
N ILE A 185 -11.43 19.21 10.00
CA ILE A 185 -12.24 19.11 8.81
C ILE A 185 -11.26 18.63 7.72
N VAL A 186 -11.53 17.49 7.15
CA VAL A 186 -10.69 16.89 6.12
C VAL A 186 -11.26 17.30 4.77
N GLU A 187 -10.49 18.06 3.98
CA GLU A 187 -10.98 18.58 2.70
C GLU A 187 -10.15 18.05 1.55
N PRO A 188 -10.57 16.94 0.94
CA PRO A 188 -9.93 16.49 -0.30
C PRO A 188 -10.69 16.99 -1.53
N GLU A 189 -10.41 18.21 -1.98
CA GLU A 189 -11.20 18.78 -3.06
C GLU A 189 -10.73 18.23 -4.40
N ILE A 190 -11.65 17.62 -5.14
CA ILE A 190 -11.44 17.32 -6.54
C ILE A 190 -12.00 18.48 -7.34
N LEU A 191 -11.14 19.14 -8.10
CA LEU A 191 -11.56 20.33 -8.83
C LEU A 191 -12.55 19.98 -9.94
N PRO A 192 -13.46 20.90 -10.28
CA PRO A 192 -14.38 20.67 -11.39
C PRO A 192 -13.79 20.98 -12.76
N ASP A 193 -12.52 21.38 -12.83
CA ASP A 193 -11.91 21.74 -14.11
C ASP A 193 -11.93 20.56 -15.07
N GLY A 194 -12.23 20.83 -16.33
CA GLY A 194 -12.15 19.84 -17.37
C GLY A 194 -13.51 19.53 -17.98
N ASP A 195 -13.48 18.63 -18.97
CA ASP A 195 -14.67 18.28 -19.73
C ASP A 195 -15.15 16.85 -19.45
N HIS A 196 -14.74 16.28 -18.32
CA HIS A 196 -15.23 14.98 -17.89
C HIS A 196 -16.71 15.06 -17.52
N ASP A 197 -17.38 13.90 -17.55
CA ASP A 197 -18.80 13.84 -17.28
C ASP A 197 -19.07 13.50 -15.82
N LEU A 198 -20.35 13.31 -15.49
CA LEU A 198 -20.75 13.13 -14.09
C LEU A 198 -20.22 11.81 -13.54
N LYS A 199 -20.30 10.73 -14.32
CA LYS A 199 -19.86 9.44 -13.79
C LYS A 199 -18.34 9.38 -13.61
N ARG A 200 -17.58 10.14 -14.40
CA ARG A 200 -16.14 10.20 -14.19
C ARG A 200 -15.83 10.89 -12.87
N CYS A 201 -16.49 12.01 -12.59
CA CYS A 201 -16.31 12.64 -11.28
C CYS A 201 -16.72 11.68 -10.16
N GLN A 202 -17.81 10.94 -10.34
CA GLN A 202 -18.25 10.03 -9.28
C GLN A 202 -17.20 8.95 -9.04
N TYR A 203 -16.63 8.40 -10.11
CA TYR A 203 -15.61 7.38 -9.99
C TYR A 203 -14.38 7.90 -9.24
N VAL A 204 -13.87 9.06 -9.65
CA VAL A 204 -12.69 9.62 -9.00
C VAL A 204 -12.99 9.95 -7.55
N THR A 205 -14.17 10.51 -7.28
CA THR A 205 -14.52 10.85 -5.90
C THR A 205 -14.54 9.60 -5.02
N GLU A 206 -15.12 8.51 -5.51
CA GLU A 206 -15.12 7.26 -4.76
C GLU A 206 -13.70 6.78 -4.49
N LYS A 207 -12.81 6.83 -5.49
CA LYS A 207 -11.45 6.33 -5.27
C LYS A 207 -10.70 7.21 -4.27
N VAL A 208 -10.86 8.53 -4.38
CA VAL A 208 -10.18 9.45 -3.47
C VAL A 208 -10.67 9.24 -2.04
N LEU A 209 -11.99 9.14 -1.85
CA LEU A 209 -12.52 9.03 -0.50
C LEU A 209 -12.17 7.68 0.13
N ALA A 210 -12.15 6.60 -0.65
CA ALA A 210 -11.70 5.32 -0.11
C ALA A 210 -10.25 5.42 0.37
N ALA A 211 -9.40 6.13 -0.38
CA ALA A 211 -8.01 6.32 0.05
C ALA A 211 -7.94 7.18 1.30
N VAL A 212 -8.75 8.24 1.35
CA VAL A 212 -8.78 9.12 2.52
C VAL A 212 -9.10 8.32 3.77
N TYR A 213 -10.16 7.51 3.72
CA TYR A 213 -10.57 6.82 4.94
C TYR A 213 -9.65 5.65 5.30
N LYS A 214 -9.01 5.00 4.32
CA LYS A 214 -7.98 4.02 4.69
C LYS A 214 -6.82 4.70 5.41
N ALA A 215 -6.38 5.86 4.93
CA ALA A 215 -5.32 6.59 5.59
C ALA A 215 -5.73 7.05 6.99
N LEU A 216 -6.95 7.58 7.15
CA LEU A 216 -7.40 7.96 8.49
C LEU A 216 -7.37 6.75 9.42
N SER A 217 -7.72 5.58 8.91
CA SER A 217 -7.66 4.36 9.71
C SER A 217 -6.22 4.00 10.08
N ASP A 218 -5.32 4.04 9.09
CA ASP A 218 -3.92 3.71 9.37
C ASP A 218 -3.31 4.62 10.42
N HIS A 219 -3.76 5.88 10.49
CA HIS A 219 -3.20 6.87 11.41
C HIS A 219 -4.01 6.98 12.70
N HIS A 220 -4.99 6.10 12.90
CA HIS A 220 -5.70 5.97 14.16
C HIS A 220 -6.61 7.18 14.43
N ILE A 221 -7.26 7.68 13.39
CA ILE A 221 -8.11 8.86 13.50
C ILE A 221 -9.47 8.47 14.07
N TYR A 222 -9.95 9.29 15.01
CA TYR A 222 -11.27 9.12 15.64
C TYR A 222 -12.31 9.81 14.76
N LEU A 223 -13.04 9.01 13.97
CA LEU A 223 -13.89 9.55 12.92
C LEU A 223 -15.07 10.35 13.47
N GLU A 224 -15.59 9.96 14.61
CA GLU A 224 -16.69 10.70 15.23
C GLU A 224 -16.29 12.13 15.56
N GLY A 225 -14.98 12.38 15.71
CA GLY A 225 -14.47 13.70 15.97
C GLY A 225 -13.84 14.32 14.73
N THR A 226 -14.39 13.99 13.56
CA THR A 226 -13.98 14.62 12.32
C THR A 226 -15.21 15.05 11.54
N LEU A 227 -14.96 15.90 10.55
CA LEU A 227 -15.93 16.23 9.51
C LEU A 227 -15.24 16.08 8.15
N LEU A 228 -16.04 15.85 7.12
CA LEU A 228 -15.54 15.73 5.75
C LEU A 228 -16.06 16.91 4.95
N LYS A 229 -15.16 17.54 4.18
CA LYS A 229 -15.50 18.65 3.30
C LYS A 229 -15.12 18.23 1.87
N PRO A 230 -16.01 17.51 1.18
CA PRO A 230 -15.69 17.07 -0.18
C PRO A 230 -16.35 17.95 -1.23
N ASN A 231 -15.93 17.82 -2.47
CA ASN A 231 -16.72 18.32 -3.58
C ASN A 231 -18.02 17.52 -3.69
N MET A 232 -19.08 18.22 -4.11
CA MET A 232 -20.20 17.53 -4.68
C MET A 232 -19.75 16.84 -5.96
N VAL A 233 -20.47 15.79 -6.35
CA VAL A 233 -20.17 15.08 -7.59
C VAL A 233 -20.92 15.77 -8.72
N THR A 234 -20.18 16.41 -9.62
CA THR A 234 -20.71 17.20 -10.72
C THR A 234 -19.92 16.91 -11.99
N PRO A 235 -20.50 17.17 -13.16
CA PRO A 235 -19.70 17.16 -14.39
C PRO A 235 -18.61 18.24 -14.32
N GLY A 236 -17.61 18.08 -15.17
CA GLY A 236 -16.61 19.12 -15.29
C GLY A 236 -17.19 20.39 -15.87
N HIS A 237 -16.50 21.51 -15.59
CA HIS A 237 -16.98 22.82 -16.02
C HIS A 237 -17.18 22.87 -17.52
N ALA A 238 -16.33 22.20 -18.30
CA ALA A 238 -16.39 22.27 -19.75
C ALA A 238 -17.16 21.11 -20.36
N CYS A 239 -17.80 20.28 -19.55
CA CYS A 239 -18.60 19.17 -20.08
C CYS A 239 -19.83 19.71 -20.79
N THR A 240 -20.10 19.19 -21.99
CA THR A 240 -21.24 19.65 -22.78
C THR A 240 -22.54 18.94 -22.42
N GLN A 241 -22.48 17.74 -21.84
CA GLN A 241 -23.69 17.05 -21.42
C GLN A 241 -24.27 17.71 -20.18
N LYS A 242 -25.59 17.82 -20.14
CA LYS A 242 -26.30 18.48 -19.07
C LYS A 242 -26.97 17.46 -18.15
N TYR A 243 -27.01 17.81 -16.86
CA TYR A 243 -27.57 16.96 -15.81
C TYR A 243 -28.53 17.77 -14.96
N SER A 244 -29.53 17.08 -14.39
CA SER A 244 -30.43 17.71 -13.44
C SER A 244 -29.80 17.75 -12.06
N HIS A 245 -30.39 18.56 -11.18
CA HIS A 245 -29.91 18.62 -9.80
C HIS A 245 -30.12 17.28 -9.10
N GLU A 246 -31.17 16.55 -9.50
CA GLU A 246 -31.44 15.25 -8.91
C GLU A 246 -30.39 14.22 -9.29
N GLU A 247 -29.84 14.31 -10.50
CA GLU A 247 -28.74 13.41 -10.89
C GLU A 247 -27.46 13.77 -10.14
N ILE A 248 -27.19 15.06 -9.99
CA ILE A 248 -26.04 15.48 -9.18
C ILE A 248 -26.18 14.96 -7.76
N ALA A 249 -27.38 15.08 -7.19
CA ALA A 249 -27.62 14.62 -5.83
C ALA A 249 -27.43 13.12 -5.71
N MET A 250 -27.96 12.36 -6.67
CA MET A 250 -27.85 10.90 -6.65
C MET A 250 -26.40 10.46 -6.75
N ALA A 251 -25.65 11.05 -7.69
CA ALA A 251 -24.23 10.72 -7.84
C ALA A 251 -23.46 11.07 -6.58
N THR A 252 -23.80 12.20 -5.93
CA THR A 252 -23.09 12.64 -4.74
C THR A 252 -23.36 11.70 -3.57
N VAL A 253 -24.64 11.42 -3.31
CA VAL A 253 -24.99 10.59 -2.17
C VAL A 253 -24.50 9.17 -2.39
N THR A 254 -24.60 8.67 -3.62
CA THR A 254 -24.10 7.33 -3.93
C THR A 254 -22.60 7.24 -3.66
N ALA A 255 -21.83 8.23 -4.13
CA ALA A 255 -20.39 8.20 -3.88
C ALA A 255 -20.09 8.18 -2.38
N LEU A 256 -20.79 9.01 -1.60
CA LEU A 256 -20.53 9.07 -0.16
C LEU A 256 -20.97 7.78 0.53
N ARG A 257 -22.08 7.20 0.11
CA ARG A 257 -22.55 5.95 0.70
C ARG A 257 -21.58 4.80 0.46
N ARG A 258 -20.82 4.85 -0.63
CA ARG A 258 -19.86 3.79 -0.94
C ARG A 258 -18.52 3.94 -0.24
N THR A 259 -18.26 5.06 0.43
CA THR A 259 -16.93 5.31 0.97
C THR A 259 -16.88 5.87 2.39
N VAL A 260 -17.86 6.64 2.85
CA VAL A 260 -17.74 7.39 4.09
C VAL A 260 -18.37 6.59 5.22
N PRO A 261 -17.60 6.11 6.20
CA PRO A 261 -18.19 5.31 7.27
C PRO A 261 -19.25 6.10 8.01
N PRO A 262 -20.29 5.41 8.51
CA PRO A 262 -21.35 6.11 9.25
C PRO A 262 -20.85 6.86 10.47
N ALA A 263 -19.72 6.47 11.04
CA ALA A 263 -19.21 7.13 12.23
C ALA A 263 -18.76 8.56 11.94
N VAL A 264 -18.55 8.94 10.69
CA VAL A 264 -18.21 10.31 10.39
C VAL A 264 -19.40 11.19 10.75
N THR A 265 -19.14 12.25 11.50
CA THR A 265 -20.24 13.00 12.11
C THR A 265 -20.97 13.85 11.08
N GLY A 266 -20.29 14.36 10.08
CA GLY A 266 -20.97 15.21 9.12
C GLY A 266 -20.15 15.46 7.89
N VAL A 267 -20.84 15.79 6.82
CA VAL A 267 -20.26 16.14 5.53
C VAL A 267 -20.65 17.58 5.25
N THR A 268 -19.65 18.44 5.06
CA THR A 268 -19.87 19.88 4.84
C THR A 268 -19.31 20.21 3.45
N PHE A 269 -20.19 20.26 2.45
CA PHE A 269 -19.75 20.40 1.07
C PHE A 269 -19.11 21.76 0.82
N LEU A 270 -18.05 21.75 0.03
CA LEU A 270 -17.47 22.98 -0.50
C LEU A 270 -18.30 23.47 -1.68
N SER A 271 -18.32 24.78 -1.89
CA SER A 271 -19.09 25.33 -3.00
C SER A 271 -18.28 25.38 -4.28
N GLY A 272 -16.96 25.52 -4.18
CA GLY A 272 -16.14 25.50 -5.38
C GLY A 272 -16.52 26.62 -6.32
N GLY A 273 -16.78 26.27 -7.57
CA GLY A 273 -17.16 27.29 -8.53
C GLY A 273 -18.64 27.56 -8.67
N GLN A 274 -19.48 26.99 -7.81
CA GLN A 274 -20.91 27.07 -7.99
C GLN A 274 -21.43 28.46 -7.60
N SER A 275 -22.49 28.90 -8.29
CA SER A 275 -23.19 30.10 -7.90
C SER A 275 -23.90 29.90 -6.57
N GLU A 276 -24.33 31.01 -5.97
CA GLU A 276 -25.08 30.96 -4.71
C GLU A 276 -26.31 30.07 -4.84
N GLU A 277 -27.13 30.31 -5.88
CA GLU A 277 -28.37 29.56 -6.05
C GLU A 277 -28.10 28.10 -6.38
N GLU A 278 -27.15 27.84 -7.28
CA GLU A 278 -26.84 26.47 -7.69
C GLU A 278 -26.40 25.62 -6.49
N ALA A 279 -25.52 26.18 -5.66
CA ALA A 279 -25.02 25.44 -4.50
C ALA A 279 -26.14 25.15 -3.51
N SER A 280 -27.09 26.08 -3.34
CA SER A 280 -28.23 25.84 -2.46
C SER A 280 -29.17 24.79 -3.04
N ILE A 281 -29.46 24.90 -4.33
CA ILE A 281 -30.36 23.95 -4.97
C ILE A 281 -29.77 22.55 -4.96
N ASN A 282 -28.45 22.44 -5.21
CA ASN A 282 -27.82 21.12 -5.18
C ASN A 282 -27.82 20.53 -3.78
N LEU A 283 -27.49 21.34 -2.78
CA LEU A 283 -27.51 20.84 -1.40
C LEU A 283 -28.92 20.39 -1.02
N ASN A 284 -29.94 21.12 -1.46
CA ASN A 284 -31.31 20.75 -1.16
C ASN A 284 -31.65 19.39 -1.79
N ALA A 285 -31.30 19.20 -3.05
CA ALA A 285 -31.56 17.92 -3.71
C ALA A 285 -30.77 16.80 -3.04
N ILE A 286 -29.58 17.10 -2.53
CA ILE A 286 -28.80 16.08 -1.81
C ILE A 286 -29.57 15.60 -0.58
N ASN A 287 -30.14 16.53 0.19
CA ASN A 287 -30.87 16.14 1.39
C ASN A 287 -32.24 15.54 1.09
N LYS A 288 -32.77 15.74 -0.11
CA LYS A 288 -33.99 15.07 -0.51
C LYS A 288 -33.75 13.75 -1.22
N CYS A 289 -32.51 13.45 -1.59
CA CYS A 289 -32.21 12.16 -2.19
C CYS A 289 -32.78 11.05 -1.31
N PRO A 290 -33.56 10.12 -1.88
CA PRO A 290 -34.30 9.15 -1.02
C PRO A 290 -33.42 8.08 -0.38
N LEU A 291 -32.15 7.96 -0.76
CA LEU A 291 -31.28 6.95 -0.18
C LEU A 291 -30.97 7.28 1.29
N LEU A 292 -30.51 6.27 2.01
CA LEU A 292 -30.20 6.43 3.43
C LEU A 292 -28.85 7.12 3.60
N LYS A 293 -28.84 8.19 4.40
CA LYS A 293 -27.66 9.01 4.62
C LYS A 293 -27.39 9.10 6.11
N PRO A 294 -26.38 8.39 6.65
CA PRO A 294 -26.20 8.33 8.11
C PRO A 294 -25.31 9.43 8.67
N TRP A 295 -25.14 10.52 7.92
CA TRP A 295 -24.40 11.66 8.41
C TRP A 295 -25.12 12.93 7.97
N ALA A 296 -24.90 14.00 8.73
CA ALA A 296 -25.37 15.30 8.32
C ALA A 296 -24.77 15.67 6.97
N LEU A 297 -25.58 16.27 6.11
CA LEU A 297 -25.18 16.71 4.79
C LEU A 297 -25.48 18.20 4.71
N THR A 298 -24.46 19.03 4.91
CA THR A 298 -24.69 20.46 5.01
C THR A 298 -23.61 21.17 4.21
N PHE A 299 -23.41 22.45 4.50
CA PHE A 299 -22.59 23.32 3.68
C PHE A 299 -21.39 23.82 4.46
N SER A 300 -20.28 24.02 3.73
CA SER A 300 -19.13 24.81 4.18
C SER A 300 -18.77 25.70 3.01
N TYR A 301 -19.46 26.83 2.90
CA TYR A 301 -19.51 27.63 1.68
C TYR A 301 -18.72 28.93 1.84
N GLY A 302 -17.94 29.25 0.81
CA GLY A 302 -17.26 30.51 0.68
C GLY A 302 -18.06 31.44 -0.21
N ARG A 303 -17.82 31.37 -1.52
CA ARG A 303 -18.47 32.29 -2.43
C ARG A 303 -19.97 32.08 -2.50
N ALA A 304 -20.44 30.87 -2.23
CA ALA A 304 -21.88 30.61 -2.24
C ALA A 304 -22.60 31.30 -1.09
N LEU A 305 -21.87 31.74 -0.06
CA LEU A 305 -22.42 32.59 0.99
C LEU A 305 -22.03 34.05 0.85
N GLN A 306 -20.94 34.35 0.14
CA GLN A 306 -20.31 35.67 0.14
C GLN A 306 -20.51 36.49 -1.13
N ALA A 307 -20.84 35.86 -2.26
CA ALA A 307 -20.72 36.52 -3.55
C ALA A 307 -21.55 37.79 -3.63
N SER A 308 -22.85 37.69 -3.34
CA SER A 308 -23.72 38.86 -3.41
C SER A 308 -23.35 39.89 -2.36
N ALA A 309 -22.90 39.44 -1.18
CA ALA A 309 -22.55 40.38 -0.13
C ALA A 309 -21.31 41.19 -0.52
N LEU A 310 -20.31 40.53 -1.09
CA LEU A 310 -19.10 41.23 -1.52
C LEU A 310 -19.43 42.28 -2.56
N LYS A 311 -20.28 41.93 -3.54
CA LYS A 311 -20.64 42.86 -4.61
C LYS A 311 -21.49 44.02 -4.08
N ALA A 312 -22.40 43.74 -3.16
CA ALA A 312 -23.23 44.81 -2.61
C ALA A 312 -22.41 45.76 -1.76
N TRP A 313 -21.31 45.27 -1.17
CA TRP A 313 -20.43 46.11 -0.35
C TRP A 313 -19.56 47.03 -1.22
N GLY A 314 -18.90 46.48 -2.23
CA GLY A 314 -18.09 47.28 -3.13
C GLY A 314 -17.00 48.10 -2.47
N GLY A 315 -16.56 47.71 -1.28
CA GLY A 315 -15.53 48.45 -0.57
C GLY A 315 -16.00 49.73 0.07
N LYS A 316 -17.31 49.96 0.17
CA LYS A 316 -17.87 51.22 0.65
C LYS A 316 -18.58 50.98 1.97
N LYS A 317 -18.14 51.67 3.03
CA LYS A 317 -18.70 51.44 4.35
C LYS A 317 -20.21 51.69 4.39
N GLU A 318 -20.70 52.60 3.56
CA GLU A 318 -22.12 52.94 3.57
C GLU A 318 -23.02 51.84 3.02
N ASN A 319 -22.46 50.82 2.36
CA ASN A 319 -23.26 49.70 1.89
C ASN A 319 -23.31 48.56 2.91
N LEU A 320 -22.98 48.81 4.17
CA LEU A 320 -22.89 47.76 5.18
C LEU A 320 -24.17 46.92 5.24
N LYS A 321 -25.32 47.58 5.45
CA LYS A 321 -26.56 46.85 5.66
C LYS A 321 -27.02 46.13 4.40
N ALA A 322 -26.86 46.74 3.22
CA ALA A 322 -27.24 46.07 1.99
C ALA A 322 -26.39 44.82 1.77
N ALA A 323 -25.10 44.90 2.11
CA ALA A 323 -24.22 43.75 1.94
C ALA A 323 -24.56 42.64 2.92
N GLN A 324 -24.73 42.98 4.20
CA GLN A 324 -25.09 41.98 5.19
C GLN A 324 -26.39 41.28 4.83
N GLU A 325 -27.36 42.04 4.31
CA GLU A 325 -28.64 41.45 3.92
C GLU A 325 -28.45 40.33 2.90
N GLU A 326 -27.55 40.52 1.93
CA GLU A 326 -27.32 39.48 0.94
C GLU A 326 -26.73 38.24 1.57
N TYR A 327 -25.78 38.40 2.50
CA TYR A 327 -25.22 37.24 3.20
C TYR A 327 -26.30 36.53 4.01
N VAL A 328 -27.10 37.29 4.76
CA VAL A 328 -28.16 36.70 5.58
C VAL A 328 -29.11 35.88 4.71
N LYS A 329 -29.50 36.42 3.56
CA LYS A 329 -30.40 35.68 2.67
C LYS A 329 -29.78 34.35 2.23
N ARG A 330 -28.47 34.28 2.04
CA ARG A 330 -27.89 33.00 1.64
C ARG A 330 -27.71 32.07 2.82
N ALA A 331 -27.42 32.59 4.02
CA ALA A 331 -27.39 31.73 5.20
C ALA A 331 -28.75 31.08 5.45
N LEU A 332 -29.83 31.85 5.29
CA LEU A 332 -31.18 31.30 5.45
C LEU A 332 -31.48 30.26 4.37
N ALA A 333 -31.15 30.57 3.11
CA ALA A 333 -31.37 29.64 2.02
C ALA A 333 -30.70 28.31 2.27
N ASN A 334 -29.43 28.33 2.68
CA ASN A 334 -28.70 27.09 2.84
C ASN A 334 -29.08 26.35 4.13
N SER A 335 -29.56 27.07 5.14
CA SER A 335 -30.11 26.40 6.31
C SER A 335 -31.34 25.57 5.93
N LEU A 336 -32.21 26.13 5.09
CA LEU A 336 -33.33 25.36 4.56
C LEU A 336 -32.83 24.23 3.66
N ALA A 337 -31.81 24.49 2.84
CA ALA A 337 -31.34 23.48 1.90
C ALA A 337 -30.80 22.25 2.63
N CYS A 338 -30.00 22.45 3.67
CA CYS A 338 -29.48 21.29 4.39
C CYS A 338 -30.57 20.57 5.19
N GLN A 339 -31.82 21.07 5.16
CA GLN A 339 -32.98 20.35 5.67
C GLN A 339 -33.89 19.86 4.54
N GLY A 340 -33.49 20.03 3.28
CA GLY A 340 -34.33 19.66 2.16
C GLY A 340 -35.62 20.46 2.08
N LYS A 341 -35.61 21.73 2.51
CA LYS A 341 -36.81 22.55 2.53
C LYS A 341 -36.62 23.87 1.77
N TYR A 342 -35.66 23.93 0.87
CA TYR A 342 -35.39 25.15 0.11
C TYR A 342 -36.03 25.08 -1.26
N THR A 343 -36.75 26.13 -1.63
CA THR A 343 -37.21 26.33 -2.99
C THR A 343 -36.87 27.76 -3.39
N PRO A 344 -36.15 27.98 -4.51
CA PRO A 344 -35.91 29.37 -4.93
C PRO A 344 -37.21 30.08 -5.34
N SER A 359 -32.76 2.69 -11.71
CA SER A 359 -32.38 4.08 -11.85
C SER A 359 -31.20 4.42 -10.96
N ASN A 360 -31.31 4.11 -9.66
CA ASN A 360 -30.15 4.21 -8.78
C ASN A 360 -29.07 3.20 -9.16
N HIS A 361 -29.43 2.14 -9.88
CA HIS A 361 -28.44 1.19 -10.37
C HIS A 361 -27.63 1.75 -11.53
N ALA A 362 -28.04 2.88 -12.10
CA ALA A 362 -27.28 3.55 -13.14
C ALA A 362 -26.07 4.30 -12.60
N TYR A 363 -25.94 4.40 -11.28
CA TYR A 363 -24.82 5.11 -10.66
C TYR A 363 -23.83 4.10 -10.11
N HIS B 4 6.20 14.03 -18.55
CA HIS B 4 6.45 14.85 -17.35
C HIS B 4 7.48 14.19 -16.42
N PRO B 5 8.68 13.91 -16.93
CA PRO B 5 9.73 13.38 -16.05
C PRO B 5 10.07 14.38 -14.96
N ALA B 6 10.51 13.85 -13.82
CA ALA B 6 10.84 14.74 -12.70
C ALA B 6 12.07 15.58 -13.03
N LEU B 7 13.04 15.03 -13.74
CA LEU B 7 14.33 15.66 -13.96
C LEU B 7 14.75 15.52 -15.41
N THR B 8 15.52 16.50 -15.89
CA THR B 8 16.14 16.45 -17.20
C THR B 8 17.44 15.69 -17.13
N PRO B 9 17.99 15.28 -18.29
CA PRO B 9 19.32 14.66 -18.27
C PRO B 9 20.39 15.53 -17.62
N GLU B 10 20.30 16.84 -17.81
CA GLU B 10 21.29 17.75 -17.23
C GLU B 10 21.17 17.79 -15.71
N GLN B 11 19.93 17.82 -15.20
CA GLN B 11 19.74 17.80 -13.75
C GLN B 11 20.20 16.47 -13.16
N LYS B 12 19.96 15.38 -13.88
CA LYS B 12 20.43 14.07 -13.44
C LYS B 12 21.95 14.01 -13.37
N LYS B 13 22.62 14.46 -14.42
CA LYS B 13 24.08 14.47 -14.40
C LYS B 13 24.61 15.25 -13.20
N GLU B 14 24.07 16.44 -12.96
CA GLU B 14 24.54 17.24 -11.82
C GLU B 14 24.42 16.46 -10.51
N LEU B 15 23.26 15.84 -10.28
CA LEU B 15 23.05 15.14 -9.01
C LEU B 15 23.97 13.93 -8.90
N SER B 16 24.09 13.17 -9.99
CA SER B 16 24.94 11.99 -9.99
C SER B 16 26.39 12.36 -9.75
N ASP B 17 26.87 13.40 -10.45
CA ASP B 17 28.24 13.85 -10.24
C ASP B 17 28.51 14.24 -8.79
N ILE B 18 27.57 14.96 -8.17
CA ILE B 18 27.74 15.32 -6.75
C ILE B 18 27.80 14.07 -5.89
N ALA B 19 26.83 13.16 -6.05
CA ALA B 19 26.79 11.98 -5.19
C ALA B 19 28.08 11.19 -5.31
N HIS B 20 28.62 11.07 -6.52
CA HIS B 20 29.84 10.31 -6.72
C HIS B 20 31.06 11.01 -6.12
N ARG B 21 31.10 12.34 -6.12
CA ARG B 21 32.21 13.06 -5.50
C ARG B 21 32.26 12.78 -4.00
N ILE B 22 31.09 12.75 -3.36
CA ILE B 22 31.04 12.62 -1.91
C ILE B 22 31.65 11.30 -1.46
N VAL B 23 31.39 10.22 -2.20
CA VAL B 23 31.73 8.87 -1.76
C VAL B 23 32.84 8.27 -2.62
N ALA B 24 33.60 9.12 -3.31
CA ALA B 24 34.73 8.65 -4.10
C ALA B 24 35.64 7.75 -3.25
N PRO B 25 36.39 6.85 -3.88
CA PRO B 25 37.15 5.86 -3.10
C PRO B 25 38.02 6.51 -2.04
N GLY B 26 37.98 5.93 -0.83
CA GLY B 26 38.73 6.43 0.30
C GLY B 26 38.10 7.58 1.04
N LYS B 27 36.95 8.09 0.58
CA LYS B 27 36.32 9.27 1.17
C LYS B 27 35.04 8.93 1.91
N GLY B 28 34.77 9.72 2.93
CA GLY B 28 33.52 9.65 3.66
C GLY B 28 33.08 11.02 4.09
N ILE B 29 32.12 11.09 5.02
CA ILE B 29 31.46 12.33 5.40
C ILE B 29 31.72 12.59 6.88
N LEU B 30 32.11 13.83 7.19
CA LEU B 30 32.04 14.34 8.55
C LEU B 30 30.65 14.88 8.81
N ALA B 31 29.94 14.27 9.77
CA ALA B 31 28.61 14.73 10.16
C ALA B 31 28.75 15.66 11.35
N ALA B 32 28.66 16.96 11.09
CA ALA B 32 28.84 17.98 12.11
C ALA B 32 27.60 18.86 12.24
N ASP B 33 26.43 18.28 11.98
CA ASP B 33 25.18 19.04 11.86
C ASP B 33 24.35 19.01 13.13
N GLU B 34 24.98 18.75 14.28
CA GLU B 34 24.27 18.83 15.55
C GLU B 34 23.65 20.22 15.71
N SER B 35 22.36 20.24 15.99
CA SER B 35 21.65 21.47 16.27
C SER B 35 22.08 22.02 17.63
N THR B 36 21.60 23.22 17.95
CA THR B 36 22.09 23.92 19.13
C THR B 36 21.83 23.11 20.40
N GLY B 37 20.67 22.48 20.49
CA GLY B 37 20.34 21.68 21.67
C GLY B 37 21.17 20.43 21.80
N SER B 38 21.58 19.83 20.67
CA SER B 38 22.39 18.63 20.74
C SER B 38 23.86 18.96 20.99
N ILE B 39 24.38 19.99 20.34
CA ILE B 39 25.77 20.34 20.56
C ILE B 39 25.97 20.87 21.97
N ALA B 40 24.93 21.47 22.56
CA ALA B 40 25.01 21.90 23.96
C ALA B 40 25.41 20.75 24.87
N LYS B 41 24.85 19.56 24.64
CA LYS B 41 25.20 18.41 25.46
C LYS B 41 26.66 18.02 25.27
N ARG B 42 27.19 18.19 24.05
CA ARG B 42 28.59 17.88 23.81
C ARG B 42 29.51 18.87 24.52
N LEU B 43 29.21 20.17 24.40
CA LEU B 43 30.02 21.17 25.10
C LEU B 43 29.88 21.01 26.61
N GLN B 44 28.68 20.70 27.08
CA GLN B 44 28.49 20.45 28.51
C GLN B 44 29.40 19.32 28.98
N SER B 45 29.59 18.30 28.15
CA SER B 45 30.40 17.15 28.53
C SER B 45 31.87 17.49 28.71
N ILE B 46 32.30 18.70 28.34
CA ILE B 46 33.69 19.11 28.55
C ILE B 46 33.73 20.44 29.29
N GLY B 47 32.65 20.74 30.02
CA GLY B 47 32.62 21.94 30.85
C GLY B 47 32.74 23.24 30.09
N THR B 48 32.14 23.31 28.90
CA THR B 48 32.26 24.48 28.04
C THR B 48 30.89 25.09 27.81
N GLU B 49 30.81 26.40 27.94
CA GLU B 49 29.55 27.12 27.77
C GLU B 49 29.09 27.04 26.33
N ASN B 50 27.77 26.89 26.13
CA ASN B 50 27.20 26.76 24.80
C ASN B 50 26.87 28.15 24.24
N THR B 51 27.92 28.82 23.80
CA THR B 51 27.82 30.12 23.13
C THR B 51 28.01 29.93 21.63
N GLU B 52 27.50 30.90 20.86
CA GLU B 52 27.74 30.86 19.43
C GLU B 52 29.23 30.82 19.12
N GLU B 53 30.04 31.59 19.85
CA GLU B 53 31.47 31.62 19.57
C GLU B 53 32.13 30.28 19.86
N ASN B 54 31.74 29.60 20.95
CA ASN B 54 32.31 28.28 21.21
C ASN B 54 31.88 27.26 20.16
N ARG B 55 30.63 27.33 19.70
CA ARG B 55 30.21 26.48 18.59
C ARG B 55 31.00 26.78 17.33
N ARG B 56 31.16 28.07 17.01
CA ARG B 56 31.95 28.47 15.85
C ARG B 56 33.37 27.95 15.97
N PHE B 57 33.99 28.15 17.13
CA PHE B 57 35.37 27.73 17.29
C PHE B 57 35.50 26.22 17.15
N TYR B 58 34.58 25.47 17.75
CA TYR B 58 34.66 24.03 17.67
C TYR B 58 34.49 23.54 16.24
N ARG B 59 33.53 24.10 15.51
CA ARG B 59 33.38 23.72 14.11
C ARG B 59 34.59 24.15 13.28
N GLN B 60 35.11 25.35 13.54
CA GLN B 60 36.34 25.76 12.87
C GLN B 60 37.45 24.74 13.09
N LEU B 61 37.59 24.28 14.34
CA LEU B 61 38.65 23.32 14.66
C LEU B 61 38.59 22.11 13.74
N LEU B 62 37.38 21.56 13.54
CA LEU B 62 37.21 20.41 12.67
C LEU B 62 37.46 20.78 11.21
N LEU B 63 36.85 21.87 10.74
CA LEU B 63 36.86 22.18 9.32
C LEU B 63 38.21 22.63 8.82
N THR B 64 39.09 23.13 9.70
CA THR B 64 40.39 23.66 9.28
C THR B 64 41.56 22.75 9.68
N ALA B 65 41.29 21.50 10.04
CA ALA B 65 42.38 20.56 10.24
C ALA B 65 43.24 20.49 8.97
N ASP B 66 44.48 20.02 9.13
CA ASP B 66 45.47 20.10 8.06
C ASP B 66 45.07 19.22 6.88
N ASP B 67 45.86 19.33 5.80
CA ASP B 67 45.49 18.75 4.52
C ASP B 67 45.54 17.23 4.51
N ARG B 68 46.00 16.57 5.57
CA ARG B 68 45.91 15.11 5.62
C ARG B 68 44.47 14.63 5.54
N VAL B 69 43.50 15.43 6.00
CA VAL B 69 42.11 15.00 5.96
C VAL B 69 41.52 15.12 4.55
N ASN B 70 42.15 15.89 3.67
CA ASN B 70 41.51 16.21 2.39
C ASN B 70 41.11 14.99 1.59
N PRO B 71 41.97 13.96 1.41
CA PRO B 71 41.53 12.76 0.68
C PRO B 71 40.61 11.86 1.49
N CYS B 72 40.40 12.16 2.76
CA CYS B 72 39.55 11.34 3.62
C CYS B 72 38.10 11.82 3.63
N ILE B 73 37.89 13.11 3.39
CA ILE B 73 36.61 13.76 3.64
C ILE B 73 36.04 14.21 2.29
N GLY B 74 35.03 13.49 1.82
CA GLY B 74 34.35 13.83 0.59
C GLY B 74 33.25 14.84 0.81
N GLY B 75 32.72 14.91 2.03
CA GLY B 75 31.63 15.83 2.33
C GLY B 75 31.57 16.17 3.80
N VAL B 76 30.95 17.31 4.10
CA VAL B 76 30.75 17.77 5.46
C VAL B 76 29.30 18.21 5.60
N ILE B 77 28.58 17.63 6.55
CA ILE B 77 27.21 18.05 6.83
C ILE B 77 27.24 19.13 7.88
N LEU B 78 26.58 20.25 7.60
CA LEU B 78 26.52 21.37 8.53
C LEU B 78 25.09 21.60 9.00
N PHE B 79 24.98 22.14 10.21
CA PHE B 79 23.76 22.76 10.69
C PHE B 79 23.64 24.17 10.13
N HIS B 80 22.39 24.63 9.95
CA HIS B 80 22.13 25.96 9.39
C HIS B 80 23.06 27.05 9.92
N GLU B 81 23.12 27.18 11.25
CA GLU B 81 23.95 28.23 11.84
C GLU B 81 25.36 28.21 11.26
N THR B 82 25.97 27.03 11.23
CA THR B 82 27.37 26.91 10.84
C THR B 82 27.58 27.25 9.37
N LEU B 83 26.59 26.96 8.54
CA LEU B 83 26.70 27.26 7.12
C LEU B 83 26.94 28.75 6.90
N TYR B 84 26.51 29.60 7.83
CA TYR B 84 26.67 31.05 7.69
C TYR B 84 27.72 31.64 8.62
N GLN B 85 28.55 30.80 9.25
CA GLN B 85 29.64 31.28 10.06
C GLN B 85 30.93 31.32 9.25
N LYS B 86 31.94 32.00 9.80
CA LYS B 86 33.21 32.23 9.15
C LYS B 86 34.35 31.80 10.05
N ALA B 87 35.44 31.33 9.43
CA ALA B 87 36.67 31.06 10.13
C ALA B 87 37.37 32.37 10.52
N ASP B 88 38.44 32.25 11.32
CA ASP B 88 39.17 33.41 11.81
C ASP B 88 39.77 34.24 10.68
N ASP B 89 40.05 33.62 9.53
CA ASP B 89 40.58 34.33 8.37
C ASP B 89 39.49 35.01 7.55
N GLY B 90 38.25 35.00 8.02
CA GLY B 90 37.16 35.66 7.34
C GLY B 90 36.45 34.82 6.30
N ARG B 91 36.96 33.64 5.99
CA ARG B 91 36.36 32.79 4.97
C ARG B 91 35.10 32.11 5.50
N PRO B 92 33.98 32.18 4.78
CA PRO B 92 32.82 31.35 5.15
C PRO B 92 33.20 29.87 5.21
N PHE B 93 32.61 29.17 6.17
CA PHE B 93 32.91 27.74 6.32
C PHE B 93 32.65 26.93 5.06
N PRO B 94 31.62 27.21 4.25
CA PRO B 94 31.50 26.44 2.99
C PRO B 94 32.69 26.63 2.07
N GLN B 95 33.28 27.82 2.05
CA GLN B 95 34.48 28.04 1.24
C GLN B 95 35.66 27.28 1.81
N VAL B 96 35.80 27.25 3.14
CA VAL B 96 36.84 26.45 3.78
C VAL B 96 36.71 24.98 3.36
N ILE B 97 35.49 24.46 3.40
CA ILE B 97 35.27 23.04 3.09
C ILE B 97 35.62 22.75 1.64
N LYS B 98 35.06 23.54 0.72
CA LYS B 98 35.35 23.37 -0.70
C LYS B 98 36.84 23.50 -1.00
N SER B 99 37.52 24.44 -0.36
N SER B 99 37.52 24.44 -0.37
CA SER B 99 38.95 24.62 -0.64
CA SER B 99 38.95 24.62 -0.66
C SER B 99 39.76 23.38 -0.31
C SER B 99 39.76 23.38 -0.30
N LYS B 100 39.25 22.52 0.58
CA LYS B 100 39.92 21.28 0.96
C LYS B 100 39.39 20.07 0.20
N GLY B 101 38.62 20.28 -0.87
CA GLY B 101 38.14 19.18 -1.68
C GLY B 101 36.82 18.59 -1.24
N GLY B 102 36.13 19.22 -0.31
CA GLY B 102 34.92 18.68 0.25
C GLY B 102 33.68 19.29 -0.37
N VAL B 103 32.64 18.48 -0.46
CA VAL B 103 31.31 18.94 -0.83
C VAL B 103 30.61 19.40 0.46
N VAL B 104 29.86 20.50 0.37
CA VAL B 104 29.15 21.06 1.52
C VAL B 104 27.75 20.47 1.57
N GLY B 105 27.36 19.98 2.75
CA GLY B 105 26.02 19.47 2.97
C GLY B 105 25.31 20.25 4.06
N ILE B 106 23.97 20.24 4.00
CA ILE B 106 23.15 20.97 4.98
C ILE B 106 22.03 20.04 5.47
N LYS B 107 21.91 19.93 6.80
CA LYS B 107 20.80 19.22 7.40
C LYS B 107 19.54 20.09 7.34
N VAL B 108 18.44 19.53 6.83
CA VAL B 108 17.25 20.32 6.56
C VAL B 108 16.02 19.86 7.31
N ASP B 109 16.10 18.76 8.07
CA ASP B 109 14.92 18.35 8.82
C ASP B 109 14.77 19.23 10.05
N LYS B 110 13.55 19.24 10.61
CA LYS B 110 13.24 20.02 11.80
C LYS B 110 12.88 19.13 12.98
N GLY B 111 13.51 17.97 13.07
CA GLY B 111 13.39 17.11 14.22
C GLY B 111 12.19 16.18 14.18
N VAL B 112 12.17 15.28 15.16
CA VAL B 112 11.15 14.24 15.26
C VAL B 112 9.93 14.79 15.98
N VAL B 113 8.78 14.19 15.67
CA VAL B 113 7.52 14.47 16.36
C VAL B 113 6.80 13.16 16.61
N PRO B 114 5.99 13.11 17.68
CA PRO B 114 5.34 11.84 18.04
C PRO B 114 4.22 11.45 17.07
N LEU B 115 4.13 10.15 16.78
CA LEU B 115 2.99 9.59 16.05
C LEU B 115 1.95 9.14 17.06
N ALA B 116 0.79 9.80 17.07
CA ALA B 116 -0.25 9.44 18.02
C ALA B 116 -0.77 8.03 17.72
N GLY B 117 -1.14 7.32 18.78
CA GLY B 117 -1.60 5.96 18.64
C GLY B 117 -0.52 4.92 18.52
N THR B 118 0.75 5.31 18.64
CA THR B 118 1.86 4.37 18.60
C THR B 118 2.50 4.25 19.97
N ASN B 119 3.32 3.20 20.12
CA ASN B 119 4.10 3.00 21.34
C ASN B 119 5.38 3.83 21.26
N GLY B 120 5.21 5.14 21.40
CA GLY B 120 6.33 6.06 21.45
C GLY B 120 7.09 6.27 20.15
N GLU B 121 6.46 6.06 19.00
CA GLU B 121 7.16 6.20 17.74
C GLU B 121 7.00 7.62 17.20
N THR B 122 7.90 7.98 16.29
CA THR B 122 7.95 9.31 15.72
C THR B 122 7.97 9.27 14.20
N THR B 123 7.62 10.40 13.62
CA THR B 123 8.04 10.73 12.28
C THR B 123 8.86 12.01 12.38
N THR B 124 9.23 12.56 11.24
CA THR B 124 10.10 13.73 11.20
C THR B 124 9.42 14.83 10.40
N GLN B 125 9.59 16.07 10.85
CA GLN B 125 9.00 17.23 10.19
C GLN B 125 10.11 18.04 9.53
N GLY B 126 9.70 18.99 8.70
CA GLY B 126 10.64 19.83 8.00
C GLY B 126 10.36 20.11 6.53
N LEU B 127 9.22 19.64 6.01
CA LEU B 127 8.93 19.83 4.59
C LEU B 127 8.43 21.24 4.25
N ASP B 128 7.87 21.99 5.20
CA ASP B 128 7.22 23.25 4.85
C ASP B 128 8.24 24.27 4.37
N GLY B 129 8.00 24.82 3.18
CA GLY B 129 8.96 25.75 2.61
C GLY B 129 10.30 25.14 2.27
N LEU B 130 10.40 23.81 2.22
CA LEU B 130 11.71 23.19 2.00
C LEU B 130 12.27 23.54 0.63
N SER B 131 11.43 23.66 -0.39
CA SER B 131 11.97 23.94 -1.72
C SER B 131 12.70 25.28 -1.74
N GLU B 132 12.08 26.32 -1.18
CA GLU B 132 12.72 27.62 -1.12
C GLU B 132 13.99 27.57 -0.28
N ARG B 133 13.95 26.85 0.85
CA ARG B 133 15.17 26.67 1.65
C ARG B 133 16.27 26.01 0.83
N CYS B 134 15.94 24.96 0.08
CA CYS B 134 16.95 24.27 -0.71
C CYS B 134 17.55 25.19 -1.76
N ALA B 135 16.70 25.96 -2.45
CA ALA B 135 17.21 26.88 -3.45
C ALA B 135 18.20 27.87 -2.84
N GLN B 136 17.90 28.39 -1.66
CA GLN B 136 18.82 29.31 -1.02
C GLN B 136 20.09 28.59 -0.58
N TYR B 137 19.97 27.40 0.00
CA TYR B 137 21.17 26.68 0.44
C TYR B 137 22.08 26.38 -0.73
N LYS B 138 21.50 26.04 -1.88
CA LYS B 138 22.28 25.79 -3.09
C LYS B 138 23.08 27.02 -3.48
N LYS B 139 22.43 28.18 -3.49
CA LYS B 139 23.13 29.43 -3.80
C LYS B 139 24.26 29.70 -2.83
N ASP B 140 24.07 29.32 -1.57
CA ASP B 140 25.04 29.59 -0.53
C ASP B 140 26.10 28.49 -0.40
N GLY B 141 26.17 27.56 -1.35
CA GLY B 141 27.30 26.65 -1.46
C GLY B 141 27.04 25.21 -1.11
N ALA B 142 25.82 24.83 -0.73
CA ALA B 142 25.53 23.45 -0.37
C ALA B 142 25.11 22.68 -1.61
N ASP B 143 25.60 21.44 -1.72
CA ASP B 143 25.26 20.57 -2.83
C ASP B 143 24.56 19.29 -2.41
N PHE B 144 24.48 18.99 -1.11
CA PHE B 144 23.72 17.84 -0.65
C PHE B 144 23.07 18.18 0.68
N ALA B 145 22.11 17.36 1.08
CA ALA B 145 21.33 17.60 2.27
C ALA B 145 21.21 16.31 3.07
N LYS B 146 20.70 16.45 4.28
CA LYS B 146 20.48 15.32 5.18
C LYS B 146 19.13 15.49 5.87
N TRP B 147 18.42 14.38 6.02
CA TRP B 147 17.14 14.32 6.73
C TRP B 147 17.12 13.02 7.52
N ARG B 148 16.91 13.12 8.84
CA ARG B 148 17.01 11.97 9.73
C ARG B 148 15.63 11.56 10.25
N CYS B 149 15.22 10.34 9.92
CA CYS B 149 14.10 9.67 10.54
C CYS B 149 14.61 8.67 11.56
N VAL B 150 13.82 8.44 12.61
CA VAL B 150 14.25 7.60 13.72
C VAL B 150 13.19 6.52 13.95
N LEU B 151 13.63 5.26 13.94
CA LEU B 151 12.78 4.12 14.21
C LEU B 151 13.41 3.31 15.34
N LYS B 152 12.58 2.59 16.09
CA LYS B 152 13.00 1.90 17.31
C LYS B 152 12.51 0.45 17.30
N ILE B 153 13.38 -0.46 17.71
CA ILE B 153 13.01 -1.87 17.83
C ILE B 153 12.49 -2.10 19.25
N GLY B 154 11.25 -2.58 19.36
CA GLY B 154 10.61 -2.83 20.62
C GLY B 154 9.47 -3.81 20.41
N GLU B 155 8.60 -3.90 21.42
CA GLU B 155 7.61 -4.98 21.42
C GLU B 155 6.72 -4.92 20.17
N HIS B 156 6.08 -3.78 19.93
CA HIS B 156 5.24 -3.56 18.76
C HIS B 156 5.82 -2.50 17.83
N THR B 157 7.14 -2.37 17.80
CA THR B 157 7.78 -1.33 17.00
C THR B 157 8.98 -1.89 16.25
N PRO B 158 9.26 -1.37 15.05
CA PRO B 158 8.55 -0.31 14.32
C PRO B 158 7.24 -0.81 13.75
N SER B 159 6.18 -0.05 13.94
CA SER B 159 4.86 -0.45 13.47
C SER B 159 4.75 -0.22 11.96
N ALA B 160 3.72 -0.81 11.37
CA ALA B 160 3.42 -0.55 9.96
C ALA B 160 3.26 0.95 9.71
N LEU B 161 2.52 1.64 10.58
CA LEU B 161 2.33 3.08 10.41
C LEU B 161 3.67 3.82 10.40
N ALA B 162 4.53 3.54 11.38
CA ALA B 162 5.78 4.28 11.49
C ALA B 162 6.71 4.01 10.30
N ILE B 163 6.74 2.77 9.82
CA ILE B 163 7.56 2.46 8.65
C ILE B 163 7.03 3.19 7.41
N MET B 164 5.74 3.07 7.15
N MET B 164 5.74 3.06 7.15
CA MET B 164 5.16 3.72 5.97
CA MET B 164 5.12 3.71 6.01
C MET B 164 5.33 5.23 6.03
C MET B 164 5.32 5.22 6.04
N GLU B 165 5.03 5.85 7.18
CA GLU B 165 5.09 7.30 7.27
C GLU B 165 6.52 7.83 7.17
N ASN B 166 7.47 7.20 7.83
CA ASN B 166 8.83 7.68 7.73
C ASN B 166 9.39 7.49 6.32
N ALA B 167 9.11 6.35 5.69
CA ALA B 167 9.51 6.16 4.30
C ALA B 167 8.89 7.23 3.41
N ASN B 168 7.62 7.56 3.63
CA ASN B 168 6.96 8.54 2.78
C ASN B 168 7.57 9.93 2.95
N VAL B 169 7.87 10.34 4.18
CA VAL B 169 8.38 11.69 4.35
C VAL B 169 9.80 11.79 3.82
N LEU B 170 10.59 10.72 3.92
CA LEU B 170 11.92 10.73 3.29
C LEU B 170 11.82 10.90 1.79
N ALA B 171 10.81 10.28 1.17
CA ALA B 171 10.64 10.38 -0.27
C ALA B 171 10.25 11.80 -0.67
N ARG B 172 9.35 12.43 0.11
CA ARG B 172 9.00 13.82 -0.17
C ARG B 172 10.23 14.72 -0.08
N TYR B 173 10.99 14.58 1.01
CA TYR B 173 12.22 15.34 1.18
C TYR B 173 13.16 15.15 0.00
N ALA B 174 13.38 13.89 -0.40
CA ALA B 174 14.30 13.61 -1.50
C ALA B 174 13.82 14.26 -2.78
N SER B 175 12.52 14.20 -3.03
CA SER B 175 11.95 14.78 -4.24
C SER B 175 12.21 16.29 -4.30
N ILE B 176 11.94 16.98 -3.20
CA ILE B 176 12.14 18.43 -3.18
C ILE B 176 13.61 18.77 -3.37
N CYS B 177 14.50 18.07 -2.67
CA CYS B 177 15.94 18.31 -2.83
C CYS B 177 16.35 18.21 -4.30
N GLN B 178 15.94 17.13 -4.97
CA GLN B 178 16.41 16.89 -6.32
C GLN B 178 15.90 17.94 -7.30
N GLN B 179 14.72 18.51 -7.05
CA GLN B 179 14.23 19.63 -7.87
C GLN B 179 15.11 20.87 -7.75
N ASN B 180 15.95 20.95 -6.71
CA ASN B 180 16.73 22.14 -6.45
C ASN B 180 18.24 21.88 -6.56
N GLY B 181 18.62 20.77 -7.19
CA GLY B 181 20.03 20.48 -7.44
C GLY B 181 20.79 20.01 -6.23
N ILE B 182 20.09 19.53 -5.21
CA ILE B 182 20.69 19.07 -3.96
C ILE B 182 20.55 17.56 -3.91
N VAL B 183 21.64 16.88 -3.67
CA VAL B 183 21.62 15.47 -3.51
C VAL B 183 21.11 15.14 -2.06
N PRO B 184 19.99 14.35 -2.02
CA PRO B 184 19.54 13.99 -0.67
C PRO B 184 20.15 12.72 -0.09
N ILE B 185 20.59 12.83 1.13
CA ILE B 185 21.04 11.72 1.88
C ILE B 185 19.78 11.26 2.64
N VAL B 186 19.39 10.04 2.43
CA VAL B 186 18.19 9.46 3.04
C VAL B 186 18.66 8.69 4.27
N GLU B 187 18.25 9.14 5.46
CA GLU B 187 18.68 8.54 6.72
C GLU B 187 17.50 7.95 7.46
N PRO B 188 17.21 6.66 7.28
CA PRO B 188 16.22 5.99 8.13
C PRO B 188 16.91 5.25 9.26
N GLU B 189 17.25 5.93 10.34
CA GLU B 189 18.04 5.30 11.40
C GLU B 189 17.15 4.39 12.25
N ILE B 190 17.53 3.13 12.33
CA ILE B 190 16.97 2.22 13.32
C ILE B 190 17.88 2.25 14.54
N LEU B 191 17.34 2.72 15.67
CA LEU B 191 18.15 2.91 16.86
C LEU B 191 18.66 1.56 17.36
N PRO B 192 19.84 1.55 18.01
CA PRO B 192 20.34 0.32 18.64
C PRO B 192 19.77 0.08 20.03
N ASP B 193 18.92 0.95 20.54
CA ASP B 193 18.40 0.78 21.90
C ASP B 193 17.67 -0.54 22.04
N GLY B 194 17.93 -1.24 23.14
CA GLY B 194 17.20 -2.44 23.47
C GLY B 194 18.09 -3.66 23.55
N ASP B 195 17.47 -4.80 23.86
CA ASP B 195 18.18 -6.05 24.07
C ASP B 195 17.91 -7.06 22.96
N HIS B 196 17.40 -6.59 21.82
CA HIS B 196 17.21 -7.44 20.65
C HIS B 196 18.55 -7.91 20.11
N ASP B 197 18.53 -9.03 19.40
CA ASP B 197 19.76 -9.63 18.91
C ASP B 197 20.02 -9.21 17.46
N LEU B 198 21.10 -9.77 16.90
CA LEU B 198 21.55 -9.33 15.58
C LEU B 198 20.54 -9.66 14.50
N LYS B 199 19.97 -10.87 14.51
CA LYS B 199 19.07 -11.22 13.43
C LYS B 199 17.77 -10.41 13.50
N ARG B 200 17.36 -9.96 14.68
CA ARG B 200 16.20 -9.09 14.74
C ARG B 200 16.52 -7.73 14.11
N CYS B 201 17.68 -7.17 14.41
CA CYS B 201 18.06 -5.93 13.75
C CYS B 201 18.13 -6.12 12.24
N GLN B 202 18.69 -7.25 11.79
CA GLN B 202 18.76 -7.49 10.35
C GLN B 202 17.37 -7.59 9.73
N TYR B 203 16.45 -8.30 10.40
CA TYR B 203 15.08 -8.41 9.90
C TYR B 203 14.43 -7.02 9.79
N VAL B 204 14.51 -6.22 10.86
CA VAL B 204 13.87 -4.91 10.84
C VAL B 204 14.53 -4.01 9.80
N THR B 205 15.86 -4.05 9.69
CA THR B 205 16.55 -3.24 8.68
C THR B 205 16.12 -3.61 7.27
N GLU B 206 15.97 -4.89 6.99
CA GLU B 206 15.52 -5.30 5.65
C GLU B 206 14.10 -4.79 5.38
N LYS B 207 13.20 -4.87 6.36
CA LYS B 207 11.83 -4.40 6.14
C LYS B 207 11.78 -2.89 5.96
N VAL B 208 12.53 -2.15 6.78
CA VAL B 208 12.55 -0.70 6.66
C VAL B 208 13.10 -0.26 5.30
N LEU B 209 14.22 -0.84 4.88
CA LEU B 209 14.83 -0.41 3.62
C LEU B 209 13.98 -0.79 2.41
N ALA B 210 13.27 -1.93 2.45
CA ALA B 210 12.35 -2.23 1.37
C ALA B 210 11.24 -1.19 1.30
N ALA B 211 10.73 -0.75 2.44
CA ALA B 211 9.73 0.31 2.46
C ALA B 211 10.31 1.62 1.93
N VAL B 212 11.54 1.95 2.36
CA VAL B 212 12.17 3.19 1.89
C VAL B 212 12.25 3.20 0.36
N TYR B 213 12.72 2.10 -0.25
CA TYR B 213 12.97 2.17 -1.69
C TYR B 213 11.68 2.05 -2.49
N LYS B 214 10.64 1.40 -1.97
CA LYS B 214 9.34 1.47 -2.63
C LYS B 214 8.79 2.90 -2.61
N ALA B 215 8.95 3.60 -1.49
CA ALA B 215 8.48 4.99 -1.42
C ALA B 215 9.27 5.89 -2.37
N LEU B 216 10.60 5.72 -2.42
CA LEU B 216 11.39 6.50 -3.37
C LEU B 216 10.94 6.23 -4.81
N SER B 217 10.60 4.98 -5.12
CA SER B 217 10.08 4.67 -6.45
C SER B 217 8.74 5.35 -6.69
N ASP B 218 7.81 5.25 -5.73
CA ASP B 218 6.49 5.87 -5.87
C ASP B 218 6.59 7.37 -6.12
N HIS B 219 7.57 8.03 -5.50
CA HIS B 219 7.77 9.47 -5.60
C HIS B 219 8.73 9.87 -6.72
N HIS B 220 9.15 8.92 -7.56
CA HIS B 220 9.95 9.18 -8.75
C HIS B 220 11.34 9.72 -8.41
N ILE B 221 11.97 9.15 -7.39
CA ILE B 221 13.30 9.62 -6.97
C ILE B 221 14.36 9.02 -7.87
N TYR B 222 15.34 9.85 -8.23
CA TYR B 222 16.48 9.45 -9.06
C TYR B 222 17.57 8.90 -8.14
N LEU B 223 17.67 7.57 -8.07
CA LEU B 223 18.51 6.95 -7.04
C LEU B 223 19.98 7.23 -7.25
N GLU B 224 20.43 7.34 -8.50
CA GLU B 224 21.81 7.66 -8.79
C GLU B 224 22.22 9.02 -8.19
N GLY B 225 21.26 9.91 -7.98
CA GLY B 225 21.52 11.17 -7.30
C GLY B 225 21.09 11.15 -5.85
N THR B 226 21.19 10.01 -5.19
CA THR B 226 20.94 9.89 -3.76
C THR B 226 22.09 9.13 -3.08
N LEU B 227 22.12 9.28 -1.77
CA LEU B 227 22.92 8.43 -0.90
C LEU B 227 22.01 7.90 0.20
N LEU B 228 22.40 6.75 0.75
CA LEU B 228 21.70 6.12 1.87
C LEU B 228 22.58 6.21 3.11
N LYS B 229 21.99 6.65 4.22
CA LYS B 229 22.68 6.72 5.51
C LYS B 229 21.92 5.83 6.48
N PRO B 230 22.23 4.52 6.50
CA PRO B 230 21.52 3.60 7.39
C PRO B 230 22.32 3.30 8.64
N ASN B 231 21.69 2.68 9.62
CA ASN B 231 22.41 2.00 10.67
C ASN B 231 23.15 0.80 10.08
N MET B 232 24.30 0.49 10.68
CA MET B 232 24.83 -0.86 10.52
C MET B 232 23.88 -1.84 11.20
N VAL B 233 23.94 -3.10 10.79
CA VAL B 233 23.15 -4.14 11.44
C VAL B 233 23.97 -4.66 12.62
N THR B 234 23.51 -4.38 13.83
CA THR B 234 24.20 -4.75 15.05
C THR B 234 23.19 -5.30 16.04
N PRO B 235 23.65 -6.04 17.05
CA PRO B 235 22.78 -6.32 18.19
C PRO B 235 22.36 -5.04 18.86
N GLY B 236 21.31 -5.11 19.68
CA GLY B 236 20.96 -4.00 20.53
C GLY B 236 22.03 -3.70 21.56
N HIS B 237 22.05 -2.45 22.02
CA HIS B 237 23.03 -2.02 23.01
C HIS B 237 23.05 -2.90 24.24
N ALA B 238 21.91 -3.47 24.61
CA ALA B 238 21.80 -4.24 25.84
C ALA B 238 21.64 -5.73 25.58
N CYS B 239 21.95 -6.19 24.36
CA CYS B 239 21.80 -7.60 24.03
C CYS B 239 22.81 -8.44 24.79
N THR B 240 22.35 -9.55 25.38
CA THR B 240 23.25 -10.39 26.16
C THR B 240 24.14 -11.24 25.27
N GLN B 241 23.60 -11.76 24.17
CA GLN B 241 24.42 -12.48 23.23
C GLN B 241 25.44 -11.54 22.59
N LYS B 242 26.67 -12.03 22.42
CA LYS B 242 27.74 -11.24 21.85
C LYS B 242 28.08 -11.74 20.44
N TYR B 243 28.64 -10.84 19.64
CA TYR B 243 28.90 -11.09 18.23
C TYR B 243 30.25 -10.53 17.84
N SER B 244 30.84 -11.12 16.80
CA SER B 244 32.09 -10.63 16.25
C SER B 244 31.82 -9.54 15.21
N HIS B 245 32.88 -8.80 14.88
CA HIS B 245 32.76 -7.78 13.84
C HIS B 245 32.42 -8.42 12.48
N GLU B 246 32.89 -9.64 12.26
CA GLU B 246 32.63 -10.31 10.99
C GLU B 246 31.15 -10.67 10.85
N GLU B 247 30.51 -11.08 11.95
CA GLU B 247 29.07 -11.32 11.92
C GLU B 247 28.31 -10.02 11.68
N ILE B 248 28.71 -8.94 12.36
CA ILE B 248 28.11 -7.65 12.12
C ILE B 248 28.24 -7.28 10.64
N ALA B 249 29.43 -7.48 10.08
CA ALA B 249 29.65 -7.16 8.67
C ALA B 249 28.75 -7.99 7.76
N MET B 250 28.69 -9.30 8.02
CA MET B 250 27.88 -10.18 7.18
C MET B 250 26.41 -9.81 7.24
N ALA B 251 25.90 -9.55 8.45
CA ALA B 251 24.50 -9.18 8.60
C ALA B 251 24.19 -7.86 7.90
N THR B 252 25.11 -6.89 8.01
CA THR B 252 24.90 -5.59 7.37
C THR B 252 24.93 -5.71 5.84
N VAL B 253 25.96 -6.35 5.29
CA VAL B 253 26.07 -6.41 3.84
C VAL B 253 24.93 -7.25 3.26
N THR B 254 24.51 -8.29 3.98
CA THR B 254 23.39 -9.11 3.50
C THR B 254 22.09 -8.30 3.47
N ALA B 255 21.81 -7.54 4.53
CA ALA B 255 20.60 -6.74 4.55
C ALA B 255 20.58 -5.73 3.41
N LEU B 256 21.72 -5.08 3.16
CA LEU B 256 21.81 -4.11 2.07
C LEU B 256 21.65 -4.78 0.72
N ARG B 257 22.28 -5.94 0.52
CA ARG B 257 22.18 -6.62 -0.77
C ARG B 257 20.75 -7.03 -1.07
N ARG B 258 19.94 -7.26 -0.04
CA ARG B 258 18.56 -7.71 -0.22
C ARG B 258 17.58 -6.56 -0.46
N THR B 259 18.02 -5.31 -0.34
CA THR B 259 17.09 -4.18 -0.35
C THR B 259 17.55 -2.97 -1.16
N VAL B 260 18.84 -2.72 -1.31
CA VAL B 260 19.31 -1.45 -1.86
C VAL B 260 19.62 -1.65 -3.34
N PRO B 261 18.87 -1.02 -4.25
CA PRO B 261 19.14 -1.22 -5.67
C PRO B 261 20.54 -0.78 -6.03
N PRO B 262 21.20 -1.48 -6.96
CA PRO B 262 22.57 -1.10 -7.37
C PRO B 262 22.70 0.34 -7.84
N ALA B 263 21.62 0.95 -8.29
CA ALA B 263 21.68 2.33 -8.79
C ALA B 263 22.01 3.33 -7.70
N VAL B 264 21.77 3.00 -6.43
CA VAL B 264 22.13 3.92 -5.36
C VAL B 264 23.64 4.10 -5.37
N THR B 265 24.07 5.36 -5.32
CA THR B 265 25.48 5.64 -5.57
C THR B 265 26.35 5.29 -4.37
N GLY B 266 25.86 5.45 -3.16
CA GLY B 266 26.69 5.14 -2.00
C GLY B 266 25.89 4.96 -0.74
N VAL B 267 26.47 4.22 0.19
CA VAL B 267 25.94 4.01 1.53
C VAL B 267 26.94 4.61 2.51
N THR B 268 26.46 5.56 3.32
CA THR B 268 27.30 6.30 4.27
C THR B 268 26.77 5.98 5.67
N PHE B 269 27.42 5.03 6.35
CA PHE B 269 26.88 4.53 7.62
C PHE B 269 26.95 5.58 8.72
N LEU B 270 25.90 5.65 9.51
CA LEU B 270 25.93 6.41 10.76
C LEU B 270 26.66 5.60 11.83
N SER B 271 27.32 6.32 12.75
CA SER B 271 28.07 5.65 13.81
C SER B 271 27.21 5.30 15.02
N GLY B 272 26.15 6.05 15.27
CA GLY B 272 25.25 5.71 16.36
C GLY B 272 25.93 5.87 17.70
N GLY B 273 25.82 4.86 18.55
CA GLY B 273 26.49 4.87 19.83
C GLY B 273 27.85 4.19 19.84
N GLN B 274 28.41 3.87 18.67
CA GLN B 274 29.66 3.13 18.62
C GLN B 274 30.84 4.01 18.99
N SER B 275 31.83 3.40 19.61
CA SER B 275 33.08 4.10 19.90
C SER B 275 33.81 4.40 18.60
N GLU B 276 34.81 5.29 18.69
CA GLU B 276 35.59 5.64 17.51
C GLU B 276 36.20 4.39 16.87
N GLU B 277 36.80 3.53 17.68
CA GLU B 277 37.49 2.37 17.15
C GLU B 277 36.51 1.32 16.68
N GLU B 278 35.43 1.11 17.42
CA GLU B 278 34.40 0.15 17.00
C GLU B 278 33.84 0.53 15.63
N ALA B 279 33.52 1.82 15.45
CA ALA B 279 32.94 2.26 14.17
C ALA B 279 33.91 2.02 13.01
N SER B 280 35.21 2.20 13.24
CA SER B 280 36.20 1.96 12.18
C SER B 280 36.37 0.47 11.89
N ILE B 281 36.48 -0.35 12.95
CA ILE B 281 36.66 -1.79 12.74
C ILE B 281 35.48 -2.37 11.99
N ASN B 282 34.25 -1.94 12.35
CA ASN B 282 33.06 -2.47 11.71
C ASN B 282 32.99 -2.07 10.24
N LEU B 283 33.28 -0.81 9.94
CA LEU B 283 33.29 -0.36 8.55
C LEU B 283 34.32 -1.13 7.74
N ASN B 284 35.50 -1.38 8.33
CA ASN B 284 36.51 -2.18 7.67
C ASN B 284 36.03 -3.60 7.41
N ALA B 285 35.38 -4.22 8.41
CA ALA B 285 34.89 -5.58 8.23
C ALA B 285 33.79 -5.60 7.17
N ILE B 286 32.98 -4.55 7.10
CA ILE B 286 31.96 -4.45 6.06
C ILE B 286 32.61 -4.42 4.68
N ASN B 287 33.69 -3.66 4.53
CA ASN B 287 34.33 -3.57 3.24
C ASN B 287 35.16 -4.80 2.90
N LYS B 288 35.51 -5.62 3.88
CA LYS B 288 36.18 -6.88 3.61
C LYS B 288 35.20 -8.05 3.43
N CYS B 289 33.93 -7.86 3.72
CA CYS B 289 32.96 -8.92 3.56
C CYS B 289 33.02 -9.48 2.15
N PRO B 290 33.11 -10.81 1.97
CA PRO B 290 33.41 -11.36 0.64
C PRO B 290 32.26 -11.27 -0.36
N LEU B 291 31.09 -10.80 0.03
CA LEU B 291 29.97 -10.73 -0.89
C LEU B 291 30.12 -9.55 -1.84
N LEU B 292 29.38 -9.61 -2.95
CA LEU B 292 29.42 -8.53 -3.92
C LEU B 292 28.64 -7.31 -3.41
N LYS B 293 29.29 -6.14 -3.43
CA LYS B 293 28.72 -4.90 -2.92
C LYS B 293 28.78 -3.83 -4.00
N PRO B 294 27.65 -3.52 -4.67
CA PRO B 294 27.72 -2.68 -5.87
C PRO B 294 27.58 -1.19 -5.61
N TRP B 295 27.82 -0.77 -4.37
CA TRP B 295 27.82 0.64 -4.02
C TRP B 295 28.98 0.90 -3.07
N ALA B 296 29.44 2.15 -3.06
CA ALA B 296 30.42 2.53 -2.05
C ALA B 296 29.85 2.29 -0.66
N LEU B 297 30.69 1.81 0.23
CA LEU B 297 30.33 1.55 1.62
C LEU B 297 31.31 2.34 2.49
N THR B 298 30.88 3.49 2.99
CA THR B 298 31.79 4.39 3.68
C THR B 298 31.04 4.95 4.90
N PHE B 299 31.54 6.07 5.42
CA PHE B 299 31.12 6.60 6.72
C PHE B 299 30.46 7.97 6.59
N SER B 300 29.50 8.21 7.48
CA SER B 300 28.98 9.55 7.77
C SER B 300 28.93 9.63 9.30
N TYR B 301 30.05 10.01 9.88
CA TYR B 301 30.28 9.86 11.30
C TYR B 301 30.27 11.20 12.00
N GLY B 302 29.60 11.24 13.15
CA GLY B 302 29.64 12.35 14.08
C GLY B 302 30.62 12.05 15.19
N ARG B 303 30.14 11.41 16.26
CA ARG B 303 31.00 11.14 17.42
C ARG B 303 32.21 10.29 17.04
N ALA B 304 32.02 9.32 16.15
CA ALA B 304 33.14 8.45 15.77
C ALA B 304 34.25 9.19 15.05
N LEU B 305 34.03 10.44 14.65
CA LEU B 305 35.11 11.29 14.15
C LEU B 305 35.50 12.39 15.11
N GLN B 306 34.64 12.70 16.09
CA GLN B 306 34.77 13.90 16.91
C GLN B 306 35.10 13.63 18.37
N ALA B 307 34.80 12.44 18.88
CA ALA B 307 34.82 12.22 20.33
C ALA B 307 36.15 12.60 20.94
N SER B 308 37.25 12.10 20.37
CA SER B 308 38.56 12.36 20.94
C SER B 308 39.00 13.80 20.69
N ALA B 309 38.58 14.38 19.55
CA ALA B 309 38.92 15.78 19.30
C ALA B 309 38.28 16.69 20.34
N LEU B 310 37.01 16.47 20.63
CA LEU B 310 36.29 17.29 21.60
C LEU B 310 36.96 17.23 22.97
N LYS B 311 37.32 16.01 23.42
CA LYS B 311 37.95 15.85 24.73
C LYS B 311 39.31 16.55 24.78
N ALA B 312 40.12 16.36 23.74
CA ALA B 312 41.44 16.96 23.72
C ALA B 312 41.36 18.48 23.73
N TRP B 313 40.36 19.04 23.04
CA TRP B 313 40.13 20.48 23.07
C TRP B 313 39.79 20.94 24.47
N GLY B 314 38.74 20.38 25.05
CA GLY B 314 38.35 20.73 26.41
C GLY B 314 37.94 22.17 26.58
N GLY B 315 37.65 22.88 25.50
CA GLY B 315 37.28 24.28 25.57
C GLY B 315 38.42 25.26 25.64
N LYS B 316 39.66 24.80 25.57
CA LYS B 316 40.84 25.66 25.72
C LYS B 316 41.45 25.92 24.34
N LYS B 317 41.57 27.19 23.98
CA LYS B 317 42.11 27.55 22.66
C LYS B 317 43.53 27.01 22.47
N GLU B 318 44.28 26.84 23.55
CA GLU B 318 45.64 26.33 23.42
C GLU B 318 45.70 24.83 23.10
N ASN B 319 44.58 24.12 23.17
CA ASN B 319 44.54 22.71 22.80
C ASN B 319 44.09 22.50 21.35
N LEU B 320 44.14 23.55 20.53
CA LEU B 320 43.64 23.46 19.15
C LEU B 320 44.34 22.33 18.40
N LYS B 321 45.66 22.36 18.36
CA LYS B 321 46.39 21.42 17.52
C LYS B 321 46.28 19.99 18.04
N ALA B 322 46.30 19.81 19.36
CA ALA B 322 46.12 18.47 19.91
C ALA B 322 44.76 17.91 19.53
N ALA B 323 43.71 18.73 19.62
CA ALA B 323 42.38 18.28 19.27
C ALA B 323 42.28 17.98 17.77
N GLN B 324 42.78 18.88 16.93
CA GLN B 324 42.77 18.62 15.49
C GLN B 324 43.49 17.31 15.17
N GLU B 325 44.57 17.02 15.87
CA GLU B 325 45.31 15.78 15.66
C GLU B 325 44.44 14.56 15.91
N GLU B 326 43.57 14.61 16.91
CA GLU B 326 42.72 13.46 17.20
C GLU B 326 41.69 13.24 16.11
N TYR B 327 41.15 14.32 15.55
CA TYR B 327 40.22 14.19 14.43
C TYR B 327 40.92 13.68 13.18
N VAL B 328 42.11 14.19 12.88
CA VAL B 328 42.87 13.69 11.74
C VAL B 328 43.08 12.19 11.88
N LYS B 329 43.41 11.72 13.08
CA LYS B 329 43.64 10.30 13.30
C LYS B 329 42.41 9.47 12.94
N ARG B 330 41.22 9.93 13.33
CA ARG B 330 40.02 9.17 13.00
C ARG B 330 39.64 9.32 11.53
N ALA B 331 39.86 10.48 10.93
CA ALA B 331 39.62 10.61 9.50
C ALA B 331 40.47 9.61 8.71
N LEU B 332 41.76 9.51 9.07
CA LEU B 332 42.66 8.58 8.40
C LEU B 332 42.23 7.13 8.62
N ALA B 333 41.90 6.79 9.87
CA ALA B 333 41.42 5.44 10.18
C ALA B 333 40.24 5.06 9.30
N ASN B 334 39.26 5.95 9.20
CA ASN B 334 38.02 5.61 8.50
C ASN B 334 38.17 5.69 6.98
N SER B 335 39.08 6.51 6.47
CA SER B 335 39.44 6.43 5.05
C SER B 335 40.04 5.08 4.70
N LEU B 336 40.95 4.56 5.54
CA LEU B 336 41.43 3.19 5.34
C LEU B 336 40.29 2.19 5.46
N ALA B 337 39.38 2.39 6.43
CA ALA B 337 38.34 1.41 6.70
C ALA B 337 37.37 1.28 5.55
N CYS B 338 37.01 2.41 4.91
CA CYS B 338 36.10 2.36 3.77
C CYS B 338 36.76 1.79 2.52
N GLN B 339 38.03 1.38 2.60
CA GLN B 339 38.69 0.62 1.56
C GLN B 339 39.05 -0.79 2.03
N GLY B 340 38.68 -1.16 3.25
CA GLY B 340 39.06 -2.44 3.80
C GLY B 340 40.54 -2.56 4.11
N LYS B 341 41.19 -1.44 4.41
CA LYS B 341 42.64 -1.40 4.59
C LYS B 341 43.02 -0.96 6.00
N TYR B 342 42.10 -1.03 6.95
CA TYR B 342 42.34 -0.51 8.29
C TYR B 342 42.78 -1.63 9.22
N THR B 343 43.89 -1.41 9.92
CA THR B 343 44.34 -2.27 10.99
C THR B 343 44.60 -1.39 12.22
N PRO B 344 44.01 -1.71 13.39
CA PRO B 344 44.39 -0.96 14.60
C PRO B 344 45.87 -1.10 14.93
N SER B 359 28.49 -19.50 7.68
CA SER B 359 27.88 -19.53 6.35
C SER B 359 26.93 -18.36 6.18
N ASN B 360 26.95 -17.74 4.99
CA ASN B 360 26.05 -16.63 4.69
C ASN B 360 24.59 -17.07 4.62
N HIS B 361 24.31 -18.38 4.57
CA HIS B 361 22.94 -18.87 4.58
C HIS B 361 22.33 -18.85 5.98
N ALA B 362 23.13 -18.64 7.03
CA ALA B 362 22.62 -18.42 8.37
C ALA B 362 22.09 -17.00 8.58
N TYR B 363 22.20 -16.13 7.58
CA TYR B 363 21.68 -14.78 7.66
C TYR B 363 20.48 -14.65 6.73
N HIS C 4 10.03 -16.89 13.92
CA HIS C 4 9.33 -17.78 12.97
C HIS C 4 9.75 -17.49 11.53
N PRO C 5 11.03 -17.67 11.22
CA PRO C 5 11.51 -17.45 9.85
C PRO C 5 10.87 -18.44 8.88
N ALA C 6 10.74 -18.00 7.63
CA ALA C 6 10.14 -18.85 6.61
C ALA C 6 11.00 -20.09 6.35
N LEU C 7 12.33 -19.94 6.38
CA LEU C 7 13.24 -20.96 5.90
C LEU C 7 14.42 -21.16 6.86
N THR C 8 14.89 -22.41 6.98
CA THR C 8 16.09 -22.71 7.74
C THR C 8 17.34 -22.43 6.93
N PRO C 9 18.52 -22.34 7.57
CA PRO C 9 19.77 -22.21 6.80
C PRO C 9 19.97 -23.32 5.79
N GLU C 10 19.58 -24.54 6.12
CA GLU C 10 19.70 -25.66 5.18
C GLU C 10 18.79 -25.46 3.97
N GLN C 11 17.54 -25.04 4.20
CA GLN C 11 16.64 -24.78 3.07
C GLN C 11 17.15 -23.64 2.20
N LYS C 12 17.69 -22.60 2.83
CA LYS C 12 18.21 -21.46 2.06
C LYS C 12 19.39 -21.89 1.19
N LYS C 13 20.32 -22.66 1.77
CA LYS C 13 21.46 -23.14 0.99
C LYS C 13 21.01 -23.96 -0.21
N GLU C 14 20.03 -24.85 -0.03
CA GLU C 14 19.54 -25.64 -1.15
C GLU C 14 19.02 -24.74 -2.27
N LEU C 15 18.18 -23.76 -1.93
CA LEU C 15 17.59 -22.88 -2.94
C LEU C 15 18.66 -22.04 -3.62
N SER C 16 19.59 -21.48 -2.84
CA SER C 16 20.66 -20.66 -3.42
C SER C 16 21.54 -21.48 -4.36
N ASP C 17 21.89 -22.71 -3.97
CA ASP C 17 22.73 -23.54 -4.81
C ASP C 17 22.03 -23.89 -6.12
N ILE C 18 20.75 -24.23 -6.06
CA ILE C 18 19.98 -24.47 -7.28
C ILE C 18 20.00 -23.23 -8.17
N ALA C 19 19.64 -22.06 -7.61
CA ALA C 19 19.55 -20.85 -8.42
C ALA C 19 20.87 -20.55 -9.10
N HIS C 20 21.98 -20.69 -8.38
CA HIS C 20 23.29 -20.42 -8.96
C HIS C 20 23.66 -21.42 -10.06
N ARG C 21 23.27 -22.68 -9.90
CA ARG C 21 23.60 -23.67 -10.93
C ARG C 21 22.91 -23.33 -12.25
N ILE C 22 21.67 -22.85 -12.18
CA ILE C 22 20.91 -22.57 -13.39
C ILE C 22 21.58 -21.47 -14.20
N VAL C 23 22.11 -20.44 -13.54
CA VAL C 23 22.62 -19.26 -14.23
C VAL C 23 24.15 -19.19 -14.13
N ALA C 24 24.82 -20.32 -13.90
CA ALA C 24 26.27 -20.33 -13.86
C ALA C 24 26.84 -19.76 -15.17
N PRO C 25 28.07 -19.24 -15.13
CA PRO C 25 28.59 -18.50 -16.28
C PRO C 25 28.50 -19.28 -17.57
N GLY C 26 27.97 -18.62 -18.60
CA GLY C 26 27.78 -19.22 -19.91
C GLY C 26 26.48 -19.99 -20.08
N LYS C 27 25.67 -20.12 -19.03
CA LYS C 27 24.46 -20.94 -19.08
C LYS C 27 23.20 -20.08 -19.05
N GLY C 28 22.19 -20.54 -19.79
CA GLY C 28 20.86 -19.97 -19.71
C GLY C 28 19.84 -21.09 -19.71
N ILE C 29 18.58 -20.74 -19.96
CA ILE C 29 17.46 -21.65 -19.82
C ILE C 29 16.79 -21.85 -21.16
N LEU C 30 16.49 -23.10 -21.50
CA LEU C 30 15.57 -23.43 -22.57
C LEU C 30 14.15 -23.40 -22.00
N ALA C 31 13.29 -22.55 -22.55
CA ALA C 31 11.90 -22.43 -22.12
C ALA C 31 11.06 -23.27 -23.08
N ALA C 32 10.78 -24.51 -22.71
CA ALA C 32 10.02 -25.42 -23.56
C ALA C 32 8.66 -25.76 -22.95
N ASP C 33 8.12 -24.85 -22.13
CA ASP C 33 6.97 -25.16 -21.28
C ASP C 33 5.64 -24.71 -21.90
N GLU C 34 5.57 -24.62 -23.22
CA GLU C 34 4.31 -24.32 -23.89
C GLU C 34 3.25 -25.35 -23.54
N SER C 35 2.08 -24.87 -23.12
CA SER C 35 0.94 -25.72 -22.85
C SER C 35 0.39 -26.29 -24.17
N THR C 36 -0.51 -27.26 -24.03
CA THR C 36 -1.04 -27.96 -25.21
C THR C 36 -1.62 -27.00 -26.22
N GLY C 37 -2.39 -26.00 -25.75
CA GLY C 37 -2.96 -25.03 -26.67
C GLY C 37 -1.93 -24.18 -27.37
N SER C 38 -0.84 -23.83 -26.66
CA SER C 38 0.18 -22.96 -27.26
C SER C 38 1.10 -23.75 -28.19
N ILE C 39 1.48 -24.97 -27.81
CA ILE C 39 2.30 -25.77 -28.73
C ILE C 39 1.50 -26.15 -29.96
N ALA C 40 0.17 -26.21 -29.83
CA ALA C 40 -0.68 -26.49 -31.01
C ALA C 40 -0.44 -25.46 -32.10
N LYS C 41 -0.28 -24.19 -31.72
CA LYS C 41 -0.04 -23.14 -32.70
C LYS C 41 1.34 -23.28 -33.34
N ARG C 42 2.34 -23.74 -32.57
CA ARG C 42 3.67 -23.98 -33.13
C ARG C 42 3.62 -25.10 -34.16
N LEU C 43 2.88 -26.18 -33.85
CA LEU C 43 2.83 -27.32 -34.76
C LEU C 43 2.03 -27.02 -36.01
N GLN C 44 0.94 -26.26 -35.87
CA GLN C 44 0.16 -25.87 -37.05
C GLN C 44 1.01 -25.04 -38.02
N SER C 45 1.96 -24.26 -37.51
CA SER C 45 2.81 -23.44 -38.36
C SER C 45 3.77 -24.25 -39.21
N ILE C 46 3.92 -25.55 -38.93
CA ILE C 46 4.72 -26.43 -39.78
C ILE C 46 3.86 -27.60 -40.23
N GLY C 47 2.56 -27.40 -40.29
CA GLY C 47 1.66 -28.41 -40.84
C GLY C 47 1.80 -29.77 -40.19
N THR C 48 1.96 -29.80 -38.86
CA THR C 48 2.10 -31.04 -38.13
C THR C 48 0.94 -31.19 -37.17
N GLU C 49 0.44 -32.42 -37.02
CA GLU C 49 -0.70 -32.68 -36.16
C GLU C 49 -0.31 -32.56 -34.70
N ASN C 50 -1.21 -32.03 -33.88
CA ASN C 50 -0.92 -31.82 -32.45
C ASN C 50 -1.34 -33.06 -31.67
N THR C 51 -0.51 -34.09 -31.77
CA THR C 51 -0.68 -35.32 -31.01
C THR C 51 0.33 -35.37 -29.88
N GLU C 52 0.02 -36.18 -28.86
CA GLU C 52 0.98 -36.35 -27.77
C GLU C 52 2.32 -36.86 -28.28
N GLU C 53 2.31 -37.76 -29.27
CA GLU C 53 3.56 -38.30 -29.78
C GLU C 53 4.37 -37.25 -30.52
N ASN C 54 3.71 -36.37 -31.27
CA ASN C 54 4.45 -35.32 -31.96
C ASN C 54 5.03 -34.32 -30.96
N ARG C 55 4.28 -34.03 -29.89
CA ARG C 55 4.83 -33.19 -28.84
C ARG C 55 6.02 -33.86 -28.17
N ARG C 56 5.89 -35.17 -27.87
CA ARG C 56 6.99 -35.90 -27.27
C ARG C 56 8.20 -35.90 -28.21
N PHE C 57 7.97 -36.16 -29.49
CA PHE C 57 9.08 -36.21 -30.43
C PHE C 57 9.77 -34.85 -30.51
N TYR C 58 9.00 -33.77 -30.54
CA TYR C 58 9.59 -32.44 -30.66
C TYR C 58 10.39 -32.09 -29.40
N ARG C 59 9.81 -32.32 -28.22
CA ARG C 59 10.53 -32.05 -26.99
C ARG C 59 11.77 -32.93 -26.90
N GLN C 60 11.65 -34.21 -27.28
CA GLN C 60 12.80 -35.09 -27.33
C GLN C 60 13.88 -34.51 -28.24
N LEU C 61 13.48 -33.99 -29.39
CA LEU C 61 14.43 -33.40 -30.34
C LEU C 61 15.30 -32.34 -29.66
N LEU C 62 14.68 -31.47 -28.85
CA LEU C 62 15.45 -30.43 -28.17
C LEU C 62 16.30 -31.00 -27.05
N LEU C 63 15.72 -31.88 -26.23
CA LEU C 63 16.39 -32.31 -25.00
C LEU C 63 17.56 -33.24 -25.28
N THR C 64 17.54 -33.99 -26.39
CA THR C 64 18.57 -34.96 -26.68
C THR C 64 19.61 -34.44 -27.69
N ALA C 65 19.65 -33.12 -27.92
CA ALA C 65 20.68 -32.56 -28.78
C ALA C 65 22.07 -32.92 -28.24
N ASP C 66 23.05 -32.90 -29.14
CA ASP C 66 24.37 -33.43 -28.78
C ASP C 66 24.99 -32.58 -27.67
N ASP C 67 26.10 -33.09 -27.10
CA ASP C 67 26.70 -32.58 -25.88
C ASP C 67 27.27 -31.17 -26.01
N ARG C 68 27.27 -30.58 -27.20
CA ARG C 68 27.69 -29.19 -27.33
C ARG C 68 26.78 -28.26 -26.54
N VAL C 69 25.52 -28.64 -26.32
CA VAL C 69 24.62 -27.75 -25.58
C VAL C 69 24.86 -27.82 -24.08
N ASN C 70 25.56 -28.84 -23.59
CA ASN C 70 25.68 -29.04 -22.15
C ASN C 70 26.20 -27.82 -21.41
N PRO C 71 27.32 -27.20 -21.81
CA PRO C 71 27.76 -25.99 -21.11
C PRO C 71 26.89 -24.77 -21.40
N CYS C 72 25.94 -24.86 -22.33
CA CYS C 72 25.06 -23.75 -22.67
C CYS C 72 23.76 -23.72 -21.87
N ILE C 73 23.28 -24.88 -21.44
CA ILE C 73 21.95 -25.01 -20.89
C ILE C 73 22.08 -25.34 -19.41
N GLY C 74 21.80 -24.34 -18.57
CA GLY C 74 21.77 -24.55 -17.14
C GLY C 74 20.42 -25.06 -16.66
N GLY C 75 19.37 -24.80 -17.42
CA GLY C 75 18.04 -25.22 -17.00
C GLY C 75 17.11 -25.40 -18.19
N VAL C 76 16.07 -26.22 -17.97
CA VAL C 76 15.05 -26.47 -18.98
C VAL C 76 13.69 -26.38 -18.29
N ILE C 77 12.83 -25.50 -18.76
CA ILE C 77 11.46 -25.39 -18.24
C ILE C 77 10.56 -26.31 -19.05
N LEU C 78 9.85 -27.20 -18.35
CA LEU C 78 8.92 -28.14 -18.96
C LEU C 78 7.47 -27.81 -18.61
N PHE C 79 6.58 -28.16 -19.53
CA PHE C 79 5.16 -28.29 -19.23
C PHE C 79 4.89 -29.62 -18.53
N HIS C 80 3.82 -29.65 -17.72
CA HIS C 80 3.49 -30.81 -16.91
C HIS C 80 3.60 -32.13 -17.69
N GLU C 81 2.92 -32.20 -18.83
CA GLU C 81 2.92 -33.43 -19.64
C GLU C 81 4.33 -33.93 -19.90
N THR C 82 5.23 -33.01 -20.28
CA THR C 82 6.57 -33.39 -20.70
C THR C 82 7.40 -33.92 -19.55
N LEU C 83 7.19 -33.41 -18.33
CA LEU C 83 7.93 -33.90 -17.17
C LEU C 83 7.76 -35.39 -16.97
N TYR C 84 6.66 -35.98 -17.46
CA TYR C 84 6.37 -37.40 -17.26
C TYR C 84 6.45 -38.20 -18.55
N GLN C 85 7.05 -37.64 -19.59
CA GLN C 85 7.32 -38.37 -20.82
C GLN C 85 8.75 -38.91 -20.83
N LYS C 86 9.00 -39.83 -21.76
CA LYS C 86 10.27 -40.51 -21.83
C LYS C 86 10.85 -40.43 -23.25
N ALA C 87 12.17 -40.44 -23.32
CA ALA C 87 12.85 -40.55 -24.59
C ALA C 87 12.68 -41.97 -25.14
N ASP C 88 13.11 -42.14 -26.40
CA ASP C 88 12.96 -43.43 -27.07
C ASP C 88 13.69 -44.55 -26.32
N ASP C 89 14.82 -44.25 -25.68
CA ASP C 89 15.56 -45.24 -24.91
C ASP C 89 14.90 -45.54 -23.56
N GLY C 90 13.72 -44.99 -23.26
CA GLY C 90 13.05 -45.23 -22.01
C GLY C 90 13.41 -44.30 -20.87
N ARG C 91 14.38 -43.40 -21.07
CA ARG C 91 14.78 -42.50 -20.00
C ARG C 91 13.74 -41.41 -19.80
N PRO C 92 13.29 -41.16 -18.58
CA PRO C 92 12.48 -39.96 -18.32
C PRO C 92 13.21 -38.71 -18.78
N PHE C 93 12.44 -37.76 -19.33
CA PHE C 93 13.06 -36.52 -19.80
C PHE C 93 13.80 -35.77 -18.70
N PRO C 94 13.34 -35.77 -17.43
CA PRO C 94 14.15 -35.11 -16.39
C PRO C 94 15.51 -35.74 -16.22
N GLN C 95 15.60 -37.07 -16.35
CA GLN C 95 16.90 -37.72 -16.26
C GLN C 95 17.78 -37.35 -17.45
N VAL C 96 17.19 -37.25 -18.63
CA VAL C 96 17.93 -36.80 -19.81
C VAL C 96 18.54 -35.43 -19.55
N ILE C 97 17.72 -34.49 -19.06
CA ILE C 97 18.17 -33.12 -18.81
C ILE C 97 19.30 -33.12 -17.80
N LYS C 98 19.12 -33.84 -16.68
CA LYS C 98 20.11 -33.86 -15.62
C LYS C 98 21.42 -34.47 -16.10
N SER C 99 21.34 -35.55 -16.87
CA SER C 99 22.55 -36.21 -17.34
C SER C 99 23.38 -35.31 -18.23
N LYS C 100 22.76 -34.29 -18.82
CA LYS C 100 23.47 -33.29 -19.62
C LYS C 100 23.84 -32.05 -18.80
N GLY C 101 23.71 -32.10 -17.49
CA GLY C 101 24.10 -31.01 -16.63
C GLY C 101 23.07 -29.94 -16.42
N GLY C 102 21.83 -30.15 -16.84
CA GLY C 102 20.79 -29.16 -16.69
C GLY C 102 19.95 -29.40 -15.45
N VAL C 103 19.39 -28.32 -14.92
CA VAL C 103 18.39 -28.39 -13.86
C VAL C 103 17.01 -28.43 -14.52
N VAL C 104 16.10 -29.24 -13.95
CA VAL C 104 14.76 -29.40 -14.49
C VAL C 104 13.82 -28.39 -13.86
N GLY C 105 13.07 -27.68 -14.69
CA GLY C 105 12.07 -26.72 -14.23
C GLY C 105 10.68 -27.14 -14.65
N ILE C 106 9.68 -26.65 -13.90
CA ILE C 106 8.28 -26.94 -14.19
C ILE C 106 7.49 -25.64 -14.14
N LYS C 107 6.66 -25.42 -15.16
CA LYS C 107 5.75 -24.29 -15.16
C LYS C 107 4.49 -24.68 -14.38
N VAL C 108 4.12 -23.84 -13.41
CA VAL C 108 3.05 -24.19 -12.48
C VAL C 108 1.86 -23.26 -12.53
N ASP C 109 1.90 -22.15 -13.29
CA ASP C 109 0.72 -21.30 -13.37
C ASP C 109 -0.35 -21.95 -14.24
N LYS C 110 -1.59 -21.51 -14.05
CA LYS C 110 -2.73 -22.01 -14.82
C LYS C 110 -3.32 -20.93 -15.72
N GLY C 111 -2.47 -20.05 -16.26
CA GLY C 111 -2.86 -19.10 -17.28
C GLY C 111 -3.45 -17.83 -16.70
N VAL C 112 -3.68 -16.86 -17.59
CA VAL C 112 -4.20 -15.55 -17.17
C VAL C 112 -5.72 -15.59 -17.08
N VAL C 113 -6.25 -14.64 -16.30
CA VAL C 113 -7.70 -14.42 -16.20
C VAL C 113 -7.96 -12.93 -16.13
N PRO C 114 -9.11 -12.50 -16.64
CA PRO C 114 -9.37 -11.06 -16.73
C PRO C 114 -9.62 -10.42 -15.37
N LEU C 115 -9.10 -9.21 -15.19
CA LEU C 115 -9.40 -8.39 -14.02
C LEU C 115 -10.58 -7.48 -14.33
N ALA C 116 -11.70 -7.72 -13.66
CA ALA C 116 -12.89 -6.91 -13.90
C ALA C 116 -12.62 -5.45 -13.57
N GLY C 117 -13.25 -4.56 -14.33
CA GLY C 117 -13.07 -3.14 -14.12
C GLY C 117 -11.81 -2.55 -14.68
N THR C 118 -11.06 -3.30 -15.47
CA THR C 118 -9.84 -2.81 -16.10
C THR C 118 -10.02 -2.80 -17.61
N ASN C 119 -9.08 -2.13 -18.27
CA ASN C 119 -9.06 -2.04 -19.73
C ASN C 119 -8.32 -3.25 -20.29
N GLY C 120 -8.96 -4.41 -20.17
CA GLY C 120 -8.43 -5.64 -20.73
C GLY C 120 -7.23 -6.21 -19.99
N GLU C 121 -7.05 -5.89 -18.71
CA GLU C 121 -5.91 -6.37 -17.97
C GLU C 121 -6.21 -7.70 -17.29
N THR C 122 -5.14 -8.43 -16.97
CA THR C 122 -5.25 -9.76 -16.40
C THR C 122 -4.44 -9.86 -15.12
N THR C 123 -4.78 -10.88 -14.35
CA THR C 123 -3.89 -11.51 -13.39
C THR C 123 -3.74 -12.97 -13.80
N THR C 124 -3.01 -13.72 -13.00
CA THR C 124 -2.71 -15.12 -13.28
C THR C 124 -3.20 -16.00 -12.15
N GLN C 125 -3.75 -17.16 -12.50
CA GLN C 125 -4.26 -18.10 -11.52
C GLN C 125 -3.31 -19.29 -11.44
N GLY C 126 -3.52 -20.12 -10.41
CA GLY C 126 -2.71 -21.31 -10.21
C GLY C 126 -2.25 -21.61 -8.79
N LEU C 127 -2.71 -20.84 -7.80
CA LEU C 127 -2.25 -21.06 -6.42
C LEU C 127 -2.89 -22.27 -5.75
N ASP C 128 -4.08 -22.68 -6.19
CA ASP C 128 -4.83 -23.68 -5.44
C ASP C 128 -4.11 -25.03 -5.50
N GLY C 129 -3.87 -25.61 -4.32
CA GLY C 129 -3.17 -26.87 -4.27
C GLY C 129 -1.74 -26.80 -4.74
N LEU C 130 -1.17 -25.59 -4.84
CA LEU C 130 0.16 -25.44 -5.42
C LEU C 130 1.23 -26.10 -4.54
N SER C 131 1.10 -26.03 -3.23
CA SER C 131 2.11 -26.62 -2.36
C SER C 131 2.23 -28.12 -2.59
N GLU C 132 1.09 -28.81 -2.67
CA GLU C 132 1.12 -30.25 -2.93
C GLU C 132 1.69 -30.55 -4.31
N ARG C 133 1.35 -29.74 -5.32
CA ARG C 133 1.93 -29.92 -6.65
C ARG C 133 3.44 -29.75 -6.63
N CYS C 134 3.95 -28.72 -5.93
CA CYS C 134 5.39 -28.50 -5.86
C CYS C 134 6.10 -29.65 -5.17
N ALA C 135 5.55 -30.15 -4.06
CA ALA C 135 6.15 -31.30 -3.40
C ALA C 135 6.22 -32.50 -4.34
N GLN C 136 5.16 -32.73 -5.12
CA GLN C 136 5.17 -33.83 -6.07
C GLN C 136 6.19 -33.59 -7.17
N TYR C 137 6.24 -32.38 -7.70
CA TYR C 137 7.19 -32.06 -8.77
C TYR C 137 8.64 -32.19 -8.30
N LYS C 138 8.90 -31.75 -7.07
CA LYS C 138 10.22 -31.91 -6.48
C LYS C 138 10.61 -33.38 -6.42
N LYS C 139 9.71 -34.21 -5.91
CA LYS C 139 9.88 -35.67 -5.92
C LYS C 139 10.24 -36.17 -7.31
N ASP C 140 9.54 -35.68 -8.32
CA ASP C 140 9.65 -36.20 -9.67
C ASP C 140 10.75 -35.51 -10.48
N GLY C 141 11.65 -34.78 -9.82
CA GLY C 141 12.89 -34.34 -10.42
C GLY C 141 13.00 -32.85 -10.73
N ALA C 142 11.96 -32.05 -10.44
CA ALA C 142 12.03 -30.61 -10.70
C ALA C 142 12.65 -29.89 -9.52
N ASP C 143 13.51 -28.89 -9.82
CA ASP C 143 14.15 -28.08 -8.80
C ASP C 143 13.85 -26.59 -8.92
N PHE C 144 13.26 -26.13 -10.03
CA PHE C 144 12.78 -24.75 -10.12
C PHE C 144 11.45 -24.72 -10.84
N ALA C 145 10.78 -23.58 -10.75
CA ALA C 145 9.43 -23.42 -11.30
C ALA C 145 9.34 -22.10 -12.04
N LYS C 146 8.27 -21.96 -12.81
CA LYS C 146 7.99 -20.75 -13.57
C LYS C 146 6.53 -20.39 -13.40
N TRP C 147 6.29 -19.08 -13.23
CA TRP C 147 4.95 -18.51 -13.16
C TRP C 147 4.95 -17.22 -13.98
N ARG C 148 4.05 -17.12 -14.97
CA ARG C 148 4.02 -16.00 -15.89
C ARG C 148 2.82 -15.09 -15.61
N CYS C 149 3.11 -13.84 -15.26
CA CYS C 149 2.15 -12.76 -15.27
C CYS C 149 2.38 -11.89 -16.49
N VAL C 150 1.30 -11.27 -16.98
CA VAL C 150 1.32 -10.53 -18.23
C VAL C 150 0.69 -9.16 -18.01
N LEU C 151 1.43 -8.11 -18.37
CA LEU C 151 0.97 -6.74 -18.27
C LEU C 151 1.10 -6.06 -19.63
N LYS C 152 0.34 -5.00 -19.83
CA LYS C 152 0.26 -4.35 -21.13
C LYS C 152 0.42 -2.85 -20.97
N ILE C 153 1.17 -2.25 -21.88
CA ILE C 153 1.35 -0.80 -21.92
C ILE C 153 0.29 -0.23 -22.85
N GLY C 154 -0.57 0.63 -22.31
CA GLY C 154 -1.65 1.19 -23.06
C GLY C 154 -2.11 2.47 -22.41
N GLU C 155 -3.25 2.90 -22.86
CA GLU C 155 -3.87 4.10 -22.38
C GLU C 155 -3.75 4.27 -20.87
N HIS C 156 -4.47 3.45 -20.19
CA HIS C 156 -4.57 3.43 -18.73
C HIS C 156 -3.97 2.16 -18.13
N THR C 157 -2.96 1.58 -18.80
CA THR C 157 -2.39 0.31 -18.36
C THR C 157 -0.86 0.37 -18.45
N PRO C 158 -0.17 -0.32 -17.54
CA PRO C 158 -0.73 -1.14 -16.46
C PRO C 158 -1.28 -0.30 -15.33
N SER C 159 -2.48 -0.63 -14.87
CA SER C 159 -3.12 0.12 -13.80
C SER C 159 -2.51 -0.24 -12.45
N ALA C 160 -2.79 0.61 -11.46
CA ALA C 160 -2.36 0.32 -10.10
C ALA C 160 -2.85 -1.05 -9.63
N LEU C 161 -4.13 -1.35 -9.88
CA LEU C 161 -4.68 -2.66 -9.50
C LEU C 161 -3.89 -3.79 -10.15
N ALA C 162 -3.71 -3.72 -11.47
CA ALA C 162 -3.01 -4.80 -12.19
C ALA C 162 -1.60 -4.98 -11.68
N ILE C 163 -0.88 -3.88 -11.45
CA ILE C 163 0.48 -3.99 -10.92
C ILE C 163 0.46 -4.63 -9.55
N MET C 164 -0.38 -4.12 -8.65
N MET C 164 -0.38 -4.12 -8.65
CA MET C 164 -0.40 -4.63 -7.28
CA MET C 164 -0.42 -4.62 -7.27
C MET C 164 -0.80 -6.09 -7.24
C MET C 164 -0.81 -6.09 -7.25
N GLU C 165 -1.86 -6.46 -7.99
CA GLU C 165 -2.37 -7.83 -7.91
C GLU C 165 -1.39 -8.84 -8.53
N ASN C 166 -0.80 -8.52 -9.66
CA ASN C 166 0.16 -9.44 -10.27
C ASN C 166 1.40 -9.60 -9.40
N ALA C 167 1.89 -8.51 -8.80
CA ALA C 167 3.02 -8.62 -7.87
C ALA C 167 2.66 -9.50 -6.68
N ASN C 168 1.45 -9.34 -6.14
CA ASN C 168 1.03 -10.13 -4.99
C ASN C 168 0.96 -11.61 -5.32
N VAL C 169 0.38 -11.97 -6.46
CA VAL C 169 0.22 -13.39 -6.79
C VAL C 169 1.58 -14.02 -7.07
N LEU C 170 2.49 -13.26 -7.70
CA LEU C 170 3.86 -13.73 -7.88
C LEU C 170 4.53 -14.03 -6.54
N ALA C 171 4.30 -13.18 -5.54
CA ALA C 171 4.92 -13.39 -4.23
C ALA C 171 4.33 -14.61 -3.52
N ARG C 172 3.02 -14.83 -3.63
CA ARG C 172 2.40 -16.03 -3.06
C ARG C 172 3.00 -17.29 -3.70
N TYR C 173 3.11 -17.28 -5.04
CA TYR C 173 3.70 -18.42 -5.75
C TYR C 173 5.14 -18.66 -5.33
N ALA C 174 5.92 -17.59 -5.19
CA ALA C 174 7.31 -17.73 -4.79
C ALA C 174 7.42 -18.29 -3.39
N SER C 175 6.52 -17.86 -2.50
CA SER C 175 6.56 -18.34 -1.12
C SER C 175 6.27 -19.83 -1.05
N ILE C 176 5.24 -20.29 -1.77
CA ILE C 176 4.88 -21.71 -1.77
C ILE C 176 6.01 -22.55 -2.36
N CYS C 177 6.60 -22.10 -3.47
CA CYS C 177 7.73 -22.81 -4.07
C CYS C 177 8.85 -23.01 -3.07
N GLN C 178 9.26 -21.94 -2.38
CA GLN C 178 10.42 -22.04 -1.52
C GLN C 178 10.15 -22.93 -0.32
N GLN C 179 8.90 -23.04 0.10
CA GLN C 179 8.57 -23.99 1.17
C GLN C 179 8.79 -25.43 0.72
N ASN C 180 8.85 -25.71 -0.57
CA ASN C 180 8.95 -27.07 -1.08
C ASN C 180 10.27 -27.34 -1.79
N GLY C 181 11.30 -26.53 -1.50
CA GLY C 181 12.61 -26.74 -2.11
C GLY C 181 12.71 -26.38 -3.58
N ILE C 182 11.77 -25.60 -4.10
CA ILE C 182 11.72 -25.24 -5.51
C ILE C 182 12.11 -23.76 -5.65
N VAL C 183 13.04 -23.47 -6.51
CA VAL C 183 13.45 -22.13 -6.78
C VAL C 183 12.44 -21.52 -7.74
N PRO C 184 11.81 -20.40 -7.25
CA PRO C 184 10.88 -19.76 -8.20
C PRO C 184 11.47 -18.74 -9.17
N ILE C 185 11.11 -18.89 -10.42
CA ILE C 185 11.40 -17.91 -11.42
C ILE C 185 10.17 -16.96 -11.46
N VAL C 186 10.38 -15.72 -11.13
CA VAL C 186 9.33 -14.70 -11.09
C VAL C 186 9.31 -14.03 -12.45
N GLU C 187 8.21 -14.17 -13.19
CA GLU C 187 8.10 -13.62 -14.55
C GLU C 187 6.99 -12.58 -14.65
N PRO C 188 7.30 -11.30 -14.49
CA PRO C 188 6.31 -10.25 -14.73
C PRO C 188 6.51 -9.66 -16.13
N GLU C 189 5.90 -10.26 -17.15
CA GLU C 189 6.18 -9.86 -18.52
C GLU C 189 5.35 -8.62 -18.87
N ILE C 190 6.03 -7.60 -19.34
CA ILE C 190 5.40 -6.45 -19.95
C ILE C 190 5.47 -6.65 -21.46
N LEU C 191 4.30 -6.79 -22.09
CA LEU C 191 4.27 -7.08 -23.52
C LEU C 191 4.83 -5.90 -24.32
N PRO C 192 5.41 -6.18 -25.49
CA PRO C 192 5.87 -5.09 -26.37
C PRO C 192 4.79 -4.53 -27.29
N ASP C 193 3.54 -4.97 -27.14
N ASP C 193 3.54 -4.96 -27.15
CA ASP C 193 2.45 -4.48 -27.97
CA ASP C 193 2.48 -4.50 -28.03
C ASP C 193 2.29 -2.97 -27.81
C ASP C 193 2.21 -3.01 -27.81
N GLY C 194 2.08 -2.28 -28.91
CA GLY C 194 1.76 -0.86 -28.90
C GLY C 194 2.81 -0.04 -29.60
N ASP C 195 2.56 1.28 -29.63
CA ASP C 195 3.46 2.21 -30.30
C ASP C 195 4.26 3.06 -29.33
N HIS C 196 4.32 2.68 -28.05
CA HIS C 196 5.10 3.41 -27.07
C HIS C 196 6.59 3.36 -27.41
N ASP C 197 7.34 4.34 -26.91
CA ASP C 197 8.76 4.40 -27.21
C ASP C 197 9.59 3.70 -26.12
N LEU C 198 10.91 3.76 -26.28
CA LEU C 198 11.81 3.04 -25.37
C LEU C 198 11.70 3.53 -23.94
N LYS C 199 11.65 4.86 -23.74
CA LYS C 199 11.66 5.35 -22.37
C LYS C 199 10.33 5.08 -21.65
N ARG C 200 9.22 4.97 -22.40
CA ARG C 200 7.98 4.54 -21.76
C ARG C 200 8.08 3.09 -21.26
N CYS C 201 8.64 2.20 -22.08
CA CYS C 201 8.85 0.83 -21.61
C CYS C 201 9.75 0.82 -20.38
N GLN C 202 10.81 1.62 -20.39
CA GLN C 202 11.73 1.67 -19.25
C GLN C 202 11.02 2.14 -17.98
N TYR C 203 10.20 3.18 -18.12
CA TYR C 203 9.44 3.70 -16.98
C TYR C 203 8.53 2.62 -16.40
N VAL C 204 7.71 1.99 -17.25
CA VAL C 204 6.76 0.97 -16.79
C VAL C 204 7.50 -0.22 -16.18
N THR C 205 8.60 -0.65 -16.82
CA THR C 205 9.38 -1.76 -16.27
C THR C 205 9.90 -1.43 -14.88
N GLU C 206 10.42 -0.20 -14.69
CA GLU C 206 10.89 0.21 -13.37
C GLU C 206 9.77 0.17 -12.34
N LYS C 207 8.58 0.66 -12.70
CA LYS C 207 7.48 0.69 -11.73
C LYS C 207 6.99 -0.72 -11.40
N VAL C 208 6.94 -1.59 -12.41
CA VAL C 208 6.51 -2.97 -12.19
C VAL C 208 7.49 -3.71 -11.29
N LEU C 209 8.78 -3.59 -11.59
CA LEU C 209 9.78 -4.32 -10.81
C LEU C 209 9.88 -3.79 -9.38
N ALA C 210 9.67 -2.49 -9.17
CA ALA C 210 9.67 -1.98 -7.79
C ALA C 210 8.52 -2.61 -7.01
N ALA C 211 7.36 -2.78 -7.64
CA ALA C 211 6.21 -3.40 -6.97
C ALA C 211 6.45 -4.87 -6.73
N VAL C 212 7.08 -5.56 -7.68
CA VAL C 212 7.39 -6.97 -7.51
C VAL C 212 8.27 -7.18 -6.29
N TYR C 213 9.34 -6.38 -6.15
CA TYR C 213 10.27 -6.65 -5.05
C TYR C 213 9.74 -6.16 -3.72
N LYS C 214 8.92 -5.11 -3.68
CA LYS C 214 8.22 -4.80 -2.43
C LYS C 214 7.30 -5.96 -2.02
N ALA C 215 6.55 -6.53 -2.98
CA ALA C 215 5.69 -7.68 -2.66
C ALA C 215 6.52 -8.87 -2.16
N LEU C 216 7.64 -9.17 -2.83
CA LEU C 216 8.47 -10.28 -2.39
C LEU C 216 9.00 -10.05 -0.97
N SER C 217 9.33 -8.79 -0.65
CA SER C 217 9.71 -8.46 0.73
C SER C 217 8.56 -8.70 1.69
N ASP C 218 7.37 -8.17 1.37
CA ASP C 218 6.22 -8.34 2.27
C ASP C 218 5.92 -9.81 2.54
N HIS C 219 6.14 -10.69 1.57
CA HIS C 219 5.84 -12.11 1.72
C HIS C 219 7.05 -12.93 2.17
N HIS C 220 8.14 -12.26 2.59
CA HIS C 220 9.31 -12.90 3.21
C HIS C 220 10.03 -13.85 2.23
N ILE C 221 10.11 -13.44 0.96
CA ILE C 221 10.79 -14.25 -0.05
C ILE C 221 12.31 -14.15 0.10
N TYR C 222 12.98 -15.29 -0.05
CA TYR C 222 14.44 -15.38 -0.01
C TYR C 222 15.00 -15.12 -1.41
N LEU C 223 15.53 -13.91 -1.63
CA LEU C 223 15.82 -13.47 -2.99
C LEU C 223 16.96 -14.26 -3.60
N GLU C 224 17.95 -14.65 -2.78
CA GLU C 224 19.05 -15.44 -3.29
C GLU C 224 18.60 -16.77 -3.86
N GLY C 225 17.42 -17.24 -3.45
CA GLY C 225 16.85 -18.46 -3.99
C GLY C 225 15.76 -18.17 -5.00
N THR C 226 15.89 -17.08 -5.75
CA THR C 226 14.96 -16.73 -6.82
C THR C 226 15.73 -16.34 -8.06
N LEU C 227 15.02 -16.36 -9.18
CA LEU C 227 15.46 -15.75 -10.43
C LEU C 227 14.36 -14.83 -10.92
N LEU C 228 14.75 -13.86 -11.74
CA LEU C 228 13.82 -12.93 -12.37
C LEU C 228 13.82 -13.19 -13.88
N LYS C 229 12.62 -13.27 -14.46
CA LYS C 229 12.46 -13.40 -15.91
C LYS C 229 11.68 -12.21 -16.43
N PRO C 230 12.35 -11.08 -16.73
CA PRO C 230 11.63 -9.92 -17.24
C PRO C 230 11.73 -9.79 -18.74
N ASN C 231 10.90 -8.92 -19.29
CA ASN C 231 11.15 -8.40 -20.63
C ASN C 231 12.43 -7.59 -20.64
N MET C 232 13.11 -7.61 -21.79
CA MET C 232 14.04 -6.54 -22.05
C MET C 232 13.25 -5.26 -22.24
N VAL C 233 13.91 -4.13 -22.01
CA VAL C 233 13.29 -2.83 -22.24
C VAL C 233 13.49 -2.51 -23.72
N THR C 234 12.39 -2.44 -24.46
CA THR C 234 12.43 -2.19 -25.90
C THR C 234 11.30 -1.23 -26.24
N PRO C 235 11.38 -0.56 -27.38
CA PRO C 235 10.20 0.16 -27.89
C PRO C 235 9.08 -0.83 -28.18
N GLY C 236 7.86 -0.31 -28.24
CA GLY C 236 6.74 -1.12 -28.68
C GLY C 236 6.92 -1.60 -30.11
N HIS C 237 6.24 -2.70 -30.43
CA HIS C 237 6.36 -3.26 -31.77
C HIS C 237 5.99 -2.25 -32.84
N ALA C 238 5.03 -1.37 -32.56
CA ALA C 238 4.54 -0.43 -33.55
C ALA C 238 5.21 0.94 -33.44
N CYS C 239 6.25 1.07 -32.61
CA CYS C 239 6.94 2.36 -32.48
C CYS C 239 7.67 2.69 -33.78
N THR C 240 7.57 3.96 -34.20
CA THR C 240 8.20 4.39 -35.44
C THR C 240 9.66 4.79 -35.27
N GLN C 241 10.00 5.29 -34.08
CA GLN C 241 11.39 5.60 -33.78
C GLN C 241 12.21 4.32 -33.67
N LYS C 242 13.45 4.37 -34.17
CA LYS C 242 14.34 3.23 -34.15
C LYS C 242 15.46 3.46 -33.13
N TYR C 243 15.94 2.35 -32.57
CA TYR C 243 16.94 2.36 -31.50
C TYR C 243 18.01 1.32 -31.78
N SER C 244 19.23 1.63 -31.33
CA SER C 244 20.34 0.71 -31.42
C SER C 244 20.26 -0.35 -30.33
N HIS C 245 21.00 -1.44 -30.52
CA HIS C 245 21.11 -2.45 -29.48
C HIS C 245 21.76 -1.90 -28.23
N GLU C 246 22.69 -0.95 -28.39
CA GLU C 246 23.32 -0.34 -27.24
C GLU C 246 22.32 0.46 -26.41
N GLU C 247 21.36 1.12 -27.06
CA GLU C 247 20.33 1.86 -26.34
C GLU C 247 19.36 0.91 -25.65
N ILE C 248 18.97 -0.18 -26.31
CA ILE C 248 18.14 -1.19 -25.65
C ILE C 248 18.86 -1.75 -24.44
N ALA C 249 20.16 -2.04 -24.59
CA ALA C 249 20.93 -2.58 -23.47
C ALA C 249 20.99 -1.60 -22.31
N MET C 250 21.27 -0.33 -22.61
N MET C 250 21.28 -0.33 -22.62
CA MET C 250 21.41 0.68 -21.57
CA MET C 250 21.39 0.68 -21.58
C MET C 250 20.08 0.88 -20.83
C MET C 250 20.07 0.86 -20.83
N ALA C 251 18.98 1.00 -21.58
CA ALA C 251 17.67 1.12 -20.95
C ALA C 251 17.35 -0.09 -20.08
N THR C 252 17.69 -1.29 -20.56
CA THR C 252 17.41 -2.52 -19.80
C THR C 252 18.23 -2.58 -18.51
N VAL C 253 19.56 -2.41 -18.62
CA VAL C 253 20.41 -2.51 -17.46
C VAL C 253 20.10 -1.39 -16.47
N THR C 254 19.77 -0.20 -16.96
CA THR C 254 19.40 0.88 -16.07
C THR C 254 18.15 0.53 -15.26
N ALA C 255 17.09 0.04 -15.94
CA ALA C 255 15.86 -0.31 -15.24
C ALA C 255 16.12 -1.34 -14.15
N LEU C 256 16.93 -2.36 -14.47
CA LEU C 256 17.23 -3.41 -13.49
C LEU C 256 18.06 -2.85 -12.33
N ARG C 257 19.04 -2.00 -12.61
CA ARG C 257 19.88 -1.45 -11.56
C ARG C 257 19.06 -0.58 -10.61
N ARG C 258 17.97 0.00 -11.09
CA ARG C 258 17.13 0.87 -10.26
C ARG C 258 16.12 0.10 -9.41
N THR C 259 15.98 -1.22 -9.59
CA THR C 259 14.89 -1.96 -8.97
C THR C 259 15.27 -3.32 -8.42
N VAL C 260 16.26 -4.04 -8.97
CA VAL C 260 16.49 -5.44 -8.62
C VAL C 260 17.60 -5.48 -7.57
N PRO C 261 17.33 -5.91 -6.35
CA PRO C 261 18.39 -6.00 -5.33
C PRO C 261 19.51 -6.94 -5.77
N PRO C 262 20.75 -6.63 -5.42
CA PRO C 262 21.86 -7.51 -5.83
C PRO C 262 21.77 -8.91 -5.27
N ALA C 263 20.97 -9.15 -4.23
CA ALA C 263 20.80 -10.50 -3.71
C ALA C 263 20.10 -11.43 -4.69
N VAL C 264 19.36 -10.89 -5.66
CA VAL C 264 18.77 -11.75 -6.69
C VAL C 264 19.90 -12.41 -7.46
N THR C 265 19.81 -13.73 -7.59
CA THR C 265 20.94 -14.50 -8.13
C THR C 265 21.09 -14.30 -9.64
N GLY C 266 20.00 -14.16 -10.37
CA GLY C 266 20.12 -14.00 -11.81
C GLY C 266 18.86 -13.48 -12.45
N VAL C 267 19.06 -12.89 -13.62
CA VAL C 267 18.01 -12.38 -14.48
C VAL C 267 18.07 -13.18 -15.77
N THR C 268 16.98 -13.84 -16.13
CA THR C 268 16.91 -14.69 -17.31
C THR C 268 15.86 -14.09 -18.24
N PHE C 269 16.28 -13.36 -19.27
CA PHE C 269 15.37 -12.59 -20.09
C PHE C 269 14.50 -13.48 -20.97
N LEU C 270 13.24 -13.08 -21.14
CA LEU C 270 12.38 -13.67 -22.15
C LEU C 270 12.66 -13.04 -23.50
N SER C 271 12.45 -13.81 -24.58
CA SER C 271 12.70 -13.30 -25.92
C SER C 271 11.48 -12.64 -26.53
N GLY C 272 10.28 -12.95 -26.05
CA GLY C 272 9.09 -12.27 -26.54
C GLY C 272 8.93 -12.47 -28.04
N GLY C 273 8.79 -11.37 -28.77
CA GLY C 273 8.66 -11.41 -30.21
C GLY C 273 9.95 -11.21 -30.99
N GLN C 274 11.09 -11.21 -30.31
CA GLN C 274 12.36 -11.00 -30.99
C GLN C 274 12.74 -12.21 -31.82
N SER C 275 13.38 -11.96 -32.96
CA SER C 275 13.98 -13.03 -33.75
C SER C 275 15.13 -13.68 -32.98
N GLU C 276 15.58 -14.83 -33.50
CA GLU C 276 16.68 -15.55 -32.87
C GLU C 276 17.92 -14.67 -32.76
N GLU C 277 18.30 -14.02 -33.85
CA GLU C 277 19.52 -13.22 -33.86
C GLU C 277 19.36 -11.96 -33.03
N GLU C 278 18.24 -11.27 -33.18
CA GLU C 278 17.97 -10.07 -32.38
C GLU C 278 18.05 -10.37 -30.88
N ALA C 279 17.51 -11.50 -30.45
CA ALA C 279 17.57 -11.83 -29.03
C ALA C 279 19.00 -12.10 -28.57
N SER C 280 19.84 -12.67 -29.44
CA SER C 280 21.22 -12.92 -29.08
C SER C 280 22.02 -11.63 -29.04
N ILE C 281 21.85 -10.78 -30.06
CA ILE C 281 22.56 -9.51 -30.11
C ILE C 281 22.20 -8.65 -28.91
N ASN C 282 20.91 -8.58 -28.57
CA ASN C 282 20.49 -7.74 -27.45
C ASN C 282 21.06 -8.24 -26.13
N LEU C 283 21.01 -9.57 -25.91
CA LEU C 283 21.55 -10.14 -24.69
C LEU C 283 23.04 -9.86 -24.59
N ASN C 284 23.74 -9.94 -25.72
CA ASN C 284 25.17 -9.69 -25.73
C ASN C 284 25.48 -8.23 -25.42
N ALA C 285 24.70 -7.30 -25.99
CA ALA C 285 24.85 -5.89 -25.69
C ALA C 285 24.53 -5.60 -24.22
N ILE C 286 23.52 -6.27 -23.67
CA ILE C 286 23.22 -6.11 -22.25
C ILE C 286 24.44 -6.50 -21.41
N ASN C 287 25.10 -7.60 -21.77
CA ASN C 287 26.26 -8.04 -21.01
C ASN C 287 27.49 -7.17 -21.26
N LYS C 288 27.57 -6.46 -22.39
CA LYS C 288 28.67 -5.54 -22.64
C LYS C 288 28.42 -4.14 -22.08
N CYS C 289 27.19 -3.84 -21.66
CA CYS C 289 26.88 -2.54 -21.12
C CYS C 289 27.84 -2.20 -19.99
N PRO C 290 28.51 -1.04 -20.02
CA PRO C 290 29.60 -0.79 -19.07
C PRO C 290 29.16 -0.60 -17.61
N LEU C 291 27.87 -0.51 -17.32
CA LEU C 291 27.41 -0.29 -15.96
C LEU C 291 27.61 -1.54 -15.11
N LEU C 292 27.67 -1.35 -13.80
CA LEU C 292 27.84 -2.46 -12.89
C LEU C 292 26.54 -3.27 -12.79
N LYS C 293 26.66 -4.59 -12.92
CA LYS C 293 25.52 -5.50 -13.01
C LYS C 293 25.76 -6.64 -12.01
N PRO C 294 25.14 -6.59 -10.83
CA PRO C 294 25.52 -7.55 -9.77
C PRO C 294 24.76 -8.87 -9.81
N TRP C 295 24.17 -9.21 -10.93
CA TRP C 295 23.48 -10.47 -11.09
C TRP C 295 23.83 -11.04 -12.46
N ALA C 296 23.75 -12.37 -12.58
CA ALA C 296 23.88 -12.98 -13.89
C ALA C 296 22.81 -12.43 -14.80
N LEU C 297 23.18 -12.17 -16.05
CA LEU C 297 22.28 -11.63 -17.07
C LEU C 297 22.30 -12.61 -18.23
N THR C 298 21.30 -13.48 -18.32
CA THR C 298 21.33 -14.56 -19.30
C THR C 298 19.93 -14.72 -19.90
N PHE C 299 19.69 -15.87 -20.53
CA PHE C 299 18.50 -16.08 -21.35
C PHE C 299 17.58 -17.13 -20.75
N SER C 300 16.28 -16.94 -20.98
CA SER C 300 15.27 -17.98 -20.79
C SER C 300 14.38 -17.88 -22.02
N TYR C 301 14.81 -18.56 -23.09
CA TYR C 301 14.30 -18.35 -24.44
C TYR C 301 13.47 -19.53 -24.91
N GLY C 302 12.33 -19.23 -25.50
CA GLY C 302 11.51 -20.21 -26.18
C GLY C 302 11.76 -20.14 -27.66
N ARG C 303 11.10 -19.20 -28.35
CA ARG C 303 11.21 -19.16 -29.80
C ARG C 303 12.60 -18.73 -30.26
N ALA C 304 13.30 -17.92 -29.47
CA ALA C 304 14.66 -17.54 -29.84
C ALA C 304 15.65 -18.71 -29.77
N LEU C 305 15.27 -19.83 -29.15
CA LEU C 305 16.04 -21.06 -29.26
C LEU C 305 15.42 -22.09 -30.18
N GLN C 306 14.12 -21.98 -30.46
CA GLN C 306 13.38 -23.05 -31.11
C GLN C 306 12.97 -22.77 -32.55
N ALA C 307 12.84 -21.50 -32.94
CA ALA C 307 12.18 -21.16 -34.21
C ALA C 307 12.78 -21.92 -35.39
N SER C 308 14.11 -21.84 -35.56
CA SER C 308 14.72 -22.49 -36.72
C SER C 308 14.68 -24.01 -36.62
N ALA C 309 14.78 -24.55 -35.40
CA ALA C 309 14.71 -26.00 -35.24
C ALA C 309 13.33 -26.52 -35.63
N LEU C 310 12.28 -25.85 -35.14
CA LEU C 310 10.92 -26.20 -35.51
C LEU C 310 10.74 -26.19 -37.02
N LYS C 311 11.21 -25.13 -37.68
CA LYS C 311 11.09 -25.01 -39.13
C LYS C 311 11.85 -26.14 -39.84
N ALA C 312 13.12 -26.33 -39.48
CA ALA C 312 13.93 -27.35 -40.14
C ALA C 312 13.34 -28.74 -39.95
N TRP C 313 12.69 -28.97 -38.81
CA TRP C 313 12.04 -30.25 -38.56
C TRP C 313 10.86 -30.46 -39.50
N GLY C 314 9.93 -29.50 -39.50
CA GLY C 314 8.75 -29.60 -40.35
C GLY C 314 7.90 -30.83 -40.11
N GLY C 315 8.05 -31.47 -38.95
CA GLY C 315 7.30 -32.67 -38.64
C GLY C 315 7.80 -33.94 -39.29
N LYS C 316 9.00 -33.93 -39.87
CA LYS C 316 9.52 -35.07 -40.63
C LYS C 316 10.69 -35.68 -39.88
N LYS C 317 10.59 -36.97 -39.58
CA LYS C 317 11.63 -37.62 -38.78
C LYS C 317 12.98 -37.58 -39.48
N GLU C 318 13.01 -37.54 -40.81
CA GLU C 318 14.29 -37.48 -41.50
C GLU C 318 15.01 -36.15 -41.31
N ASN C 319 14.33 -35.13 -40.79
CA ASN C 319 14.93 -33.82 -40.56
C ASN C 319 15.43 -33.66 -39.12
N LEU C 320 15.53 -34.75 -38.36
CA LEU C 320 15.90 -34.65 -36.96
C LEU C 320 17.24 -33.95 -36.79
N LYS C 321 18.28 -34.45 -37.47
CA LYS C 321 19.62 -33.92 -37.26
C LYS C 321 19.72 -32.46 -37.69
N ALA C 322 19.09 -32.11 -38.82
CA ALA C 322 19.09 -30.72 -39.26
C ALA C 322 18.37 -29.82 -38.27
N ALA C 323 17.28 -30.31 -37.67
CA ALA C 323 16.55 -29.50 -36.69
C ALA C 323 17.37 -29.32 -35.42
N GLN C 324 17.98 -30.40 -34.93
CA GLN C 324 18.81 -30.29 -33.73
C GLN C 324 19.98 -29.34 -33.96
N GLU C 325 20.52 -29.33 -35.17
CA GLU C 325 21.66 -28.46 -35.45
C GLU C 325 21.27 -26.99 -35.32
N GLU C 326 20.06 -26.64 -35.76
CA GLU C 326 19.59 -25.27 -35.62
C GLU C 326 19.45 -24.87 -34.16
N TYR C 327 18.92 -25.78 -33.33
CA TYR C 327 18.82 -25.51 -31.89
C TYR C 327 20.20 -25.35 -31.26
N VAL C 328 21.11 -26.29 -31.54
CA VAL C 328 22.48 -26.21 -31.01
C VAL C 328 23.11 -24.87 -31.36
N LYS C 329 22.93 -24.42 -32.61
CA LYS C 329 23.53 -23.17 -33.04
C LYS C 329 23.04 -21.99 -32.20
N ARG C 330 21.75 -21.95 -31.88
CA ARG C 330 21.25 -20.86 -31.06
C ARG C 330 21.68 -21.02 -29.60
N ALA C 331 21.74 -22.26 -29.10
CA ALA C 331 22.26 -22.49 -27.74
C ALA C 331 23.68 -21.96 -27.60
N LEU C 332 24.54 -22.28 -28.57
CA LEU C 332 25.93 -21.79 -28.54
C LEU C 332 25.97 -20.26 -28.63
N ALA C 333 25.21 -19.69 -29.56
CA ALA C 333 25.19 -18.23 -29.71
C ALA C 333 24.82 -17.54 -28.40
N ASN C 334 23.76 -18.00 -27.75
CA ASN C 334 23.28 -17.33 -26.54
C ASN C 334 24.17 -17.63 -25.34
N SER C 335 24.85 -18.77 -25.34
CA SER C 335 25.88 -19.02 -24.32
C SER C 335 26.99 -17.98 -24.40
N LEU C 336 27.41 -17.64 -25.62
CA LEU C 336 28.39 -16.57 -25.79
C LEU C 336 27.79 -15.21 -25.42
N ALA C 337 26.51 -14.98 -25.78
CA ALA C 337 25.88 -13.69 -25.52
C ALA C 337 25.75 -13.41 -24.03
N CYS C 338 25.41 -14.43 -23.24
CA CYS C 338 25.29 -14.19 -21.80
C CYS C 338 26.63 -14.02 -21.11
N GLN C 339 27.73 -14.06 -21.89
CA GLN C 339 29.06 -13.68 -21.41
C GLN C 339 29.58 -12.41 -22.11
N GLY C 340 28.75 -11.76 -22.93
CA GLY C 340 29.24 -10.65 -23.72
C GLY C 340 30.27 -11.02 -24.76
N LYS C 341 30.34 -12.30 -25.15
CA LYS C 341 31.37 -12.77 -26.07
C LYS C 341 30.80 -13.17 -27.42
N TYR C 342 29.56 -12.78 -27.71
CA TYR C 342 28.92 -13.15 -28.97
C TYR C 342 29.39 -12.21 -30.08
N THR C 343 29.81 -12.80 -31.19
CA THR C 343 30.01 -12.10 -32.45
C THR C 343 29.30 -12.90 -33.54
N PRO C 344 28.75 -12.24 -34.56
CA PRO C 344 28.10 -13.00 -35.63
C PRO C 344 28.99 -14.06 -36.25
N SER C 345 30.32 -13.88 -36.19
CA SER C 345 31.23 -14.92 -36.65
C SER C 345 31.21 -16.14 -35.74
N GLY C 346 30.93 -15.95 -34.45
CA GLY C 346 30.89 -17.05 -33.51
C GLY C 346 32.25 -17.41 -32.95
N SER C 359 23.44 8.66 -24.02
CA SER C 359 24.14 9.08 -22.81
C SER C 359 23.52 8.49 -21.54
N ASN C 360 24.38 8.21 -20.56
CA ASN C 360 23.98 7.58 -19.31
C ASN C 360 22.81 8.32 -18.65
N HIS C 361 22.92 9.64 -18.54
CA HIS C 361 21.92 10.42 -17.83
C HIS C 361 20.66 10.66 -18.65
N ALA C 362 20.67 10.29 -19.93
CA ALA C 362 19.47 10.33 -20.76
C ALA C 362 18.50 9.20 -20.44
N TYR C 363 18.87 8.25 -19.59
CA TYR C 363 17.96 7.17 -19.22
C TYR C 363 17.43 7.40 -17.81
N HIS D 4 -14.98 1.02 -19.37
CA HIS D 4 -14.73 -0.27 -18.73
C HIS D 4 -15.11 -0.28 -17.24
N PRO D 5 -16.27 0.04 -16.92
CA PRO D 5 -16.96 -0.30 -15.67
C PRO D 5 -17.08 -1.81 -15.53
N ALA D 6 -16.99 -2.28 -14.29
CA ALA D 6 -17.02 -3.72 -14.07
C ALA D 6 -18.39 -4.30 -14.39
N LEU D 7 -19.46 -3.54 -14.14
CA LEU D 7 -20.81 -4.06 -14.17
C LEU D 7 -21.74 -3.09 -14.89
N THR D 8 -22.70 -3.64 -15.64
CA THR D 8 -23.75 -2.83 -16.23
C THR D 8 -24.83 -2.52 -15.19
N PRO D 9 -25.68 -1.51 -15.46
CA PRO D 9 -26.80 -1.25 -14.56
C PRO D 9 -27.68 -2.47 -14.33
N GLU D 10 -27.91 -3.26 -15.38
CA GLU D 10 -28.71 -4.47 -15.26
C GLU D 10 -28.06 -5.49 -14.33
N GLN D 11 -26.73 -5.67 -14.46
CA GLN D 11 -26.02 -6.58 -13.56
C GLN D 11 -26.07 -6.07 -12.14
N LYS D 12 -25.87 -4.76 -11.95
CA LYS D 12 -25.95 -4.18 -10.61
C LYS D 12 -27.33 -4.42 -10.00
N LYS D 13 -28.39 -4.18 -10.77
CA LYS D 13 -29.74 -4.38 -10.24
C LYS D 13 -29.92 -5.81 -9.78
N GLU D 14 -29.52 -6.78 -10.60
CA GLU D 14 -29.66 -8.18 -10.22
C GLU D 14 -28.96 -8.45 -8.89
N LEU D 15 -27.71 -8.02 -8.75
CA LEU D 15 -26.96 -8.26 -7.53
C LEU D 15 -27.59 -7.57 -6.33
N SER D 16 -27.94 -6.28 -6.48
CA SER D 16 -28.58 -5.55 -5.39
C SER D 16 -29.87 -6.25 -4.96
N ASP D 17 -30.70 -6.65 -5.91
CA ASP D 17 -31.98 -7.29 -5.59
C ASP D 17 -31.77 -8.60 -4.83
N ILE D 18 -30.80 -9.42 -5.26
CA ILE D 18 -30.49 -10.66 -4.54
C ILE D 18 -30.04 -10.36 -3.11
N ALA D 19 -29.10 -9.43 -2.96
CA ALA D 19 -28.56 -9.13 -1.63
C ALA D 19 -29.66 -8.66 -0.69
N HIS D 20 -30.59 -7.84 -1.20
CA HIS D 20 -31.66 -7.35 -0.35
C HIS D 20 -32.63 -8.45 0.05
N ARG D 21 -32.93 -9.39 -0.85
CA ARG D 21 -33.84 -10.49 -0.51
C ARG D 21 -33.29 -11.31 0.64
N ILE D 22 -31.98 -11.56 0.65
CA ILE D 22 -31.38 -12.44 1.65
C ILE D 22 -31.53 -11.88 3.04
N VAL D 23 -31.40 -10.55 3.19
CA VAL D 23 -31.40 -9.91 4.51
C VAL D 23 -32.63 -9.03 4.68
N ALA D 24 -33.72 -9.38 3.97
CA ALA D 24 -34.98 -8.67 4.13
C ALA D 24 -35.41 -8.67 5.59
N PRO D 25 -36.22 -7.70 6.00
CA PRO D 25 -36.55 -7.58 7.42
C PRO D 25 -37.05 -8.90 8.00
N GLY D 26 -36.48 -9.25 9.16
CA GLY D 26 -36.84 -10.46 9.85
C GLY D 26 -36.12 -11.71 9.40
N LYS D 27 -35.27 -11.62 8.38
CA LYS D 27 -34.69 -12.80 7.75
C LYS D 27 -33.19 -12.88 7.98
N GLY D 28 -32.70 -14.11 8.04
CA GLY D 28 -31.27 -14.37 8.08
C GLY D 28 -30.89 -15.60 7.28
N ILE D 29 -29.68 -16.11 7.53
CA ILE D 29 -29.08 -17.17 6.72
C ILE D 29 -28.82 -18.38 7.59
N LEU D 30 -29.22 -19.55 7.11
CA LEU D 30 -28.75 -20.82 7.64
C LEU D 30 -27.45 -21.19 6.96
N ALA D 31 -26.41 -21.40 7.75
CA ALA D 31 -25.09 -21.73 7.24
C ALA D 31 -24.92 -23.24 7.41
N ALA D 32 -25.15 -23.97 6.32
CA ALA D 32 -25.11 -25.43 6.32
C ALA D 32 -24.01 -25.96 5.38
N ASP D 33 -22.96 -25.17 5.17
CA ASP D 33 -21.93 -25.46 4.18
C ASP D 33 -20.69 -26.14 4.76
N GLU D 34 -20.85 -26.88 5.85
CA GLU D 34 -19.72 -27.64 6.37
C GLU D 34 -19.23 -28.64 5.33
N SER D 35 -17.91 -28.62 5.09
CA SER D 35 -17.31 -29.58 4.18
C SER D 35 -17.33 -30.97 4.81
N THR D 36 -16.96 -31.97 3.99
CA THR D 36 -17.04 -33.36 4.44
C THR D 36 -16.25 -33.58 5.72
N GLY D 37 -15.03 -33.05 5.79
CA GLY D 37 -14.22 -33.22 6.99
C GLY D 37 -14.83 -32.56 8.21
N SER D 38 -15.48 -31.42 8.03
CA SER D 38 -16.02 -30.68 9.17
C SER D 38 -17.36 -31.25 9.65
N ILE D 39 -18.23 -31.63 8.71
CA ILE D 39 -19.50 -32.21 9.12
C ILE D 39 -19.29 -33.57 9.78
N ALA D 40 -18.24 -34.30 9.37
CA ALA D 40 -17.92 -35.57 10.01
C ALA D 40 -17.75 -35.42 11.52
N LYS D 41 -17.10 -34.34 11.95
CA LYS D 41 -16.91 -34.12 13.38
C LYS D 41 -18.23 -33.80 14.06
N ARG D 42 -19.16 -33.16 13.36
CA ARG D 42 -20.49 -32.94 13.91
C ARG D 42 -21.23 -34.26 14.05
N LEU D 43 -21.22 -35.08 12.99
CA LEU D 43 -21.85 -36.40 13.07
C LEU D 43 -21.18 -37.26 14.12
N GLN D 44 -19.85 -37.14 14.24
CA GLN D 44 -19.13 -37.92 15.24
C GLN D 44 -19.63 -37.59 16.65
N SER D 45 -19.97 -36.32 16.89
CA SER D 45 -20.43 -35.91 18.21
C SER D 45 -21.74 -36.57 18.61
N ILE D 46 -22.44 -37.19 17.66
CA ILE D 46 -23.66 -37.95 17.94
C ILE D 46 -23.50 -39.40 17.52
N GLY D 47 -22.27 -39.90 17.44
CA GLY D 47 -22.03 -41.29 17.13
C GLY D 47 -22.69 -41.77 15.84
N THR D 48 -22.68 -40.93 14.81
CA THR D 48 -23.28 -41.25 13.53
C THR D 48 -22.18 -41.32 12.47
N GLU D 49 -22.28 -42.30 11.58
CA GLU D 49 -21.26 -42.51 10.58
C GLU D 49 -21.33 -41.42 9.52
N ASN D 50 -20.16 -40.99 9.04
CA ASN D 50 -20.09 -39.93 8.02
C ASN D 50 -20.20 -40.57 6.64
N THR D 51 -21.43 -40.87 6.25
CA THR D 51 -21.76 -41.38 4.93
C THR D 51 -22.49 -40.31 4.13
N GLU D 52 -22.49 -40.46 2.81
CA GLU D 52 -23.21 -39.50 1.98
C GLU D 52 -24.69 -39.46 2.33
N GLU D 53 -25.26 -40.63 2.66
CA GLU D 53 -26.69 -40.68 2.99
C GLU D 53 -26.98 -39.96 4.30
N ASN D 54 -26.16 -40.18 5.33
CA ASN D 54 -26.35 -39.49 6.60
C ASN D 54 -26.24 -37.97 6.42
N ARG D 55 -25.27 -37.50 5.62
CA ARG D 55 -25.17 -36.08 5.35
C ARG D 55 -26.40 -35.58 4.60
N ARG D 56 -26.85 -36.33 3.59
CA ARG D 56 -28.06 -35.95 2.86
C ARG D 56 -29.25 -35.84 3.79
N PHE D 57 -29.48 -36.86 4.61
CA PHE D 57 -30.64 -36.86 5.49
C PHE D 57 -30.59 -35.70 6.47
N TYR D 58 -29.41 -35.38 6.99
CA TYR D 58 -29.30 -34.28 7.95
C TYR D 58 -29.62 -32.94 7.29
N ARG D 59 -29.09 -32.71 6.09
CA ARG D 59 -29.41 -31.47 5.39
C ARG D 59 -30.89 -31.42 5.01
N GLN D 60 -31.46 -32.55 4.59
CA GLN D 60 -32.89 -32.61 4.32
C GLN D 60 -33.69 -32.20 5.56
N LEU D 61 -33.29 -32.71 6.72
CA LEU D 61 -33.99 -32.40 7.96
C LEU D 61 -34.11 -30.90 8.15
N LEU D 62 -32.99 -30.19 7.96
CA LEU D 62 -32.98 -28.73 8.13
C LEU D 62 -33.79 -28.04 7.04
N LEU D 63 -33.55 -28.42 5.78
CA LEU D 63 -34.15 -27.69 4.67
C LEU D 63 -35.65 -27.91 4.55
N THR D 64 -36.18 -29.01 5.08
CA THR D 64 -37.59 -29.34 4.93
C THR D 64 -38.39 -29.11 6.21
N ALA D 65 -37.87 -28.34 7.15
CA ALA D 65 -38.66 -27.93 8.30
C ALA D 65 -39.92 -27.19 7.84
N ASP D 66 -40.93 -27.16 8.70
CA ASP D 66 -42.23 -26.64 8.30
C ASP D 66 -42.15 -25.15 7.99
N ASP D 67 -43.24 -24.64 7.40
CA ASP D 67 -43.27 -23.31 6.80
C ASP D 67 -43.13 -22.18 7.82
N ARG D 68 -43.05 -22.47 9.11
CA ARG D 68 -42.76 -21.42 10.08
C ARG D 68 -41.40 -20.80 9.85
N VAL D 69 -40.46 -21.51 9.23
CA VAL D 69 -39.13 -20.94 9.00
C VAL D 69 -39.10 -20.04 7.77
N ASN D 70 -40.07 -20.14 6.87
CA ASN D 70 -40.00 -19.37 5.62
C ASN D 70 -39.77 -17.89 5.85
N PRO D 71 -40.51 -17.20 6.74
CA PRO D 71 -40.23 -15.78 6.97
C PRO D 71 -38.95 -15.52 7.75
N CYS D 72 -38.30 -16.56 8.29
CA CYS D 72 -37.08 -16.40 9.07
C CYS D 72 -35.81 -16.57 8.24
N ILE D 73 -35.89 -17.33 7.15
CA ILE D 73 -34.72 -17.77 6.40
C ILE D 73 -34.76 -17.12 5.03
N GLY D 74 -33.89 -16.12 4.83
CA GLY D 74 -33.76 -15.49 3.53
C GLY D 74 -32.75 -16.19 2.64
N GLY D 75 -31.82 -16.94 3.25
CA GLY D 75 -30.84 -17.68 2.46
C GLY D 75 -30.32 -18.89 3.19
N VAL D 76 -29.77 -19.82 2.41
CA VAL D 76 -29.15 -21.03 2.93
C VAL D 76 -27.84 -21.25 2.18
N ILE D 77 -26.74 -21.38 2.92
CA ILE D 77 -25.45 -21.67 2.32
C ILE D 77 -25.25 -23.17 2.29
N LEU D 78 -24.92 -23.70 1.12
CA LEU D 78 -24.68 -25.13 0.95
C LEU D 78 -23.23 -25.40 0.58
N PHE D 79 -22.78 -26.58 0.96
CA PHE D 79 -21.55 -27.16 0.42
C PHE D 79 -21.86 -27.80 -0.93
N HIS D 80 -20.85 -27.84 -1.80
CA HIS D 80 -21.01 -28.36 -3.16
C HIS D 80 -21.85 -29.63 -3.23
N GLU D 81 -21.51 -30.63 -2.41
CA GLU D 81 -22.20 -31.91 -2.47
C GLU D 81 -23.71 -31.72 -2.29
N THR D 82 -24.10 -30.94 -1.29
CA THR D 82 -25.51 -30.78 -0.97
C THR D 82 -26.27 -30.08 -2.08
N LEU D 83 -25.59 -29.19 -2.82
CA LEU D 83 -26.25 -28.48 -3.90
C LEU D 83 -26.81 -29.43 -4.95
N TYR D 84 -26.19 -30.60 -5.12
CA TYR D 84 -26.61 -31.58 -6.11
C TYR D 84 -27.27 -32.80 -5.49
N GLN D 85 -27.65 -32.73 -4.22
CA GLN D 85 -28.43 -33.78 -3.60
C GLN D 85 -29.92 -33.45 -3.69
N LYS D 86 -30.74 -34.48 -3.45
CA LYS D 86 -32.18 -34.40 -3.60
C LYS D 86 -32.86 -34.87 -2.32
N ALA D 87 -34.03 -34.30 -2.04
CA ALA D 87 -34.86 -34.76 -0.95
C ALA D 87 -35.56 -36.06 -1.33
N ASP D 88 -36.22 -36.67 -0.33
CA ASP D 88 -36.88 -37.96 -0.53
C ASP D 88 -37.94 -37.88 -1.62
N ASP D 89 -38.51 -36.70 -1.86
CA ASP D 89 -39.51 -36.53 -2.90
C ASP D 89 -38.91 -36.28 -4.28
N GLY D 90 -37.59 -36.40 -4.41
CA GLY D 90 -36.93 -36.22 -5.68
C GLY D 90 -36.54 -34.79 -5.99
N ARG D 91 -36.98 -33.81 -5.21
CA ARG D 91 -36.68 -32.43 -5.51
C ARG D 91 -35.23 -32.11 -5.14
N PRO D 92 -34.45 -31.54 -6.06
CA PRO D 92 -33.14 -31.02 -5.68
C PRO D 92 -33.25 -30.05 -4.52
N PHE D 93 -32.26 -30.07 -3.63
CA PHE D 93 -32.31 -29.19 -2.47
C PHE D 93 -32.40 -27.71 -2.85
N PRO D 94 -31.76 -27.24 -3.93
CA PRO D 94 -32.00 -25.84 -4.32
C PRO D 94 -33.45 -25.55 -4.63
N GLN D 95 -34.17 -26.49 -5.26
CA GLN D 95 -35.60 -26.30 -5.48
C GLN D 95 -36.35 -26.26 -4.16
N VAL D 96 -36.00 -27.14 -3.23
CA VAL D 96 -36.65 -27.12 -1.92
C VAL D 96 -36.47 -25.75 -1.27
N ILE D 97 -35.24 -25.24 -1.28
CA ILE D 97 -34.95 -23.96 -0.63
C ILE D 97 -35.78 -22.85 -1.27
N LYS D 98 -35.78 -22.78 -2.61
CA LYS D 98 -36.50 -21.70 -3.30
C LYS D 98 -37.99 -21.79 -3.04
N SER D 99 -38.55 -23.00 -3.03
CA SER D 99 -39.99 -23.15 -2.83
C SER D 99 -40.45 -22.65 -1.46
N LYS D 100 -39.54 -22.53 -0.50
CA LYS D 100 -39.84 -21.98 0.82
C LYS D 100 -39.45 -20.50 0.93
N GLY D 101 -39.19 -19.84 -0.20
CA GLY D 101 -38.88 -18.42 -0.20
C GLY D 101 -37.43 -18.09 0.07
N GLY D 102 -36.54 -19.06 -0.02
CA GLY D 102 -35.14 -18.85 0.32
C GLY D 102 -34.27 -18.70 -0.92
N VAL D 103 -33.19 -17.95 -0.77
CA VAL D 103 -32.15 -17.83 -1.78
C VAL D 103 -31.11 -18.90 -1.50
N VAL D 104 -30.62 -19.55 -2.55
CA VAL D 104 -29.61 -20.59 -2.43
C VAL D 104 -28.22 -19.96 -2.50
N GLY D 105 -27.38 -20.27 -1.53
CA GLY D 105 -25.98 -19.89 -1.57
C GLY D 105 -25.05 -21.08 -1.65
N ILE D 106 -23.84 -20.85 -2.17
CA ILE D 106 -22.83 -21.90 -2.31
C ILE D 106 -21.50 -21.40 -1.74
N LYS D 107 -20.89 -22.20 -0.88
CA LYS D 107 -19.53 -21.92 -0.43
C LYS D 107 -18.55 -22.31 -1.53
N VAL D 108 -17.64 -21.41 -1.87
CA VAL D 108 -16.75 -21.62 -3.01
C VAL D 108 -15.28 -21.63 -2.66
N ASP D 109 -14.88 -21.34 -1.42
CA ASP D 109 -13.47 -21.39 -1.09
C ASP D 109 -13.00 -22.83 -0.92
N LYS D 110 -11.69 -23.03 -0.96
CA LYS D 110 -11.09 -24.36 -0.83
C LYS D 110 -10.18 -24.45 0.40
N GLY D 111 -10.55 -23.74 1.47
CA GLY D 111 -9.90 -23.90 2.74
C GLY D 111 -8.69 -23.00 2.92
N VAL D 112 -8.18 -22.98 4.14
CA VAL D 112 -7.06 -22.12 4.51
C VAL D 112 -5.75 -22.83 4.15
N VAL D 113 -4.71 -22.03 3.92
CA VAL D 113 -3.34 -22.53 3.73
C VAL D 113 -2.38 -21.64 4.51
N PRO D 114 -1.26 -22.22 4.97
CA PRO D 114 -0.34 -21.43 5.81
C PRO D 114 0.38 -20.33 5.02
N LEU D 115 0.58 -19.19 5.69
CA LEU D 115 1.45 -18.12 5.18
C LEU D 115 2.83 -18.31 5.77
N ALA D 116 3.80 -18.63 4.92
CA ALA D 116 5.17 -18.82 5.40
C ALA D 116 5.71 -17.53 5.99
N GLY D 117 6.55 -17.69 7.00
CA GLY D 117 7.15 -16.56 7.69
C GLY D 117 6.24 -15.88 8.70
N THR D 118 5.05 -16.41 8.93
CA THR D 118 4.15 -15.86 9.94
C THR D 118 4.08 -16.82 11.14
N ASN D 119 3.50 -16.29 12.22
CA ASN D 119 3.27 -17.06 13.42
C ASN D 119 1.94 -17.79 13.31
N GLY D 120 1.93 -18.81 12.44
CA GLY D 120 0.78 -19.67 12.27
C GLY D 120 -0.40 -19.05 11.57
N GLU D 121 -0.19 -18.00 10.76
CA GLU D 121 -1.30 -17.36 10.08
C GLU D 121 -1.59 -18.03 8.75
N THR D 122 -2.78 -17.78 8.24
CA THR D 122 -3.24 -18.40 7.02
C THR D 122 -3.76 -17.35 6.04
N THR D 123 -3.85 -17.75 4.79
CA THR D 123 -4.76 -17.16 3.84
C THR D 123 -5.67 -18.27 3.34
N THR D 124 -6.50 -17.97 2.36
CA THR D 124 -7.49 -18.91 1.85
C THR D 124 -7.31 -19.06 0.35
N GLN D 125 -7.45 -20.29 -0.11
CA GLN D 125 -7.35 -20.61 -1.53
C GLN D 125 -8.74 -20.92 -2.08
N GLY D 126 -8.82 -21.00 -3.42
CA GLY D 126 -10.08 -21.28 -4.10
C GLY D 126 -10.36 -20.46 -5.35
N LEU D 127 -9.41 -19.62 -5.79
CA LEU D 127 -9.70 -18.75 -6.94
C LEU D 127 -9.59 -19.46 -8.27
N ASP D 128 -8.84 -20.56 -8.36
CA ASP D 128 -8.57 -21.16 -9.66
C ASP D 128 -9.84 -21.73 -10.26
N GLY D 129 -10.14 -21.33 -11.49
CA GLY D 129 -11.36 -21.76 -12.17
C GLY D 129 -12.63 -21.25 -11.50
N LEU D 130 -12.51 -20.27 -10.60
CA LEU D 130 -13.69 -19.84 -9.83
C LEU D 130 -14.78 -19.27 -10.74
N SER D 131 -14.40 -18.55 -11.80
CA SER D 131 -15.41 -17.96 -12.68
C SER D 131 -16.28 -19.04 -13.32
N GLU D 132 -15.67 -20.08 -13.89
CA GLU D 132 -16.43 -21.15 -14.51
C GLU D 132 -17.30 -21.86 -13.48
N ARG D 133 -16.78 -22.06 -12.26
CA ARG D 133 -17.57 -22.68 -11.21
C ARG D 133 -18.79 -21.83 -10.87
N CYS D 134 -18.61 -20.51 -10.76
CA CYS D 134 -19.72 -19.62 -10.44
C CYS D 134 -20.79 -19.64 -11.53
N ALA D 135 -20.36 -19.63 -12.80
CA ALA D 135 -21.35 -19.66 -13.88
C ALA D 135 -22.16 -20.94 -13.81
N GLN D 136 -21.52 -22.06 -13.47
CA GLN D 136 -22.25 -23.32 -13.35
C GLN D 136 -23.15 -23.31 -12.12
N TYR D 137 -22.65 -22.83 -10.98
CA TYR D 137 -23.47 -22.76 -9.78
C TYR D 137 -24.69 -21.88 -10.01
N LYS D 138 -24.51 -20.77 -10.73
CA LYS D 138 -25.63 -19.90 -11.07
C LYS D 138 -26.68 -20.65 -11.88
N LYS D 139 -26.23 -21.39 -12.90
CA LYS D 139 -27.16 -22.19 -13.70
C LYS D 139 -27.89 -23.20 -12.84
N ASP D 140 -27.26 -23.70 -11.78
CA ASP D 140 -27.83 -24.75 -10.97
C ASP D 140 -28.62 -24.23 -9.77
N GLY D 141 -28.89 -22.92 -9.72
CA GLY D 141 -29.83 -22.37 -8.75
C GLY D 141 -29.22 -21.46 -7.69
N ALA D 142 -27.89 -21.37 -7.61
CA ALA D 142 -27.26 -20.51 -6.60
C ALA D 142 -27.27 -19.05 -7.02
N ASP D 143 -27.55 -18.16 -6.06
CA ASP D 143 -27.52 -16.73 -6.31
C ASP D 143 -26.55 -15.96 -5.42
N PHE D 144 -25.99 -16.59 -4.39
CA PHE D 144 -24.93 -15.95 -3.63
C PHE D 144 -23.89 -17.00 -3.26
N ALA D 145 -22.74 -16.52 -2.80
CA ALA D 145 -21.61 -17.38 -2.48
C ALA D 145 -21.02 -16.98 -1.14
N LYS D 146 -20.15 -17.83 -0.63
CA LYS D 146 -19.45 -17.56 0.62
C LYS D 146 -17.99 -17.95 0.48
N TRP D 147 -17.12 -17.12 1.08
CA TRP D 147 -15.67 -17.35 1.13
C TRP D 147 -15.19 -16.96 2.51
N ARG D 148 -14.54 -17.89 3.21
CA ARG D 148 -14.13 -17.68 4.60
C ARG D 148 -12.62 -17.48 4.69
N CYS D 149 -12.21 -16.33 5.19
CA CYS D 149 -10.85 -16.09 5.63
C CYS D 149 -10.81 -16.12 7.15
N VAL D 150 -9.68 -16.53 7.70
CA VAL D 150 -9.55 -16.73 9.15
C VAL D 150 -8.34 -15.98 9.67
N LEU D 151 -8.55 -15.14 10.68
CA LEU D 151 -7.49 -14.37 11.33
C LEU D 151 -7.53 -14.63 12.83
N LYS D 152 -6.38 -14.43 13.47
CA LYS D 152 -6.23 -14.79 14.88
C LYS D 152 -5.55 -13.65 15.64
N ILE D 153 -6.05 -13.37 16.84
CA ILE D 153 -5.48 -12.33 17.69
C ILE D 153 -4.42 -12.97 18.59
N GLY D 154 -3.21 -12.44 18.51
CA GLY D 154 -2.10 -12.95 19.30
C GLY D 154 -1.08 -11.86 19.45
N GLU D 155 0.13 -12.26 19.84
CA GLU D 155 1.17 -11.28 20.13
C GLU D 155 1.56 -10.50 18.87
N HIS D 156 1.88 -11.21 17.79
CA HIS D 156 2.27 -10.60 16.54
C HIS D 156 1.18 -10.74 15.47
N THR D 157 -0.04 -11.10 15.86
CA THR D 157 -1.10 -11.37 14.91
C THR D 157 -2.40 -10.65 15.25
N PRO D 158 -3.19 -10.29 14.22
CA PRO D 158 -2.88 -10.54 12.81
C PRO D 158 -1.81 -9.58 12.29
N SER D 159 -0.88 -10.12 11.49
CA SER D 159 0.22 -9.32 10.96
C SER D 159 -0.25 -8.50 9.77
N ALA D 160 0.56 -7.51 9.39
CA ALA D 160 0.28 -6.70 8.21
C ALA D 160 0.12 -7.57 6.97
N LEU D 161 0.99 -8.57 6.81
CA LEU D 161 0.90 -9.46 5.66
C LEU D 161 -0.43 -10.19 5.64
N ALA D 162 -0.82 -10.77 6.78
CA ALA D 162 -2.03 -11.58 6.83
C ALA D 162 -3.28 -10.73 6.57
N ILE D 163 -3.31 -9.50 7.09
CA ILE D 163 -4.44 -8.61 6.84
C ILE D 163 -4.50 -8.24 5.36
N MET D 164 -3.36 -7.81 4.81
N MET D 164 -3.37 -7.83 4.79
CA MET D 164 -3.30 -7.43 3.40
CA MET D 164 -3.35 -7.42 3.39
C MET D 164 -3.71 -8.59 2.49
C MET D 164 -3.73 -8.60 2.48
N GLU D 165 -3.11 -9.77 2.69
CA GLU D 165 -3.34 -10.89 1.79
C GLU D 165 -4.78 -11.40 1.87
N ASN D 166 -5.34 -11.52 3.09
CA ASN D 166 -6.70 -12.01 3.18
C ASN D 166 -7.69 -11.00 2.60
N ALA D 167 -7.45 -9.70 2.83
CA ALA D 167 -8.32 -8.70 2.23
C ALA D 167 -8.27 -8.76 0.71
N ASN D 168 -7.07 -8.95 0.15
CA ASN D 168 -6.92 -9.00 -1.31
C ASN D 168 -7.62 -10.21 -1.92
N VAL D 169 -7.47 -11.39 -1.31
CA VAL D 169 -8.08 -12.58 -1.89
C VAL D 169 -9.59 -12.51 -1.77
N LEU D 170 -10.10 -11.92 -0.67
CA LEU D 170 -11.54 -11.69 -0.57
C LEU D 170 -12.02 -10.81 -1.71
N ALA D 171 -11.25 -9.78 -2.07
CA ALA D 171 -11.64 -8.87 -3.14
C ALA D 171 -11.61 -9.57 -4.50
N ARG D 172 -10.62 -10.43 -4.74
CA ARG D 172 -10.59 -11.20 -5.98
C ARG D 172 -11.82 -12.11 -6.09
N TYR D 173 -12.12 -12.86 -5.03
CA TYR D 173 -13.30 -13.71 -5.00
C TYR D 173 -14.57 -12.89 -5.24
N ALA D 174 -14.71 -11.75 -4.57
CA ALA D 174 -15.90 -10.93 -4.76
C ALA D 174 -16.02 -10.44 -6.20
N SER D 175 -14.89 -10.13 -6.82
CA SER D 175 -14.91 -9.62 -8.18
C SER D 175 -15.39 -10.70 -9.15
N ILE D 176 -14.88 -11.91 -9.00
CA ILE D 176 -15.26 -13.02 -9.87
C ILE D 176 -16.73 -13.36 -9.69
N CYS D 177 -17.18 -13.45 -8.43
CA CYS D 177 -18.60 -13.69 -8.17
C CYS D 177 -19.49 -12.69 -8.89
N GLN D 178 -19.20 -11.40 -8.76
CA GLN D 178 -20.11 -10.40 -9.31
C GLN D 178 -20.13 -10.43 -10.83
N GLN D 179 -19.04 -10.85 -11.47
CA GLN D 179 -19.06 -11.03 -12.92
C GLN D 179 -20.03 -12.12 -13.37
N ASN D 180 -20.43 -13.01 -12.48
CA ASN D 180 -21.26 -14.15 -12.84
C ASN D 180 -22.64 -14.11 -12.20
N GLY D 181 -23.07 -12.94 -11.74
CA GLY D 181 -24.40 -12.80 -11.16
C GLY D 181 -24.56 -13.34 -9.77
N ILE D 182 -23.46 -13.57 -9.05
CA ILE D 182 -23.49 -14.16 -7.72
C ILE D 182 -23.11 -13.09 -6.71
N VAL D 183 -23.89 -12.96 -5.67
CA VAL D 183 -23.63 -12.02 -4.64
C VAL D 183 -22.61 -12.67 -3.70
N PRO D 184 -21.43 -11.98 -3.59
CA PRO D 184 -20.48 -12.54 -2.64
C PRO D 184 -20.68 -12.14 -1.19
N ILE D 185 -20.64 -13.08 -0.28
CA ILE D 185 -20.64 -12.80 1.11
C ILE D 185 -19.16 -12.78 1.48
N VAL D 186 -18.68 -11.68 2.02
CA VAL D 186 -17.28 -11.48 2.39
C VAL D 186 -17.14 -11.81 3.86
N GLU D 187 -16.41 -12.88 4.19
CA GLU D 187 -16.29 -13.37 5.56
C GLU D 187 -14.85 -13.28 6.03
N PRO D 188 -14.45 -12.16 6.65
CA PRO D 188 -13.14 -12.11 7.31
C PRO D 188 -13.26 -12.43 8.80
N GLU D 189 -13.20 -13.70 9.17
CA GLU D 189 -13.45 -14.06 10.56
C GLU D 189 -12.20 -13.84 11.40
N ILE D 190 -12.36 -13.08 12.48
CA ILE D 190 -11.34 -12.97 13.51
C ILE D 190 -11.73 -13.94 14.62
N LEU D 191 -10.91 -14.96 14.83
CA LEU D 191 -11.24 -16.00 15.78
C LEU D 191 -11.30 -15.43 17.20
N PRO D 192 -12.18 -15.96 18.05
CA PRO D 192 -12.22 -15.52 19.44
C PRO D 192 -11.18 -16.17 20.34
N ASP D 193 -10.35 -17.05 19.78
CA ASP D 193 -9.33 -17.73 20.56
C ASP D 193 -8.42 -16.73 21.27
N GLY D 194 -8.17 -16.96 22.55
CA GLY D 194 -7.19 -16.18 23.31
C GLY D 194 -7.81 -15.53 24.52
N ASP D 195 -6.95 -14.81 25.26
CA ASP D 195 -7.37 -14.13 26.49
C ASP D 195 -7.42 -12.62 26.33
N HIS D 196 -7.51 -12.11 25.10
CA HIS D 196 -7.63 -10.69 24.87
C HIS D 196 -9.00 -10.19 25.32
N ASP D 197 -9.08 -8.90 25.59
CA ASP D 197 -10.32 -8.31 26.09
C ASP D 197 -11.12 -7.69 24.95
N LEU D 198 -12.25 -7.07 25.32
CA LEU D 198 -13.22 -6.61 24.34
C LEU D 198 -12.62 -5.53 23.44
N LYS D 199 -11.94 -4.55 24.03
CA LYS D 199 -11.46 -3.44 23.21
C LYS D 199 -10.35 -3.90 22.28
N ARG D 200 -9.58 -4.94 22.64
CA ARG D 200 -8.59 -5.46 21.70
C ARG D 200 -9.27 -6.11 20.50
N CYS D 201 -10.31 -6.91 20.73
CA CYS D 201 -11.08 -7.43 19.60
C CYS D 201 -11.65 -6.30 18.77
N GLN D 202 -12.15 -5.25 19.42
CA GLN D 202 -12.71 -4.12 18.69
C GLN D 202 -11.66 -3.46 17.82
N TYR D 203 -10.48 -3.23 18.39
CA TYR D 203 -9.39 -2.60 17.63
C TYR D 203 -9.02 -3.42 16.41
N VAL D 204 -8.80 -4.73 16.60
CA VAL D 204 -8.40 -5.58 15.48
C VAL D 204 -9.51 -5.65 14.43
N THR D 205 -10.77 -5.77 14.87
CA THR D 205 -11.88 -5.82 13.92
C THR D 205 -11.92 -4.55 13.07
N GLU D 206 -11.79 -3.39 13.70
CA GLU D 206 -11.74 -2.14 12.94
C GLU D 206 -10.61 -2.14 11.91
N LYS D 207 -9.42 -2.58 12.30
CA LYS D 207 -8.28 -2.60 11.35
C LYS D 207 -8.50 -3.58 10.22
N VAL D 208 -9.05 -4.76 10.53
CA VAL D 208 -9.30 -5.75 9.50
C VAL D 208 -10.35 -5.24 8.51
N LEU D 209 -11.43 -4.67 9.03
CA LEU D 209 -12.52 -4.24 8.15
C LEU D 209 -12.12 -3.03 7.30
N ALA D 210 -11.30 -2.11 7.84
CA ALA D 210 -10.77 -1.04 7.00
C ALA D 210 -9.97 -1.61 5.83
N ALA D 211 -9.15 -2.62 6.10
CA ALA D 211 -8.36 -3.24 5.04
C ALA D 211 -9.26 -3.94 4.02
N VAL D 212 -10.31 -4.59 4.50
CA VAL D 212 -11.22 -5.29 3.60
C VAL D 212 -11.87 -4.31 2.63
N TYR D 213 -12.39 -3.18 3.13
CA TYR D 213 -13.13 -2.31 2.23
C TYR D 213 -12.20 -1.47 1.35
N LYS D 214 -10.97 -1.19 1.80
CA LYS D 214 -10.02 -0.60 0.85
C LYS D 214 -9.72 -1.57 -0.29
N ALA D 215 -9.55 -2.85 0.02
CA ALA D 215 -9.28 -3.84 -1.03
C ALA D 215 -10.46 -3.97 -1.97
N LEU D 216 -11.68 -3.99 -1.41
CA LEU D 216 -12.86 -4.08 -2.26
C LEU D 216 -12.96 -2.87 -3.17
N SER D 217 -12.59 -1.68 -2.66
CA SER D 217 -12.54 -0.50 -3.50
C SER D 217 -11.50 -0.65 -4.60
N ASP D 218 -10.27 -1.08 -4.25
CA ASP D 218 -9.22 -1.22 -5.26
C ASP D 218 -9.63 -2.18 -6.37
N HIS D 219 -10.41 -3.21 -6.04
CA HIS D 219 -10.84 -4.22 -7.00
C HIS D 219 -12.20 -3.89 -7.64
N HIS D 220 -12.74 -2.70 -7.40
CA HIS D 220 -13.92 -2.20 -8.11
C HIS D 220 -15.17 -3.01 -7.76
N ILE D 221 -15.31 -3.39 -6.50
CA ILE D 221 -16.44 -4.20 -6.06
C ILE D 221 -17.67 -3.33 -5.84
N TYR D 222 -18.83 -3.83 -6.26
CA TYR D 222 -20.12 -3.16 -6.12
C TYR D 222 -20.69 -3.51 -4.75
N LEU D 223 -20.56 -2.59 -3.79
CA LEU D 223 -20.86 -2.92 -2.39
C LEU D 223 -22.32 -3.22 -2.17
N GLU D 224 -23.21 -2.55 -2.90
CA GLU D 224 -24.64 -2.82 -2.80
C GLU D 224 -24.96 -4.27 -3.16
N GLY D 225 -24.12 -4.92 -3.94
CA GLY D 225 -24.31 -6.33 -4.28
C GLY D 225 -23.41 -7.25 -3.49
N THR D 226 -23.12 -6.89 -2.24
CA THR D 226 -22.34 -7.72 -1.34
C THR D 226 -23.02 -7.78 0.03
N LEU D 227 -22.57 -8.75 0.81
CA LEU D 227 -22.87 -8.83 2.22
C LEU D 227 -21.56 -9.04 2.97
N LEU D 228 -21.55 -8.64 4.24
CA LEU D 228 -20.42 -8.83 5.12
C LEU D 228 -20.80 -9.83 6.20
N LYS D 229 -19.92 -10.82 6.42
CA LYS D 229 -20.12 -11.83 7.47
C LYS D 229 -18.95 -11.73 8.45
N PRO D 230 -19.04 -10.84 9.45
CA PRO D 230 -17.94 -10.69 10.39
C PRO D 230 -18.21 -11.40 11.70
N ASN D 231 -17.17 -11.55 12.50
CA ASN D 231 -17.35 -11.85 13.91
C ASN D 231 -18.04 -10.69 14.61
N MET D 232 -18.86 -11.01 15.60
CA MET D 232 -19.21 -10.01 16.58
C MET D 232 -17.96 -9.62 17.35
N VAL D 233 -17.96 -8.43 17.92
CA VAL D 233 -16.85 -7.97 18.76
C VAL D 233 -17.11 -8.47 20.18
N THR D 234 -16.25 -9.36 20.64
CA THR D 234 -16.39 -10.01 21.93
C THR D 234 -15.01 -10.13 22.56
N PRO D 235 -14.93 -10.33 23.87
CA PRO D 235 -13.66 -10.73 24.47
C PRO D 235 -13.24 -12.10 23.95
N GLY D 236 -11.96 -12.43 24.16
CA GLY D 236 -11.47 -13.75 23.83
C GLY D 236 -12.07 -14.82 24.73
N HIS D 237 -12.06 -16.06 24.23
N HIS D 237 -12.05 -16.05 24.23
CA HIS D 237 -12.63 -17.16 24.99
CA HIS D 237 -12.62 -17.17 24.97
C HIS D 237 -12.05 -17.24 26.40
C HIS D 237 -12.05 -17.28 26.38
N ALA D 238 -10.75 -17.01 26.54
CA ALA D 238 -10.07 -17.16 27.81
C ALA D 238 -9.96 -15.86 28.60
N CYS D 239 -10.67 -14.82 28.20
CA CYS D 239 -10.62 -13.56 28.94
C CYS D 239 -11.36 -13.69 30.26
N THR D 240 -10.72 -13.27 31.35
CA THR D 240 -11.33 -13.35 32.66
C THR D 240 -12.37 -12.24 32.86
N GLN D 241 -12.08 -11.04 32.36
CA GLN D 241 -13.01 -9.92 32.48
C GLN D 241 -14.33 -10.26 31.79
N LYS D 242 -15.44 -9.94 32.45
CA LYS D 242 -16.77 -10.24 31.96
C LYS D 242 -17.45 -8.98 31.45
N TYR D 243 -18.33 -9.17 30.47
CA TYR D 243 -19.01 -8.07 29.81
C TYR D 243 -20.49 -8.41 29.64
N SER D 244 -21.30 -7.36 29.60
CA SER D 244 -22.73 -7.50 29.33
C SER D 244 -22.96 -7.57 27.82
N HIS D 245 -24.16 -8.03 27.45
CA HIS D 245 -24.53 -8.10 26.04
C HIS D 245 -24.63 -6.71 25.43
N GLU D 246 -24.99 -5.72 26.24
CA GLU D 246 -25.06 -4.35 25.74
C GLU D 246 -23.67 -3.82 25.39
N GLU D 247 -22.66 -4.18 26.18
CA GLU D 247 -21.28 -3.81 25.86
C GLU D 247 -20.80 -4.52 24.60
N ILE D 248 -21.09 -5.82 24.47
CA ILE D 248 -20.76 -6.52 23.24
C ILE D 248 -21.45 -5.86 22.06
N ALA D 249 -22.72 -5.50 22.22
CA ALA D 249 -23.44 -4.85 21.12
C ALA D 249 -22.81 -3.51 20.77
N MET D 250 -22.48 -2.70 21.78
CA MET D 250 -21.93 -1.37 21.53
C MET D 250 -20.58 -1.45 20.83
N ALA D 251 -19.71 -2.36 21.28
CA ALA D 251 -18.41 -2.51 20.62
C ALA D 251 -18.58 -3.02 19.19
N THR D 252 -19.51 -3.96 18.98
CA THR D 252 -19.75 -4.47 17.63
C THR D 252 -20.27 -3.38 16.71
N VAL D 253 -21.29 -2.65 17.14
CA VAL D 253 -21.91 -1.66 16.27
C VAL D 253 -20.95 -0.50 16.02
N THR D 254 -20.16 -0.13 17.04
CA THR D 254 -19.19 0.93 16.87
C THR D 254 -18.11 0.55 15.85
N ALA D 255 -17.57 -0.67 15.96
CA ALA D 255 -16.57 -1.11 14.99
C ALA D 255 -17.13 -1.08 13.57
N LEU D 256 -18.36 -1.56 13.38
CA LEU D 256 -18.96 -1.54 12.05
C LEU D 256 -19.19 -0.11 11.56
N ARG D 257 -19.67 0.76 12.45
CA ARG D 257 -19.91 2.16 12.08
C ARG D 257 -18.63 2.87 11.64
N ARG D 258 -17.48 2.42 12.15
CA ARG D 258 -16.23 3.07 11.82
C ARG D 258 -15.58 2.54 10.54
N THR D 259 -16.13 1.48 9.92
CA THR D 259 -15.45 0.86 8.79
C THR D 259 -16.35 0.44 7.64
N VAL D 260 -17.63 0.14 7.84
CA VAL D 260 -18.46 -0.48 6.80
C VAL D 260 -19.24 0.63 6.10
N PRO D 261 -19.00 0.89 4.82
CA PRO D 261 -19.74 1.96 4.14
C PRO D 261 -21.23 1.67 4.15
N PRO D 262 -22.07 2.70 4.26
CA PRO D 262 -23.53 2.48 4.25
C PRO D 262 -24.04 1.75 3.02
N ALA D 263 -23.31 1.79 1.91
CA ALA D 263 -23.74 1.10 0.69
C ALA D 263 -23.79 -0.41 0.85
N VAL D 264 -23.09 -0.98 1.84
CA VAL D 264 -23.17 -2.42 2.05
C VAL D 264 -24.59 -2.78 2.43
N THR D 265 -25.14 -3.80 1.78
CA THR D 265 -26.56 -4.07 1.95
C THR D 265 -26.89 -4.70 3.29
N GLY D 266 -26.01 -5.57 3.82
CA GLY D 266 -26.31 -6.19 5.10
C GLY D 266 -25.10 -6.84 5.73
N VAL D 267 -25.20 -7.03 7.03
CA VAL D 267 -24.17 -7.70 7.83
C VAL D 267 -24.82 -8.94 8.44
N THR D 268 -24.22 -10.09 8.18
CA THR D 268 -24.77 -11.39 8.60
C THR D 268 -23.74 -12.02 9.52
N PHE D 269 -23.92 -11.86 10.83
CA PHE D 269 -22.90 -12.27 11.79
C PHE D 269 -22.74 -13.79 11.82
N LEU D 270 -21.50 -14.23 11.96
CA LEU D 270 -21.21 -15.62 12.28
C LEU D 270 -21.39 -15.84 13.78
N SER D 271 -21.82 -17.04 14.15
CA SER D 271 -22.00 -17.33 15.57
C SER D 271 -20.72 -17.80 16.23
N GLY D 272 -19.78 -18.35 15.47
CA GLY D 272 -18.51 -18.76 16.06
C GLY D 272 -18.73 -19.84 17.09
N GLY D 273 -18.18 -19.64 18.27
CA GLY D 273 -18.34 -20.59 19.36
C GLY D 273 -19.47 -20.28 20.32
N GLN D 274 -20.38 -19.38 19.97
CA GLN D 274 -21.42 -18.98 20.90
C GLN D 274 -22.51 -20.05 20.99
N SER D 275 -23.15 -20.12 22.15
CA SER D 275 -24.30 -20.99 22.31
C SER D 275 -25.48 -20.45 21.50
N GLU D 276 -26.49 -21.30 21.34
CA GLU D 276 -27.68 -20.89 20.57
C GLU D 276 -28.32 -19.66 21.17
N GLU D 277 -28.47 -19.64 22.50
CA GLU D 277 -29.12 -18.51 23.17
C GLU D 277 -28.21 -17.29 23.18
N GLU D 278 -26.93 -17.48 23.48
CA GLU D 278 -25.98 -16.37 23.47
C GLU D 278 -25.95 -15.66 22.12
N ALA D 279 -26.00 -16.42 21.03
CA ALA D 279 -25.96 -15.81 19.70
C ALA D 279 -27.22 -14.99 19.44
N SER D 280 -28.38 -15.48 19.91
CA SER D 280 -29.63 -14.74 19.75
C SER D 280 -29.66 -13.50 20.62
N ILE D 281 -29.23 -13.62 21.89
CA ILE D 281 -29.25 -12.48 22.80
C ILE D 281 -28.33 -11.38 22.30
N ASN D 282 -27.13 -11.75 21.83
CA ASN D 282 -26.20 -10.74 21.34
C ASN D 282 -26.74 -10.07 20.07
N LEU D 283 -27.26 -10.85 19.14
CA LEU D 283 -27.81 -10.27 17.92
C LEU D 283 -28.96 -9.33 18.25
N ASN D 284 -29.81 -9.73 19.20
CA ASN D 284 -30.90 -8.85 19.62
C ASN D 284 -30.36 -7.56 20.22
N ALA D 285 -29.35 -7.67 21.09
CA ALA D 285 -28.75 -6.47 21.67
C ALA D 285 -28.12 -5.58 20.60
N ILE D 286 -27.50 -6.18 19.59
CA ILE D 286 -26.95 -5.41 18.48
C ILE D 286 -28.03 -4.58 17.81
N ASN D 287 -29.20 -5.19 17.56
CA ASN D 287 -30.26 -4.48 16.87
C ASN D 287 -30.97 -3.45 17.74
N LYS D 288 -30.87 -3.58 19.06
CA LYS D 288 -31.39 -2.57 19.98
C LYS D 288 -30.40 -1.46 20.28
N CYS D 289 -29.15 -1.59 19.84
CA CYS D 289 -28.13 -0.59 20.14
C CYS D 289 -28.56 0.76 19.59
N PRO D 290 -28.57 1.82 20.40
CA PRO D 290 -29.23 3.08 19.99
C PRO D 290 -28.48 3.88 18.93
N LEU D 291 -27.38 3.38 18.40
CA LEU D 291 -26.64 4.11 17.37
C LEU D 291 -27.26 3.90 15.99
N LEU D 292 -26.91 4.79 15.07
CA LEU D 292 -27.37 4.68 13.69
C LEU D 292 -26.71 3.50 13.00
N LYS D 293 -27.51 2.64 12.39
CA LYS D 293 -27.03 1.39 11.78
C LYS D 293 -27.60 1.32 10.37
N PRO D 294 -26.86 1.77 9.35
CA PRO D 294 -27.46 1.90 8.01
C PRO D 294 -27.44 0.62 7.18
N TRP D 295 -27.28 -0.54 7.81
CA TRP D 295 -27.34 -1.80 7.11
C TRP D 295 -28.16 -2.79 7.93
N ALA D 296 -28.75 -3.76 7.26
CA ALA D 296 -29.37 -4.88 7.96
C ALA D 296 -28.33 -5.57 8.83
N LEU D 297 -28.75 -5.92 10.05
CA LEU D 297 -27.89 -6.59 11.03
C LEU D 297 -28.59 -7.90 11.40
N THR D 298 -28.13 -9.01 10.85
CA THR D 298 -28.84 -10.27 11.01
C THR D 298 -27.82 -11.38 11.19
N PHE D 299 -28.28 -12.62 11.02
CA PHE D 299 -27.51 -13.81 11.34
C PHE D 299 -27.16 -14.60 10.09
N SER D 300 -25.98 -15.22 10.14
CA SER D 300 -25.60 -16.32 9.24
C SER D 300 -25.00 -17.39 10.16
N TYR D 301 -25.86 -18.21 10.74
CA TYR D 301 -25.48 -19.09 11.84
C TYR D 301 -25.43 -20.55 11.39
N GLY D 302 -24.38 -21.24 11.85
CA GLY D 302 -24.26 -22.67 11.72
C GLY D 302 -24.70 -23.34 13.00
N ARG D 303 -23.78 -23.50 13.93
CA ARG D 303 -24.08 -24.17 15.17
C ARG D 303 -25.19 -23.52 15.96
N ALA D 304 -25.27 -22.22 15.92
CA ALA D 304 -26.29 -21.51 16.67
C ALA D 304 -27.70 -21.77 16.12
N LEU D 305 -27.81 -22.28 14.90
CA LEU D 305 -29.10 -22.76 14.41
C LEU D 305 -29.23 -24.29 14.48
N GLN D 306 -28.12 -25.02 14.57
CA GLN D 306 -28.13 -26.46 14.37
C GLN D 306 -27.85 -27.29 15.61
N ALA D 307 -27.23 -26.71 16.64
CA ALA D 307 -26.77 -27.49 17.79
C ALA D 307 -27.88 -28.38 18.33
N SER D 308 -29.02 -27.78 18.71
CA SER D 308 -30.08 -28.56 19.36
C SER D 308 -30.74 -29.51 18.39
N ALA D 309 -30.83 -29.14 17.11
CA ALA D 309 -31.40 -30.05 16.13
C ALA D 309 -30.52 -31.28 15.95
N LEU D 310 -29.21 -31.08 15.98
CA LEU D 310 -28.30 -32.20 15.79
C LEU D 310 -28.43 -33.21 16.93
N LYS D 311 -28.54 -32.72 18.16
CA LYS D 311 -28.62 -33.63 19.30
C LYS D 311 -29.95 -34.35 19.34
N ALA D 312 -31.06 -33.60 19.17
CA ALA D 312 -32.37 -34.24 19.16
C ALA D 312 -32.47 -35.32 18.09
N TRP D 313 -31.78 -35.14 16.97
CA TRP D 313 -31.76 -36.15 15.91
C TRP D 313 -30.99 -37.40 16.35
N GLY D 314 -29.71 -37.24 16.67
CA GLY D 314 -28.91 -38.38 17.09
C GLY D 314 -28.72 -39.43 16.03
N GLY D 315 -28.98 -39.11 14.75
CA GLY D 315 -28.88 -40.08 13.69
C GLY D 315 -30.06 -41.01 13.55
N LYS D 316 -31.15 -40.75 14.26
CA LYS D 316 -32.28 -41.66 14.34
C LYS D 316 -33.45 -41.09 13.55
N LYS D 317 -33.92 -41.85 12.56
CA LYS D 317 -34.99 -41.36 11.69
C LYS D 317 -36.23 -40.96 12.48
N GLU D 318 -36.56 -41.69 13.55
CA GLU D 318 -37.76 -41.38 14.30
C GLU D 318 -37.69 -40.05 15.03
N ASN D 319 -36.50 -39.45 15.14
CA ASN D 319 -36.36 -38.16 15.80
C ASN D 319 -36.42 -37.00 14.82
N LEU D 320 -36.87 -37.24 13.58
CA LEU D 320 -36.94 -36.17 12.59
C LEU D 320 -37.75 -34.99 13.12
N LYS D 321 -39.00 -35.25 13.51
CA LYS D 321 -39.87 -34.16 13.92
C LYS D 321 -39.32 -33.44 15.14
N ALA D 322 -38.80 -34.19 16.11
CA ALA D 322 -38.22 -33.57 17.31
C ALA D 322 -37.04 -32.68 16.94
N ALA D 323 -36.18 -33.15 16.04
CA ALA D 323 -35.03 -32.35 15.65
C ALA D 323 -35.47 -31.10 14.90
N GLN D 324 -36.38 -31.25 13.94
CA GLN D 324 -36.82 -30.09 13.18
C GLN D 324 -37.42 -29.03 14.08
N GLU D 325 -38.08 -29.44 15.17
CA GLU D 325 -38.68 -28.47 16.08
C GLU D 325 -37.62 -27.60 16.74
N GLU D 326 -36.46 -28.19 17.08
CA GLU D 326 -35.39 -27.41 17.69
C GLU D 326 -34.84 -26.37 16.72
N TYR D 327 -34.63 -26.76 15.46
CA TYR D 327 -34.18 -25.80 14.46
C TYR D 327 -35.20 -24.69 14.28
N VAL D 328 -36.48 -25.05 14.15
CA VAL D 328 -37.52 -24.04 13.99
C VAL D 328 -37.51 -23.07 15.15
N LYS D 329 -37.34 -23.59 16.38
CA LYS D 329 -37.33 -22.72 17.55
C LYS D 329 -36.18 -21.72 17.48
N ARG D 330 -35.02 -22.13 16.95
CA ARG D 330 -33.91 -21.17 16.84
C ARG D 330 -34.08 -20.24 15.66
N ALA D 331 -34.69 -20.71 14.57
CA ALA D 331 -34.95 -19.83 13.44
C ALA D 331 -35.91 -18.71 13.84
N LEU D 332 -36.96 -19.06 14.60
CA LEU D 332 -37.91 -18.04 15.05
C LEU D 332 -37.25 -17.07 16.03
N ALA D 333 -36.43 -17.60 16.95
CA ALA D 333 -35.72 -16.74 17.90
C ALA D 333 -34.85 -15.71 17.18
N ASN D 334 -34.04 -16.16 16.22
CA ASN D 334 -33.10 -15.24 15.59
C ASN D 334 -33.82 -14.30 14.61
N SER D 335 -34.94 -14.72 14.04
CA SER D 335 -35.76 -13.79 13.26
C SER D 335 -36.23 -12.63 14.13
N LEU D 336 -36.64 -12.91 15.36
CA LEU D 336 -36.97 -11.85 16.30
C LEU D 336 -35.73 -11.06 16.70
N ALA D 337 -34.61 -11.75 16.92
CA ALA D 337 -33.39 -11.06 17.33
C ALA D 337 -32.95 -10.03 16.30
N CYS D 338 -32.99 -10.40 15.02
CA CYS D 338 -32.57 -9.46 13.99
C CYS D 338 -33.57 -8.32 13.77
N GLN D 339 -34.64 -8.28 14.56
CA GLN D 339 -35.54 -7.14 14.61
C GLN D 339 -35.50 -6.43 15.95
N GLY D 340 -34.64 -6.87 16.88
CA GLY D 340 -34.63 -6.31 18.22
C GLY D 340 -35.85 -6.65 19.04
N LYS D 341 -36.51 -7.76 18.73
CA LYS D 341 -37.77 -8.13 19.37
C LYS D 341 -37.67 -9.46 20.11
N TYR D 342 -36.48 -9.91 20.45
CA TYR D 342 -36.29 -11.21 21.06
C TYR D 342 -36.18 -11.09 22.58
N THR D 343 -36.95 -11.91 23.29
CA THR D 343 -36.83 -12.06 24.72
C THR D 343 -36.76 -13.55 25.04
N PRO D 344 -35.75 -14.02 25.76
CA PRO D 344 -35.68 -15.45 26.11
C PRO D 344 -36.91 -15.95 26.85
N ASN D 360 -20.87 5.02 22.40
CA ASN D 360 -20.36 5.71 23.59
C ASN D 360 -18.89 6.07 23.36
N HIS D 361 -18.41 7.09 24.08
CA HIS D 361 -17.04 7.57 23.91
C HIS D 361 -16.01 6.67 24.57
N ALA D 362 -16.43 5.74 25.42
CA ALA D 362 -15.52 4.74 25.97
C ALA D 362 -15.13 3.67 24.95
N TYR D 363 -15.73 3.68 23.76
CA TYR D 363 -15.43 2.71 22.73
C TYR D 363 -14.60 3.37 21.64
O1 N26 E . -7.64 28.98 1.01
O1 N26 E . -7.63 29.08 1.00
C2 N26 E . -8.88 28.83 0.44
C2 N26 E . -8.86 28.86 0.45
C3 N26 E . -10.01 29.30 1.07
C3 N26 E . -9.98 29.32 1.11
C4 N26 E . -11.27 29.13 0.51
C4 N26 E . -11.25 29.09 0.60
C5 N26 E . -11.40 28.47 -0.70
C5 N26 E . -11.41 28.39 -0.58
C6 N26 E . -10.27 27.98 -1.33
C6 N26 E . -10.29 27.92 -1.25
C7 N26 E . -9.01 28.15 -0.77
C7 N26 E . -9.02 28.14 -0.74
C16 N26 E . -12.41 29.62 1.15
C16 N26 E . -12.36 29.57 1.27
C17 N26 E . -13.67 29.44 0.57
C17 N26 E . -13.64 29.35 0.78
C18 N26 E . -13.80 28.77 -0.63
C18 N26 E . -13.81 28.65 -0.41
C19 N26 E . -12.66 28.29 -1.27
C19 N26 E . -12.69 28.17 -1.08
P20 N26 E . -6.43 29.81 0.38
P20 N26 E . -6.40 29.85 0.35
O2 N26 E . -15.03 28.60 -1.22
O2 N26 E . -15.07 28.42 -0.88
P3 N26 E . -15.29 29.16 -2.72
P3 N26 E . -15.62 26.90 -0.81
O4 N26 E . -6.97 30.98 -0.40
O4 N26 E . -5.50 30.33 1.48
O5 N26 E . -5.54 30.32 1.50
O5 N26 E . -5.64 28.91 -0.57
O7 N26 E . -5.63 28.90 -0.55
O7 N26 E . -6.92 31.04 -0.42
O8 N26 E . -16.70 28.86 -3.19
O8 N26 E . -17.13 26.88 -0.72
O9 N26 E . -15.04 30.68 -2.76
O9 N26 E . -15.13 26.20 -2.08
O10 N26 E . -14.36 28.49 -3.72
O10 N26 E . -15.06 26.20 0.41
H3 N26 E . -9.92 29.82 2.02
H3 N26 E . -9.87 29.87 2.04
H6 N26 E . -10.36 27.46 -2.28
H6 N26 E . -10.40 27.35 -2.16
H7 N26 E . -8.14 27.77 -1.27
H7 N26 E . -8.15 27.76 -1.26
H16 N26 E . -12.32 30.13 2.09
H16 N26 E . -12.23 30.13 2.20
H17 N26 E . -14.54 29.81 1.08
H17 N26 E . -14.50 29.73 1.31
H19 N26 E . -12.75 27.78 -2.21
H19 N26 E . -12.82 27.61 -2.00
C1 GOL F . 3.99 13.10 5.24
C1 GOL F . 3.82 13.66 4.12
O1 GOL F . 4.29 11.70 5.25
O1 GOL F . 2.91 12.94 3.30
C2 GOL F . 3.86 13.59 3.79
C2 GOL F . 3.82 13.07 5.53
O2 GOL F . 2.73 12.96 3.18
O2 GOL F . 4.30 11.73 5.50
C3 GOL F . 3.68 15.10 3.77
C3 GOL F . 4.69 13.92 6.44
O3 GOL F . 3.67 15.57 2.43
O3 GOL F . 4.59 13.44 7.79
H11 GOL F . 3.07 13.29 5.78
H11 GOL F . 4.82 13.60 3.70
H12 GOL F . 4.80 13.64 5.73
H12 GOL F . 3.54 14.71 4.17
HO1 GOL F . 4.37 11.40 6.16
HO1 GOL F . 2.91 13.31 2.41
H2 GOL F . 4.78 13.33 3.25
H2 GOL F . 2.79 13.09 5.92
HO2 GOL F . 1.92 13.20 3.66
HO2 GOL F . 5.20 11.72 5.16
H31 GOL F . 2.75 15.37 4.27
H31 GOL F . 5.73 13.87 6.11
H32 GOL F . 4.50 15.58 4.33
H32 GOL F . 4.37 14.96 6.41
HO3 GOL F . 3.57 16.53 2.42
HO3 GOL F . 5.15 13.97 8.37
O1 N26 G . 20.76 16.24 14.51
O1 N26 G . 20.72 16.20 14.45
C2 N26 G . 21.62 15.20 14.66
C2 N26 G . 21.61 15.18 14.63
C3 N26 G . 22.91 15.31 14.16
C3 N26 G . 22.91 15.29 14.15
C4 N26 G . 23.80 14.25 14.27
C4 N26 G . 23.82 14.25 14.35
C5 N26 G . 23.40 13.09 14.90
C5 N26 G . 23.41 13.10 15.02
C6 N26 G . 22.13 12.97 15.40
C6 N26 G . 22.11 13.00 15.50
C7 N26 G . 21.23 14.02 15.28
C7 N26 G . 21.22 14.04 15.31
C16 N26 G . 25.08 14.37 13.77
C16 N26 G . 25.12 14.34 13.87
C17 N26 G . 25.98 13.32 13.88
C17 N26 G . 26.00 13.29 14.07
C18 N26 G . 25.59 12.15 14.52
C18 N26 G . 25.60 12.14 14.75
C19 N26 G . 24.30 12.02 15.01
C19 N26 G . 24.30 12.06 15.22
P20 N26 G . 20.01 16.94 15.72
P20 N26 G . 20.00 16.93 15.68
O2 N26 G . 26.46 11.09 14.60
O2 N26 G . 26.48 11.10 14.95
P3 N26 G . 26.21 9.89 13.55
P3 N26 G . 26.75 10.48 16.44
O4 N26 G . 19.64 18.36 15.32
O4 N26 G . 19.65 18.35 15.27
O5 N26 G . 20.93 16.94 16.93
O5 N26 G . 20.94 16.91 16.86
O7 N26 G . 18.75 16.16 16.03
O7 N26 G . 18.74 16.17 16.01
O8 N26 G . 25.21 8.90 14.15
O8 N26 G . 27.51 11.49 17.28
O9 N26 G . 25.66 10.45 12.26
O9 N26 G . 25.44 10.14 17.15
O10 N26 G . 27.51 9.13 13.24
O10 N26 G . 27.54 9.18 16.34
H3 N26 G . 23.22 16.22 13.66
H3 N26 G . 23.22 16.18 13.63
H6 N26 G . 21.81 12.05 15.88
H6 N26 G . 21.81 12.11 16.02
H7 N26 G . 20.22 13.93 15.67
H7 N26 G . 20.21 13.95 15.68
H16 N26 G . 25.38 15.29 13.28
H16 N26 G . 25.43 15.23 13.35
H17 N26 G . 26.98 13.42 13.48
H17 N26 G . 27.02 13.37 13.70
H19 N26 G . 24.00 11.11 15.49
H19 N26 G . 23.97 11.17 15.74
O1 N26 H . 2.99 -20.64 -21.42
O1 N26 H . 2.98 -20.68 -21.44
C2 N26 H . 3.98 -19.97 -22.11
C2 N26 H . 3.96 -20.00 -22.10
C3 N26 H . 5.20 -20.57 -22.35
C3 N26 H . 5.18 -20.61 -22.33
C4 N26 H . 6.20 -19.88 -23.04
C4 N26 H . 6.20 -19.92 -22.99
C5 N26 H . 5.95 -18.60 -23.51
C5 N26 H . 5.98 -18.61 -23.41
C6 N26 H . 4.72 -18.00 -23.27
C6 N26 H . 4.76 -18.00 -23.17
C7 N26 H . 3.74 -18.69 -22.57
C7 N26 H . 3.75 -18.69 -22.52
C16 N26 H . 7.42 -20.47 -23.29
C16 N26 H . 7.42 -20.53 -23.22
C17 N26 H . 8.41 -19.79 -23.98
C17 N26 H . 8.42 -19.84 -23.87
C18 N26 H . 8.17 -18.49 -24.45
C18 N26 H . 8.23 -18.53 -24.30
C19 N26 H . 6.94 -17.90 -24.20
C19 N26 H . 7.00 -17.92 -24.05
P20 N26 H . 1.57 -20.99 -22.06
P20 N26 H . 1.55 -20.99 -22.08
O2 N26 H . 9.15 -17.81 -25.14
O2 N26 H . 9.24 -17.84 -24.93
P3 N26 H . 8.87 -17.22 -26.63
P3 N26 H . 9.96 -16.65 -24.13
O4 N26 H . 1.74 -20.86 -23.57
O4 N26 H . 1.71 -20.86 -23.59
O5 N26 H . 0.54 -20.00 -21.54
O5 N26 H . 0.54 -19.99 -21.56
O7 N26 H . 1.16 -22.39 -21.67
O7 N26 H . 1.11 -22.39 -21.69
O8 N26 H . 8.26 -18.28 -27.54
O8 N26 H . 11.38 -16.42 -24.62
O9 N26 H . 10.19 -16.76 -27.24
O9 N26 H . 10.03 -17.02 -22.65
O10 N26 H . 7.93 -16.02 -26.55
O10 N26 H . 9.11 -15.39 -24.32
H3 N26 H . 5.40 -21.57 -21.99
H3 N26 H . 5.34 -21.63 -22.01
H6 N26 H . 4.53 -17.00 -23.62
H6 N26 H . 4.60 -16.98 -23.49
H7 N26 H . 2.78 -18.21 -22.39
H7 N26 H . 2.81 -18.21 -22.33
H16 N26 H . 7.62 -21.48 -22.93
H16 N26 H . 7.58 -21.55 -22.90
H17 N26 H . 9.36 -20.26 -24.17
H17 N26 H . 9.37 -20.32 -24.05
H19 N26 H . 6.74 -16.90 -24.56
H19 N26 H . 6.84 -16.90 -24.38
C1 GOL I . -4.17 -12.99 -5.09
C1 GOL I . -3.97 -13.60 -3.92
O1 GOL I . -3.19 -12.04 -5.34
O1 GOL I . -4.03 -12.71 -2.85
C2 GOL I . -3.73 -13.57 -3.76
C2 GOL I . -4.29 -12.88 -5.21
O2 GOL I . -4.12 -12.67 -2.78
O2 GOL I . -3.23 -11.99 -5.36
C3 GOL I . -4.20 -15.00 -3.45
C3 GOL I . -4.50 -13.91 -6.34
O3 GOL I . -3.44 -15.70 -2.42
O3 GOL I . -5.29 -13.45 -7.44
H11 GOL I . -5.14 -12.51 -5.02
H11 GOL I . -2.96 -14.00 -3.98
H12 GOL I . -4.21 -13.74 -5.87
H12 GOL I . -4.65 -14.44 -3.76
HO1 GOL I . -3.58 -11.28 -5.77
HO1 GOL I . -4.93 -12.43 -2.71
H2 GOL I . -2.64 -13.61 -3.78
H2 GOL I . -5.22 -12.32 -5.08
HO2 GOL I . -5.04 -12.45 -2.88
HO2 GOL I . -2.38 -12.43 -5.35
H31 GOL I . -5.24 -14.96 -3.14
H31 GOL I . -3.54 -14.23 -6.70
H32 GOL I . -4.17 -15.59 -4.37
H32 GOL I . -4.99 -14.78 -5.91
HO3 GOL I . -3.92 -15.67 -1.58
HO3 GOL I . -5.41 -14.15 -8.07
O1 N26 J . -20.79 -21.57 11.84
O1 N26 J . -20.95 -21.51 11.69
C2 N26 J . -20.19 -22.12 10.74
C2 N26 J . -20.30 -22.09 10.63
C3 N26 J . -18.81 -22.22 10.66
C3 N26 J . -18.91 -22.17 10.59
C4 N26 J . -18.20 -22.78 9.56
C4 N26 J . -18.27 -22.75 9.51
C5 N26 J . -18.96 -23.25 8.51
C5 N26 J . -19.00 -23.24 8.45
C6 N26 J . -20.35 -23.17 8.58
C6 N26 J . -20.38 -23.18 8.48
C7 N26 J . -20.96 -22.61 9.69
C7 N26 J . -21.03 -22.60 9.56
C16 N26 J . -16.82 -22.86 9.49
C16 N26 J . -16.89 -22.83 9.48
C17 N26 J . -16.21 -23.42 8.38
C17 N26 J . -16.25 -23.40 8.39
C18 N26 J . -16.97 -23.90 7.32
C18 N26 J . -16.98 -23.91 7.33
C19 N26 J . -18.35 -23.81 7.39
C19 N26 J . -18.36 -23.83 7.37
P20 N26 J . -20.74 -22.32 13.28
P20 N26 J . -20.85 -19.92 11.86
O2 N26 J . -16.37 -24.45 6.22
O2 N26 J . -16.37 -24.47 6.25
P3 N26 J . -15.40 -25.72 6.36
P3 N26 J . -15.40 -25.73 6.37
O4 N26 J . -19.51 -21.88 14.07
O4 N26 J . -20.68 -19.30 10.47
O5 N26 J . -22.00 -21.98 14.06
O5 N26 J . -22.09 -19.32 12.49
O7 N26 J . -20.65 -23.83 13.09
O7 N26 J . -19.63 -19.64 12.74
O8 N26 J . -15.58 -26.63 5.17
O8 N26 J . -15.74 -26.47 7.66
O9 N26 J . -15.75 -26.45 7.64
O9 N26 J . -13.96 -25.24 6.43
O10 N26 J . -13.96 -25.24 6.42
O10 N26 J . -15.58 -26.63 5.17
H3 N26 J . -18.20 -21.85 11.48
H3 N26 J . -18.34 -21.78 11.42
H6 N26 J . -20.95 -23.54 7.76
H6 N26 J . -20.96 -23.57 7.65
H7 N26 J . -22.03 -22.54 9.74
H7 N26 J . -22.11 -22.54 9.58
H16 N26 J . -16.22 -22.49 10.31
H16 N26 J . -16.30 -22.43 10.31
H17 N26 J . -15.13 -23.49 8.33
H17 N26 J . -15.16 -23.47 8.37
H19 N26 J . -18.96 -24.19 6.57
H19 N26 J . -18.94 -24.22 6.54
#